data_1SKL
# 
_entry.id   1SKL 
# 
_audit_conform.dict_name       mmcif_pdbx.dic 
_audit_conform.dict_version    5.403 
_audit_conform.dict_location   http://mmcif.pdb.org/dictionaries/ascii/mmcif_pdbx.dic 
# 
loop_
_database_2.database_id 
_database_2.database_code 
_database_2.pdbx_database_accession 
_database_2.pdbx_DOI 
PDB   1SKL         pdb_00001skl 10.2210/pdb1skl/pdb 
RCSB  RCSB021792   ?            ?                   
WWPDB D_1000021792 ?            ?                   
# 
loop_
_pdbx_audit_revision_history.ordinal 
_pdbx_audit_revision_history.data_content_type 
_pdbx_audit_revision_history.major_revision 
_pdbx_audit_revision_history.minor_revision 
_pdbx_audit_revision_history.revision_date 
_pdbx_audit_revision_history.part_number 
1 'Structure model' 1 0 2005-03-15 ? 
2 'Structure model' 1 1 2008-04-29 ? 
3 'Structure model' 1 2 2011-07-13 ? 
4 'Structure model' 1 3 2011-08-03 ? 
5 'Structure model' 1 4 2012-12-12 ? 
6 'Structure model' 1 5 2025-03-26 ? 
# 
_pdbx_audit_revision_details.ordinal             1 
_pdbx_audit_revision_details.revision_ordinal    1 
_pdbx_audit_revision_details.data_content_type   'Structure model' 
_pdbx_audit_revision_details.provider            repository 
_pdbx_audit_revision_details.type                'Initial release' 
_pdbx_audit_revision_details.description         ? 
_pdbx_audit_revision_details.details             ? 
# 
loop_
_pdbx_audit_revision_group.ordinal 
_pdbx_audit_revision_group.revision_ordinal 
_pdbx_audit_revision_group.data_content_type 
_pdbx_audit_revision_group.group 
1 2 'Structure model' 'Version format compliance' 
2 3 'Structure model' 'Version format compliance' 
3 4 'Structure model' 'Non-polymer description'   
4 5 'Structure model' Other                       
5 6 'Structure model' 'Data collection'           
6 6 'Structure model' 'Database references'       
7 6 'Structure model' 'Derived calculations'      
8 6 'Structure model' 'Structure summary'         
# 
loop_
_pdbx_audit_revision_category.ordinal 
_pdbx_audit_revision_category.revision_ordinal 
_pdbx_audit_revision_category.data_content_type 
_pdbx_audit_revision_category.category 
1 6 'Structure model' chem_comp_atom            
2 6 'Structure model' chem_comp_bond            
3 6 'Structure model' database_2                
4 6 'Structure model' pdbx_entry_details        
5 6 'Structure model' pdbx_modification_feature 
6 6 'Structure model' pdbx_nmr_software         
7 6 'Structure model' struct_conn               
# 
loop_
_pdbx_audit_revision_item.ordinal 
_pdbx_audit_revision_item.revision_ordinal 
_pdbx_audit_revision_item.data_content_type 
_pdbx_audit_revision_item.item 
1 6 'Structure model' '_database_2.pdbx_DOI'                
2 6 'Structure model' '_database_2.pdbx_database_accession' 
3 6 'Structure model' '_pdbx_nmr_software.name'             
4 6 'Structure model' '_struct_conn.pdbx_leaving_atom_flag' 
# 
_pdbx_database_status.entry_id                        1SKL 
_pdbx_database_status.status_code                     REL 
_pdbx_database_status.recvd_initial_deposition_date   2004-03-05 
_pdbx_database_status.deposit_site                    RCSB 
_pdbx_database_status.process_site                    RCSB 
_pdbx_database_status.status_code_sf                  ? 
_pdbx_database_status.status_code_mr                  REL 
_pdbx_database_status.SG_entry                        N 
_pdbx_database_status.status_code_cs                  ? 
_pdbx_database_status.pdb_format_compatible           Y 
_pdbx_database_status.status_code_nmr_data            ? 
_pdbx_database_status.methods_development_category    ? 
# 
loop_
_pdbx_database_related.db_name 
_pdbx_database_related.db_id 
_pdbx_database_related.details 
_pdbx_database_related.content_type 
PDB 1SKI . unspecified 
PDB 1SKK . unspecified 
# 
loop_
_audit_author.name 
_audit_author.pdbx_ordinal 
'Appelt, C.'      1 
'Soderhall, J.A.' 2 
'Bienert, M.'     3 
'Dathe, M.'       4 
'Schmieder, P.'   5 
# 
_citation.id                        primary 
_citation.title                     
'Structure of the antimicrobial, cationic hexapeptide cyclo(RRWWRF) and its analogues in solution and bound to detergent micelles.' 
_citation.journal_abbrev            Chembiochem 
_citation.journal_volume            6 
_citation.page_first                1654 
_citation.page_last                 1662 
_citation.year                      2005 
_citation.journal_id_ASTM           ? 
_citation.country                   GE 
_citation.journal_id_ISSN           1439-4227 
_citation.journal_id_CSD            ? 
_citation.book_publisher            ? 
_citation.pdbx_database_id_PubMed   16075425 
_citation.pdbx_database_id_DOI      10.1002/cbic.200500095 
# 
loop_
_citation_author.citation_id 
_citation_author.name 
_citation_author.ordinal 
_citation_author.identifier_ORCID 
primary 'Appelt, C.'      1 ? 
primary 'Wessolowski, A.' 2 ? 
primary 'Soderhall, J.A.' 3 ? 
primary 'Dathe, M.'       4 ? 
primary 'Schmieder, P.'   5 ? 
# 
_entity.id                         1 
_entity.type                       polymer 
_entity.src_method                 syn 
_entity.pdbx_description           'cyclic hexapeptide RR(NAL)(NAL)RF' 
_entity.formula_weight             1031.236 
_entity.pdbx_number_of_molecules   1 
_entity.pdbx_ec                    ? 
_entity.pdbx_mutation              ? 
_entity.pdbx_fragment              ? 
_entity.details                    'NAL = L-2-Naphtylalanine' 
# 
_entity_poly.entity_id                      1 
_entity_poly.type                           'polypeptide(L)' 
_entity_poly.nstd_linkage                   no 
_entity_poly.nstd_monomer                   yes 
_entity_poly.pdbx_seq_one_letter_code       'RR(NAL)(NAL)RF' 
_entity_poly.pdbx_seq_one_letter_code_can   RRAARF 
_entity_poly.pdbx_strand_id                 A 
_entity_poly.pdbx_target_identifier         ? 
# 
loop_
_entity_poly_seq.entity_id 
_entity_poly_seq.num 
_entity_poly_seq.mon_id 
_entity_poly_seq.hetero 
1 1 ARG n 
1 2 ARG n 
1 3 NAL n 
1 4 NAL n 
1 5 ARG n 
1 6 PHE n 
# 
_pdbx_entity_src_syn.entity_id              1 
_pdbx_entity_src_syn.pdbx_src_id            1 
_pdbx_entity_src_syn.pdbx_alt_source_flag   sample 
_pdbx_entity_src_syn.pdbx_beg_seq_num       ? 
_pdbx_entity_src_syn.pdbx_end_seq_num       ? 
_pdbx_entity_src_syn.organism_scientific    ? 
_pdbx_entity_src_syn.organism_common_name   ? 
_pdbx_entity_src_syn.ncbi_taxonomy_id       ? 
_pdbx_entity_src_syn.details                
;Synthesis of the linear peptide by the solid-phase method using standard Fmoc chemistry in continuous flow mode (MilliGen 9050 peptide synthesizer; Millipore, USA). Cyclization manually by applying HAPyU-chemistry. Purification by RP-HPLC (Shimadzu LC-10AD system), Characterization by matrix-assisted laser desorption mass spectrometry (MALDI II, Kratos, Manchester, UK).
;
# 
loop_
_chem_comp.id 
_chem_comp.type 
_chem_comp.mon_nstd_flag 
_chem_comp.name 
_chem_comp.pdbx_synonyms 
_chem_comp.formula 
_chem_comp.formula_weight 
ARG 'L-peptide linking' y ARGININE                    ? 'C6 H15 N4 O2 1' 175.209 
NAL 'L-peptide linking' n 'BETA-(2-NAPHTHYL)-ALANINE' ? 'C13 H13 N O2'   215.248 
PHE 'L-peptide linking' y PHENYLALANINE               ? 'C9 H11 N O2'    165.189 
# 
loop_
_pdbx_poly_seq_scheme.asym_id 
_pdbx_poly_seq_scheme.entity_id 
_pdbx_poly_seq_scheme.seq_id 
_pdbx_poly_seq_scheme.mon_id 
_pdbx_poly_seq_scheme.ndb_seq_num 
_pdbx_poly_seq_scheme.pdb_seq_num 
_pdbx_poly_seq_scheme.auth_seq_num 
_pdbx_poly_seq_scheme.pdb_mon_id 
_pdbx_poly_seq_scheme.auth_mon_id 
_pdbx_poly_seq_scheme.pdb_strand_id 
_pdbx_poly_seq_scheme.pdb_ins_code 
_pdbx_poly_seq_scheme.hetero 
A 1 1 ARG 1 1 1 ARG ARG A . n 
A 1 2 ARG 2 2 2 ARG ARG A . n 
A 1 3 NAL 3 3 3 NAL NAL A . n 
A 1 4 NAL 4 4 4 NAL NAL A . n 
A 1 5 ARG 5 5 5 ARG ARG A . n 
A 1 6 PHE 6 6 6 PHE PHE A . n 
# 
_exptl.entry_id          1SKL 
_exptl.method            'SOLUTION NMR' 
_exptl.crystals_number   ? 
# 
_struct.entry_id                  1SKL 
_struct.title                     'Structure of the antimicrobial hexapeptide cyc-(RRNalNalRF) bound to DPC micelles' 
_struct.pdbx_model_details        ? 
_struct.pdbx_CASP_flag            ? 
_struct.pdbx_model_type_details   ? 
# 
_struct_keywords.entry_id        1SKL 
_struct_keywords.pdbx_keywords   'ANTIMICROBIAL PROTEIN' 
_struct_keywords.text            'cyclic peptide; antimicrobial peptide, ANTIMICROBIAL PROTEIN' 
# 
_struct_asym.id                            A 
_struct_asym.pdbx_blank_PDB_chainid_flag   N 
_struct_asym.pdbx_modified                 N 
_struct_asym.entity_id                     1 
_struct_asym.details                       ? 
# 
_struct_ref.id                         1 
_struct_ref.db_name                    PDB 
_struct_ref.db_code                    1SKL 
_struct_ref.pdbx_db_accession          1SKL 
_struct_ref.entity_id                  1 
_struct_ref.pdbx_align_begin           ? 
_struct_ref.pdbx_seq_one_letter_code   'RR(NAL)(NAL)RF' 
_struct_ref.pdbx_db_isoform            ? 
# 
_struct_ref_seq.align_id                      1 
_struct_ref_seq.ref_id                        1 
_struct_ref_seq.pdbx_PDB_id_code              1SKL 
_struct_ref_seq.pdbx_strand_id                A 
_struct_ref_seq.seq_align_beg                 1 
_struct_ref_seq.pdbx_seq_align_beg_ins_code   ? 
_struct_ref_seq.seq_align_end                 6 
_struct_ref_seq.pdbx_seq_align_end_ins_code   ? 
_struct_ref_seq.pdbx_db_accession             1SKL 
_struct_ref_seq.db_align_beg                  1 
_struct_ref_seq.pdbx_db_align_beg_ins_code    ? 
_struct_ref_seq.db_align_end                  6 
_struct_ref_seq.pdbx_db_align_end_ins_code    ? 
_struct_ref_seq.pdbx_auth_seq_align_beg       1 
_struct_ref_seq.pdbx_auth_seq_align_end       6 
# 
_pdbx_struct_assembly.id                   1 
_pdbx_struct_assembly.details              author_defined_assembly 
_pdbx_struct_assembly.method_details       ? 
_pdbx_struct_assembly.oligomeric_details   monomeric 
_pdbx_struct_assembly.oligomeric_count     1 
# 
_pdbx_struct_assembly_gen.assembly_id       1 
_pdbx_struct_assembly_gen.oper_expression   1 
_pdbx_struct_assembly_gen.asym_id_list      A 
# 
_pdbx_struct_oper_list.id                   1 
_pdbx_struct_oper_list.type                 'identity operation' 
_pdbx_struct_oper_list.name                 1_555 
_pdbx_struct_oper_list.symmetry_operation   x,y,z 
_pdbx_struct_oper_list.matrix[1][1]         1.0000000000 
_pdbx_struct_oper_list.matrix[1][2]         0.0000000000 
_pdbx_struct_oper_list.matrix[1][3]         0.0000000000 
_pdbx_struct_oper_list.vector[1]            0.0000000000 
_pdbx_struct_oper_list.matrix[2][1]         0.0000000000 
_pdbx_struct_oper_list.matrix[2][2]         1.0000000000 
_pdbx_struct_oper_list.matrix[2][3]         0.0000000000 
_pdbx_struct_oper_list.vector[2]            0.0000000000 
_pdbx_struct_oper_list.matrix[3][1]         0.0000000000 
_pdbx_struct_oper_list.matrix[3][2]         0.0000000000 
_pdbx_struct_oper_list.matrix[3][3]         1.0000000000 
_pdbx_struct_oper_list.vector[3]            0.0000000000 
# 
_struct_biol.id        1 
_struct_biol.details   ? 
# 
loop_
_struct_conn.id 
_struct_conn.conn_type_id 
_struct_conn.pdbx_leaving_atom_flag 
_struct_conn.pdbx_PDB_id 
_struct_conn.ptnr1_label_asym_id 
_struct_conn.ptnr1_label_comp_id 
_struct_conn.ptnr1_label_seq_id 
_struct_conn.ptnr1_label_atom_id 
_struct_conn.pdbx_ptnr1_label_alt_id 
_struct_conn.pdbx_ptnr1_PDB_ins_code 
_struct_conn.pdbx_ptnr1_standard_comp_id 
_struct_conn.ptnr1_symmetry 
_struct_conn.ptnr2_label_asym_id 
_struct_conn.ptnr2_label_comp_id 
_struct_conn.ptnr2_label_seq_id 
_struct_conn.ptnr2_label_atom_id 
_struct_conn.pdbx_ptnr2_label_alt_id 
_struct_conn.pdbx_ptnr2_PDB_ins_code 
_struct_conn.ptnr1_auth_asym_id 
_struct_conn.ptnr1_auth_comp_id 
_struct_conn.ptnr1_auth_seq_id 
_struct_conn.ptnr2_auth_asym_id 
_struct_conn.ptnr2_auth_comp_id 
_struct_conn.ptnr2_auth_seq_id 
_struct_conn.ptnr2_symmetry 
_struct_conn.pdbx_ptnr3_label_atom_id 
_struct_conn.pdbx_ptnr3_label_seq_id 
_struct_conn.pdbx_ptnr3_label_comp_id 
_struct_conn.pdbx_ptnr3_label_asym_id 
_struct_conn.pdbx_ptnr3_label_alt_id 
_struct_conn.pdbx_ptnr3_PDB_ins_code 
_struct_conn.details 
_struct_conn.pdbx_dist_value 
_struct_conn.pdbx_value_order 
_struct_conn.pdbx_role 
covale1 covale both ? A ARG 1 N ? ? ? 1_555 A PHE 6 C ? ? A ARG 1 A PHE 6 1_555 ? ? ? ? ? ? ? 1.347 ? ? 
covale2 covale both ? A ARG 2 C ? ? ? 1_555 A NAL 3 N ? ? A ARG 2 A NAL 3 1_555 ? ? ? ? ? ? ? 1.345 ? ? 
covale3 covale both ? A NAL 3 C ? ? ? 1_555 A NAL 4 N ? ? A NAL 3 A NAL 4 1_555 ? ? ? ? ? ? ? 1.346 ? ? 
covale4 covale both ? A NAL 4 C ? ? ? 1_555 A ARG 5 N ? ? A NAL 4 A ARG 5 1_555 ? ? ? ? ? ? ? 1.348 ? ? 
# 
_struct_conn_type.id          covale 
_struct_conn_type.criteria    ? 
_struct_conn_type.reference   ? 
# 
loop_
_pdbx_modification_feature.ordinal 
_pdbx_modification_feature.label_comp_id 
_pdbx_modification_feature.label_asym_id 
_pdbx_modification_feature.label_seq_id 
_pdbx_modification_feature.label_alt_id 
_pdbx_modification_feature.modified_residue_label_comp_id 
_pdbx_modification_feature.modified_residue_label_asym_id 
_pdbx_modification_feature.modified_residue_label_seq_id 
_pdbx_modification_feature.modified_residue_label_alt_id 
_pdbx_modification_feature.auth_comp_id 
_pdbx_modification_feature.auth_asym_id 
_pdbx_modification_feature.auth_seq_id 
_pdbx_modification_feature.PDB_ins_code 
_pdbx_modification_feature.symmetry 
_pdbx_modification_feature.modified_residue_auth_comp_id 
_pdbx_modification_feature.modified_residue_auth_asym_id 
_pdbx_modification_feature.modified_residue_auth_seq_id 
_pdbx_modification_feature.modified_residue_PDB_ins_code 
_pdbx_modification_feature.modified_residue_symmetry 
_pdbx_modification_feature.comp_id_linking_atom 
_pdbx_modification_feature.modified_residue_id_linking_atom 
_pdbx_modification_feature.modified_residue_id 
_pdbx_modification_feature.ref_pcm_id 
_pdbx_modification_feature.ref_comp_id 
_pdbx_modification_feature.type 
_pdbx_modification_feature.category 
1 NAL A 3 ? .   . . . NAL A 3 ? 1_555 .   . . . .     . . ? 1 NAL None 'Non-standard residue' 
2 NAL A 4 ? .   . . . NAL A 4 ? 1_555 .   . . . .     . . ? 1 NAL None 'Non-standard residue' 
3 ARG A 1 ? PHE A 6 ? ARG A 1 ? 1_555 PHE A 6 ? 1_555 N C . . .   None 'Non-standard linkage' 
# 
_pdbx_entry_details.entry_id                   1SKL 
_pdbx_entry_details.compound_details           ? 
_pdbx_entry_details.source_details             ? 
_pdbx_entry_details.nonpolymer_details         ? 
_pdbx_entry_details.sequence_details           ? 
_pdbx_entry_details.has_ligand_of_interest     ? 
_pdbx_entry_details.has_protein_modification   Y 
# 
loop_
_pdbx_validate_torsion.id 
_pdbx_validate_torsion.PDB_model_num 
_pdbx_validate_torsion.auth_comp_id 
_pdbx_validate_torsion.auth_asym_id 
_pdbx_validate_torsion.auth_seq_id 
_pdbx_validate_torsion.PDB_ins_code 
_pdbx_validate_torsion.label_alt_id 
_pdbx_validate_torsion.phi 
_pdbx_validate_torsion.psi 
1  1  NAL A 3 ? ? -173.80 -13.90  
2  1  ARG A 5 ? ? 33.45   15.50   
3  2  ARG A 2 ? ? -134.00 -64.88  
4  2  NAL A 3 ? ? -175.05 -0.07   
5  2  NAL A 4 ? ? -144.57 -62.59  
6  2  ARG A 5 ? ? -144.19 -22.93  
7  3  NAL A 3 ? ? -178.03 14.73   
8  3  NAL A 4 ? ? -150.53 -153.38 
9  4  NAL A 3 ? ? -169.23 -2.19   
10 4  NAL A 4 ? ? -146.29 -57.90  
11 4  ARG A 5 ? ? -149.19 -19.22  
12 5  NAL A 3 ? ? -175.12 4.01    
13 5  NAL A 4 ? ? -152.50 -151.64 
14 6  NAL A 3 ? ? -174.12 3.05    
15 6  NAL A 4 ? ? -149.70 -140.43 
16 6  ARG A 5 ? ? -60.13  6.20    
17 7  NAL A 3 ? ? -168.54 10.04   
18 7  NAL A 4 ? ? -140.51 -57.68  
19 7  ARG A 5 ? ? -167.86 -25.97  
20 8  ARG A 2 ? ? -123.84 -65.61  
21 8  NAL A 3 ? ? -168.53 5.91    
22 8  NAL A 4 ? ? -146.52 -53.13  
23 8  ARG A 5 ? ? -164.99 -28.36  
24 9  NAL A 3 ? ? -177.34 4.83    
25 9  NAL A 4 ? ? -147.44 -140.75 
26 10 ARG A 2 ? ? -138.57 -57.14  
27 10 NAL A 3 ? ? -170.62 9.68    
28 10 NAL A 4 ? ? -147.20 -159.46 
# 
_pdbx_molecule_features.prd_id    PRD_000102 
_pdbx_molecule_features.name      'CYCLIC HEXAPEPTIDE RR(NAL)(NAL)RF' 
_pdbx_molecule_features.type      'Cyclic peptide' 
_pdbx_molecule_features.class     Antimicrobial 
_pdbx_molecule_features.details   ? 
# 
_pdbx_molecule.instance_id   1 
_pdbx_molecule.prd_id        PRD_000102 
_pdbx_molecule.asym_id       A 
# 
loop_
_pdbx_struct_mod_residue.id 
_pdbx_struct_mod_residue.label_asym_id 
_pdbx_struct_mod_residue.label_comp_id 
_pdbx_struct_mod_residue.label_seq_id 
_pdbx_struct_mod_residue.auth_asym_id 
_pdbx_struct_mod_residue.auth_comp_id 
_pdbx_struct_mod_residue.auth_seq_id 
_pdbx_struct_mod_residue.PDB_ins_code 
_pdbx_struct_mod_residue.parent_comp_id 
_pdbx_struct_mod_residue.details 
1 A NAL 3 A NAL 3 ? ALA 'BETA-(2-NAPHTHYL)-ALANINE' 
2 A NAL 4 A NAL 4 ? ALA 'BETA-(2-NAPHTHYL)-ALANINE' 
# 
_pdbx_nmr_ensemble.entry_id                                      1SKL 
_pdbx_nmr_ensemble.conformers_calculated_total_number            100 
_pdbx_nmr_ensemble.conformers_submitted_total_number             10 
_pdbx_nmr_ensemble.conformer_selection_criteria                  'structures with the lowest energy' 
_pdbx_nmr_ensemble.average_constraints_per_residue               ? 
_pdbx_nmr_ensemble.average_constraint_violations_per_residue     ? 
_pdbx_nmr_ensemble.maximum_distance_constraint_violation         ? 
_pdbx_nmr_ensemble.average_distance_constraint_violation         ? 
_pdbx_nmr_ensemble.maximum_upper_distance_constraint_violation   ? 
_pdbx_nmr_ensemble.maximum_lower_distance_constraint_violation   ? 
_pdbx_nmr_ensemble.distance_constraint_violation_method          ? 
_pdbx_nmr_ensemble.maximum_torsion_angle_constraint_violation    ? 
_pdbx_nmr_ensemble.average_torsion_angle_constraint_violation    ? 
_pdbx_nmr_ensemble.torsion_angle_constraint_violation_method     ? 
# 
_pdbx_nmr_representative.entry_id             1SKL 
_pdbx_nmr_representative.conformer_id         1 
_pdbx_nmr_representative.selection_criteria   'closest to the average' 
# 
_pdbx_nmr_sample_details.solution_id      1 
_pdbx_nmr_sample_details.contents         '2.5 mM c-RY, 50 mM D38 dodecyl phosphocholine' 
_pdbx_nmr_sample_details.solvent_system   '90% H2O/10% D2O' 
# 
_pdbx_nmr_exptl_sample_conditions.conditions_id       1 
_pdbx_nmr_exptl_sample_conditions.temperature         300 
_pdbx_nmr_exptl_sample_conditions.pressure            ambient 
_pdbx_nmr_exptl_sample_conditions.pH                  6.3 
_pdbx_nmr_exptl_sample_conditions.ionic_strength      ? 
_pdbx_nmr_exptl_sample_conditions.pressure_units      ? 
_pdbx_nmr_exptl_sample_conditions.temperature_units   K 
# 
loop_
_pdbx_nmr_exptl.experiment_id 
_pdbx_nmr_exptl.solution_id 
_pdbx_nmr_exptl.conditions_id 
_pdbx_nmr_exptl.type 
1 1 1 '2D NOESY' 
2 1 1 '2D TOCSY' 
3 1 1 DQF-COSY   
# 
_pdbx_nmr_refine.entry_id           1SKL 
_pdbx_nmr_refine.method             'simulated annealing' 
_pdbx_nmr_refine.details            
;103 distance restraints, 
2 dihedral restraints
;
_pdbx_nmr_refine.software_ordinal   1 
# 
loop_
_pdbx_nmr_software.name 
_pdbx_nmr_software.version 
_pdbx_nmr_software.classification 
_pdbx_nmr_software.authors 
_pdbx_nmr_software.ordinal 
XwinNMR 2.6 collection           Bruker                            1 
Sparky  3.1 'data analysis'      'Goddard, T.D. and Kneller, D.G.' 2 
Amber   6   'structure solution' 'Case, D.A. et al'                3 
Amber   6   refinement           'Case, D.A. et al'                4 
# 
loop_
_chem_comp_atom.comp_id 
_chem_comp_atom.atom_id 
_chem_comp_atom.type_symbol 
_chem_comp_atom.pdbx_aromatic_flag 
_chem_comp_atom.pdbx_stereo_config 
_chem_comp_atom.pdbx_ordinal 
ARG N    N N N 1  
ARG CA   C N S 2  
ARG C    C N N 3  
ARG O    O N N 4  
ARG CB   C N N 5  
ARG CG   C N N 6  
ARG CD   C N N 7  
ARG NE   N N N 8  
ARG CZ   C N N 9  
ARG NH1  N N N 10 
ARG NH2  N N N 11 
ARG OXT  O N N 12 
ARG H    H N N 13 
ARG H2   H N N 14 
ARG HA   H N N 15 
ARG HB2  H N N 16 
ARG HB3  H N N 17 
ARG HG2  H N N 18 
ARG HG3  H N N 19 
ARG HD2  H N N 20 
ARG HD3  H N N 21 
ARG HE   H N N 22 
ARG HH11 H N N 23 
ARG HH12 H N N 24 
ARG HH21 H N N 25 
ARG HH22 H N N 26 
ARG HXT  H N N 27 
NAL C1   C Y N 28 
NAL C2   C Y N 29 
NAL C3   C Y N 30 
NAL C4   C Y N 31 
NAL C4A  C Y N 32 
NAL C5   C Y N 33 
NAL C6   C Y N 34 
NAL C7   C Y N 35 
NAL C8   C Y N 36 
NAL C8A  C Y N 37 
NAL C9   C N N 38 
NAL CA   C N S 39 
NAL C    C N N 40 
NAL N    N N N 41 
NAL O    O N N 42 
NAL OXT  O N N 43 
NAL H1   H N N 44 
NAL H3   H N N 45 
NAL H4   H N N 46 
NAL H5   H N N 47 
NAL H6   H N N 48 
NAL H7   H N N 49 
NAL H8   H N N 50 
NAL H91  H N N 51 
NAL H92  H N N 52 
NAL HA   H N N 53 
NAL H    H N N 54 
NAL H2   H N N 55 
NAL HXT  H N N 56 
PHE N    N N N 57 
PHE CA   C N S 58 
PHE C    C N N 59 
PHE O    O N N 60 
PHE CB   C N N 61 
PHE CG   C Y N 62 
PHE CD1  C Y N 63 
PHE CD2  C Y N 64 
PHE CE1  C Y N 65 
PHE CE2  C Y N 66 
PHE CZ   C Y N 67 
PHE OXT  O N N 68 
PHE H    H N N 69 
PHE H2   H N N 70 
PHE HA   H N N 71 
PHE HB2  H N N 72 
PHE HB3  H N N 73 
PHE HD1  H N N 74 
PHE HD2  H N N 75 
PHE HE1  H N N 76 
PHE HE2  H N N 77 
PHE HZ   H N N 78 
PHE HXT  H N N 79 
# 
loop_
_chem_comp_bond.comp_id 
_chem_comp_bond.atom_id_1 
_chem_comp_bond.atom_id_2 
_chem_comp_bond.value_order 
_chem_comp_bond.pdbx_aromatic_flag 
_chem_comp_bond.pdbx_stereo_config 
_chem_comp_bond.pdbx_ordinal 
ARG N   CA   sing N N 1  
ARG N   H    sing N N 2  
ARG N   H2   sing N N 3  
ARG CA  C    sing N N 4  
ARG CA  CB   sing N N 5  
ARG CA  HA   sing N N 6  
ARG C   O    doub N N 7  
ARG C   OXT  sing N N 8  
ARG CB  CG   sing N N 9  
ARG CB  HB2  sing N N 10 
ARG CB  HB3  sing N N 11 
ARG CG  CD   sing N N 12 
ARG CG  HG2  sing N N 13 
ARG CG  HG3  sing N N 14 
ARG CD  NE   sing N N 15 
ARG CD  HD2  sing N N 16 
ARG CD  HD3  sing N N 17 
ARG NE  CZ   sing N N 18 
ARG NE  HE   sing N N 19 
ARG CZ  NH1  sing N N 20 
ARG CZ  NH2  doub N N 21 
ARG NH1 HH11 sing N N 22 
ARG NH1 HH12 sing N N 23 
ARG NH2 HH21 sing N N 24 
ARG NH2 HH22 sing N N 25 
ARG OXT HXT  sing N N 26 
NAL C6  C5   doub Y N 27 
NAL C6  C7   sing Y N 28 
NAL C5  C4A  sing Y N 29 
NAL C7  C8   doub Y N 30 
NAL C4A C4   doub Y N 31 
NAL C4A C8A  sing Y N 32 
NAL C8  C8A  sing Y N 33 
NAL C4  C3   sing Y N 34 
NAL C8A C1   doub Y N 35 
NAL C3  C2   doub Y N 36 
NAL C1  C2   sing Y N 37 
NAL C2  C9   sing N N 38 
NAL C9  CA   sing N N 39 
NAL CA  N    sing N N 40 
NAL CA  C    sing N N 41 
NAL C   O    doub N N 42 
NAL C   OXT  sing N N 43 
NAL C1  H1   sing N N 44 
NAL C3  H3   sing N N 45 
NAL C4  H4   sing N N 46 
NAL C5  H5   sing N N 47 
NAL C6  H6   sing N N 48 
NAL C7  H7   sing N N 49 
NAL C8  H8   sing N N 50 
NAL C9  H91  sing N N 51 
NAL C9  H92  sing N N 52 
NAL CA  HA   sing N N 53 
NAL N   H    sing N N 54 
NAL N   H2   sing N N 55 
NAL OXT HXT  sing N N 56 
PHE N   CA   sing N N 57 
PHE N   H    sing N N 58 
PHE N   H2   sing N N 59 
PHE CA  C    sing N N 60 
PHE CA  CB   sing N N 61 
PHE CA  HA   sing N N 62 
PHE C   O    doub N N 63 
PHE C   OXT  sing N N 64 
PHE CB  CG   sing N N 65 
PHE CB  HB2  sing N N 66 
PHE CB  HB3  sing N N 67 
PHE CG  CD1  doub Y N 68 
PHE CG  CD2  sing Y N 69 
PHE CD1 CE1  sing Y N 70 
PHE CD1 HD1  sing N N 71 
PHE CD2 CE2  doub Y N 72 
PHE CD2 HD2  sing N N 73 
PHE CE1 CZ   doub Y N 74 
PHE CE1 HE1  sing N N 75 
PHE CE2 CZ   sing Y N 76 
PHE CE2 HE2  sing N N 77 
PHE CZ  HZ   sing N N 78 
PHE OXT HXT  sing N N 79 
# 
_pdbx_nmr_spectrometer.spectrometer_id   1 
_pdbx_nmr_spectrometer.type              ? 
_pdbx_nmr_spectrometer.manufacturer      Bruker 
_pdbx_nmr_spectrometer.model             DRX 
_pdbx_nmr_spectrometer.field_strength    600 
# 
_atom_sites.entry_id                    1SKL 
_atom_sites.fract_transf_matrix[1][1]   1.000000 
_atom_sites.fract_transf_matrix[1][2]   0.000000 
_atom_sites.fract_transf_matrix[1][3]   0.000000 
_atom_sites.fract_transf_matrix[2][1]   0.000000 
_atom_sites.fract_transf_matrix[2][2]   1.000000 
_atom_sites.fract_transf_matrix[2][3]   0.000000 
_atom_sites.fract_transf_matrix[3][1]   0.000000 
_atom_sites.fract_transf_matrix[3][2]   0.000000 
_atom_sites.fract_transf_matrix[3][3]   1.000000 
_atom_sites.fract_transf_vector[1]      0.00000 
_atom_sites.fract_transf_vector[2]      0.00000 
_atom_sites.fract_transf_vector[3]      0.00000 
# 
loop_
_atom_type.symbol 
C 
H 
N 
O 
# 
loop_
_atom_site.group_PDB 
_atom_site.id 
_atom_site.type_symbol 
_atom_site.label_atom_id 
_atom_site.label_alt_id 
_atom_site.label_comp_id 
_atom_site.label_asym_id 
_atom_site.label_entity_id 
_atom_site.label_seq_id 
_atom_site.pdbx_PDB_ins_code 
_atom_site.Cartn_x 
_atom_site.Cartn_y 
_atom_site.Cartn_z 
_atom_site.occupancy 
_atom_site.B_iso_or_equiv 
_atom_site.pdbx_formal_charge 
_atom_site.auth_seq_id 
_atom_site.auth_comp_id 
_atom_site.auth_asym_id 
_atom_site.auth_atom_id 
_atom_site.pdbx_PDB_model_num 
ATOM   1    N N    . ARG A 1 1 ? 0.439  2.940  1.606   1.00 0.00 ? 1 ARG A N    1  
ATOM   2    C CA   . ARG A 1 1 ? 0.252  2.624  3.024   1.00 0.00 ? 1 ARG A CA   1  
ATOM   3    C C    . ARG A 1 1 ? -0.711 1.443  3.265   1.00 0.00 ? 1 ARG A C    1  
ATOM   4    O O    . ARG A 1 1 ? -0.683 0.864  4.348   1.00 0.00 ? 1 ARG A O    1  
ATOM   5    C CB   . ARG A 1 1 ? -0.306 3.862  3.755   1.00 0.00 ? 1 ARG A CB   1  
ATOM   6    C CG   . ARG A 1 1 ? 0.656  5.057  3.754   1.00 0.00 ? 1 ARG A CG   1  
ATOM   7    C CD   . ARG A 1 1 ? 0.075  6.211  4.582   1.00 0.00 ? 1 ARG A CD   1  
ATOM   8    N NE   . ARG A 1 1 ? 0.969  7.371  4.581   1.00 0.00 ? 1 ARG A NE   1  
ATOM   9    C CZ   . ARG A 1 1 ? 0.808  8.481  5.327   1.00 0.00 ? 1 ARG A CZ   1  
ATOM   10   N NH1  . ARG A 1 1 ? -0.222 8.620  6.169   1.00 0.00 ? 1 ARG A NH1  1  
ATOM   11   N NH2  . ARG A 1 1 ? 1.697  9.476  5.228   1.00 0.00 ? 1 ARG A NH2  1  
ATOM   12   H H1   . ARG A 1 1 ? 0.082  3.832  1.294   1.00 0.00 ? 1 ARG A H1   1  
ATOM   13   H HA   . ARG A 1 1 ? 1.214  2.385  3.487   1.00 0.00 ? 1 ARG A HA   1  
ATOM   14   H HB2  . ARG A 1 1 ? -1.251 4.158  3.293   1.00 0.00 ? 1 ARG A HB2  1  
ATOM   15   H HB3  . ARG A 1 1 ? -0.508 3.588  4.791   1.00 0.00 ? 1 ARG A HB3  1  
ATOM   16   H HG2  . ARG A 1 1 ? 1.610  4.753  4.190   1.00 0.00 ? 1 ARG A HG2  1  
ATOM   17   H HG3  . ARG A 1 1 ? 0.823  5.400  2.733   1.00 0.00 ? 1 ARG A HG3  1  
ATOM   18   H HD2  . ARG A 1 1 ? -0.890 6.502  4.163   1.00 0.00 ? 1 ARG A HD2  1  
ATOM   19   H HD3  . ARG A 1 1 ? -0.075 5.870  5.608   1.00 0.00 ? 1 ARG A HD3  1  
ATOM   20   H HE   . ARG A 1 1 ? 1.771  7.327  3.967   1.00 0.00 ? 1 ARG A HE   1  
ATOM   21   H HH11 . ARG A 1 1 ? -0.903 7.875  6.262   1.00 0.00 ? 1 ARG A HH11 1  
ATOM   22   H HH12 . ARG A 1 1 ? -0.320 9.460  6.718   1.00 0.00 ? 1 ARG A HH12 1  
ATOM   23   H HH21 . ARG A 1 1 ? 2.485  9.388  4.594   1.00 0.00 ? 1 ARG A HH21 1  
ATOM   24   H HH22 . ARG A 1 1 ? 1.588  10.308 5.779   1.00 0.00 ? 1 ARG A HH22 1  
ATOM   25   N N    . ARG A 1 2 ? -1.570 1.103  2.288   1.00 0.00 ? 2 ARG A N    1  
ATOM   26   C CA   . ARG A 1 2 ? -2.677 0.169  2.456   1.00 0.00 ? 2 ARG A CA   1  
ATOM   27   C C    . ARG A 1 2 ? -2.215 -1.299 2.470   1.00 0.00 ? 2 ARG A C    1  
ATOM   28   O O    . ARG A 1 2 ? -2.457 -1.986 3.457   1.00 0.00 ? 2 ARG A O    1  
ATOM   29   C CB   . ARG A 1 2 ? -3.750 0.402  1.379   1.00 0.00 ? 2 ARG A CB   1  
ATOM   30   C CG   . ARG A 1 2 ? -4.251 1.854  1.294   1.00 0.00 ? 2 ARG A CG   1  
ATOM   31   C CD   . ARG A 1 2 ? -5.307 1.987  0.191   1.00 0.00 ? 2 ARG A CD   1  
ATOM   32   N NE   . ARG A 1 2 ? -5.849 3.351  0.122   1.00 0.00 ? 2 ARG A NE   1  
ATOM   33   C CZ   . ARG A 1 2 ? -5.274 4.404  -0.487  1.00 0.00 ? 2 ARG A CZ   1  
ATOM   34   N NH1  . ARG A 1 2 ? -4.102 4.299  -1.130  1.00 0.00 ? 2 ARG A NH1  1  
ATOM   35   N NH2  . ARG A 1 2 ? -5.888 5.592  -0.449  1.00 0.00 ? 2 ARG A NH2  1  
ATOM   36   H H    . ARG A 1 2 ? -1.532 1.607  1.410   1.00 0.00 ? 2 ARG A H    1  
ATOM   37   H HA   . ARG A 1 2 ? -3.150 0.364  3.415   1.00 0.00 ? 2 ARG A HA   1  
ATOM   38   H HB2  . ARG A 1 2 ? -3.354 0.114  0.403   1.00 0.00 ? 2 ARG A HB2  1  
ATOM   39   H HB3  . ARG A 1 2 ? -4.611 -0.223 1.620   1.00 0.00 ? 2 ARG A HB3  1  
ATOM   40   H HG2  . ARG A 1 2 ? -4.687 2.141  2.252   1.00 0.00 ? 2 ARG A HG2  1  
ATOM   41   H HG3  . ARG A 1 2 ? -3.421 2.523  1.067   1.00 0.00 ? 2 ARG A HG3  1  
ATOM   42   H HD2  . ARG A 1 2 ? -4.866 1.716  -0.770  1.00 0.00 ? 2 ARG A HD2  1  
ATOM   43   H HD3  . ARG A 1 2 ? -6.126 1.298  0.398   1.00 0.00 ? 2 ARG A HD3  1  
ATOM   44   H HE   . ARG A 1 2 ? -6.734 3.503  0.587   1.00 0.00 ? 2 ARG A HE   1  
ATOM   45   H HH11 . ARG A 1 2 ? -3.627 3.408  -1.169  1.00 0.00 ? 2 ARG A HH11 1  
ATOM   46   H HH12 . ARG A 1 2 ? -3.698 5.108  -1.576  1.00 0.00 ? 2 ARG A HH12 1  
ATOM   47   H HH21 . ARG A 1 2 ? -6.772 5.688  0.032   1.00 0.00 ? 2 ARG A HH21 1  
ATOM   48   H HH22 . ARG A 1 2 ? -5.470 6.392  -0.899  1.00 0.00 ? 2 ARG A HH22 1  
HETATM 49   C C1   . NAL A 1 3 ? -3.728 -2.621 -0.734  1.00 0.00 ? 3 NAL A C1   1  
HETATM 50   C C2   . NAL A 1 3 ? -3.809 -3.324 0.477   1.00 0.00 ? 3 NAL A C2   1  
HETATM 51   C C3   . NAL A 1 3 ? -5.037 -3.360 1.159   1.00 0.00 ? 3 NAL A C3   1  
HETATM 52   C C4   . NAL A 1 3 ? -6.164 -2.694 0.651   1.00 0.00 ? 3 NAL A C4   1  
HETATM 53   C C4A  . NAL A 1 3 ? -6.064 -1.970 -0.559  1.00 0.00 ? 3 NAL A C4A  1  
HETATM 54   C C5   . NAL A 1 3 ? -7.183 -1.275 -1.070  1.00 0.00 ? 3 NAL A C5   1  
HETATM 55   C C6   . NAL A 1 3 ? -7.063 -0.552 -2.268  1.00 0.00 ? 3 NAL A C6   1  
HETATM 56   C C7   . NAL A 1 3 ? -5.840 -0.506 -2.954  1.00 0.00 ? 3 NAL A C7   1  
HETATM 57   C C8   . NAL A 1 3 ? -4.728 -1.196 -2.444  1.00 0.00 ? 3 NAL A C8   1  
HETATM 58   C C8A  . NAL A 1 3 ? -4.834 -1.934 -1.253  1.00 0.00 ? 3 NAL A C8A  1  
HETATM 59   C C9   . NAL A 1 3 ? -2.577 -4.017 1.074   1.00 0.00 ? 3 NAL A C9   1  
HETATM 60   C CA   . NAL A 1 3 ? -1.268 -3.186 1.154   1.00 0.00 ? 3 NAL A CA   1  
HETATM 61   C C    . NAL A 1 3 ? -0.399 -3.444 -0.092  1.00 0.00 ? 3 NAL A C    1  
HETATM 62   N N    . NAL A 1 3 ? -1.576 -1.774 1.386   1.00 0.00 ? 3 NAL A N    1  
HETATM 63   O O    . NAL A 1 3 ? 0.118  -4.553 -0.250  1.00 0.00 ? 3 NAL A O    1  
HETATM 64   H H1   . NAL A 1 3 ? -2.787 -2.579 -1.266  1.00 0.00 ? 3 NAL A H1   1  
HETATM 65   H H3   . NAL A 1 3 ? -5.126 -3.898 2.100   1.00 0.00 ? 3 NAL A H3   1  
HETATM 66   H H4   . NAL A 1 3 ? -7.098 -2.725 1.184   1.00 0.00 ? 3 NAL A H4   1  
HETATM 67   H H5   . NAL A 1 3 ? -8.121 -1.298 -0.545  1.00 0.00 ? 3 NAL A H5   1  
HETATM 68   H H6   . NAL A 1 3 ? -7.925 -0.025 -2.665  1.00 0.00 ? 3 NAL A H6   1  
HETATM 69   H H7   . NAL A 1 3 ? -5.753 0.058  -3.871  1.00 0.00 ? 3 NAL A H7   1  
HETATM 70   H H8   . NAL A 1 3 ? -3.782 -1.155 -2.976  1.00 0.00 ? 3 NAL A H8   1  
HETATM 71   H H91  . NAL A 1 3 ? -2.396 -4.933 0.513   1.00 0.00 ? 3 NAL A H91  1  
HETATM 72   H H92  . NAL A 1 3 ? -2.828 -4.323 2.088   1.00 0.00 ? 3 NAL A H92  1  
HETATM 73   H HA   . NAL A 1 3 ? -0.697 -3.548 2.016   1.00 0.00 ? 3 NAL A HA   1  
HETATM 74   H H    . NAL A 1 3 ? -1.390 -1.141 0.616   1.00 0.00 ? 3 NAL A H    1  
HETATM 75   C C1   . NAL A 1 4 ? -1.055 -1.952 -5.335  1.00 0.00 ? 4 NAL A C1   1  
HETATM 76   C C2   . NAL A 1 4 ? -0.380 -3.036 -4.745  1.00 0.00 ? 4 NAL A C2   1  
HETATM 77   C C3   . NAL A 1 4 ? 0.442  -3.860 -5.534  1.00 0.00 ? 4 NAL A C3   1  
HETATM 78   C C4   . NAL A 1 4 ? 0.579  -3.601 -6.909  1.00 0.00 ? 4 NAL A C4   1  
HETATM 79   C C4A  . NAL A 1 4 ? -0.136 -2.543 -7.508  1.00 0.00 ? 4 NAL A C4A  1  
HETATM 80   C C5   . NAL A 1 4 ? -0.008 -2.292 -8.889  1.00 0.00 ? 4 NAL A C5   1  
HETATM 81   C C6   . NAL A 1 4 ? -0.743 -1.244 -9.472  1.00 0.00 ? 4 NAL A C6   1  
HETATM 82   C C7   . NAL A 1 4 ? -1.601 -0.449 -8.688  1.00 0.00 ? 4 NAL A C7   1  
HETATM 83   C C8   . NAL A 1 4 ? -1.719 -0.682 -7.306  1.00 0.00 ? 4 NAL A C8   1  
HETATM 84   C C8A  . NAL A 1 4 ? -0.976 -1.725 -6.717  1.00 0.00 ? 4 NAL A C8A  1  
HETATM 85   C C9   . NAL A 1 4 ? -0.581 -3.302 -3.263  1.00 0.00 ? 4 NAL A C9   1  
HETATM 86   C CA   . NAL A 1 4 ? 0.384  -2.583 -2.309  1.00 0.00 ? 4 NAL A CA   1  
HETATM 87   C C    . NAL A 1 4 ? 0.686  -1.176 -2.817  1.00 0.00 ? 4 NAL A C    1  
HETATM 88   N N    . NAL A 1 4 ? -0.240 -2.454 -0.992  1.00 0.00 ? 4 NAL A N    1  
HETATM 89   O O    . NAL A 1 4 ? -0.232 -0.357 -2.915  1.00 0.00 ? 4 NAL A O    1  
HETATM 90   H H1   . NAL A 1 4 ? -1.606 -1.271 -4.706  1.00 0.00 ? 4 NAL A H1   1  
HETATM 91   H H3   . NAL A 1 4 ? 0.973  -4.690 -5.087  1.00 0.00 ? 4 NAL A H3   1  
HETATM 92   H H4   . NAL A 1 4 ? 1.224  -4.228 -7.510  1.00 0.00 ? 4 NAL A H4   1  
HETATM 93   H H5   . NAL A 1 4 ? 0.652  -2.901 -9.499  1.00 0.00 ? 4 NAL A H5   1  
HETATM 94   H H6   . NAL A 1 4 ? -0.653 -1.054 -10.532 1.00 0.00 ? 4 NAL A H6   1  
HETATM 95   H H7   . NAL A 1 4 ? -2.166 0.346  -9.150  1.00 0.00 ? 4 NAL A H7   1  
HETATM 96   H H8   . NAL A 1 4 ? -2.382 -0.062 -6.701  1.00 0.00 ? 4 NAL A H8   1  
HETATM 97   H H91  . NAL A 1 4 ? -0.526 -4.373 -3.079  1.00 0.00 ? 4 NAL A H91  1  
HETATM 98   H H92  . NAL A 1 4 ? -1.598 -2.986 -3.031  1.00 0.00 ? 4 NAL A H92  1  
HETATM 99   H HA   . NAL A 1 4 ? 1.307  -3.172 -2.238  1.00 0.00 ? 4 NAL A HA   1  
HETATM 100  H H    . NAL A 1 4 ? -0.671 -1.561 -0.790  1.00 0.00 ? 4 NAL A H    1  
ATOM   101  N N    . ARG A 1 5 ? 1.969  -0.912 -3.139  1.00 0.00 ? 5 ARG A N    1  
ATOM   102  C CA   . ARG A 1 5 ? 2.607  0.367  -3.477  1.00 0.00 ? 5 ARG A CA   1  
ATOM   103  C C    . ARG A 1 5 ? 2.091  1.666  -2.785  1.00 0.00 ? 5 ARG A C    1  
ATOM   104  O O    . ARG A 1 5 ? 2.443  2.768  -3.199  1.00 0.00 ? 5 ARG A O    1  
ATOM   105  C CB   . ARG A 1 5 ? 2.957  0.455  -4.978  1.00 0.00 ? 5 ARG A CB   1  
ATOM   106  C CG   . ARG A 1 5 ? 1.833  0.522  -6.010  1.00 0.00 ? 5 ARG A CG   1  
ATOM   107  C CD   . ARG A 1 5 ? 0.899  1.714  -5.812  1.00 0.00 ? 5 ARG A CD   1  
ATOM   108  N NE   . ARG A 1 5 ? 0.076  1.941  -7.011  1.00 0.00 ? 5 ARG A NE   1  
ATOM   109  C CZ   . ARG A 1 5 ? 0.132  3.005  -7.830  1.00 0.00 ? 5 ARG A CZ   1  
ATOM   110  N NH1  . ARG A 1 5 ? 0.977  4.025  -7.618  1.00 0.00 ? 5 ARG A NH1  1  
ATOM   111  N NH2  . ARG A 1 5 ? -0.683 3.044  -8.888  1.00 0.00 ? 5 ARG A NH2  1  
ATOM   112  H H    . ARG A 1 5 ? 2.611  -1.695 -3.093  1.00 0.00 ? 5 ARG A H    1  
ATOM   113  H HA   . ARG A 1 5 ? 3.568  0.235  -3.002  1.00 0.00 ? 5 ARG A HA   1  
ATOM   114  H HB2  . ARG A 1 5 ? 3.606  1.313  -5.162  1.00 0.00 ? 5 ARG A HB2  1  
ATOM   115  H HB3  . ARG A 1 5 ? 3.538  -0.432 -5.248  1.00 0.00 ? 5 ARG A HB3  1  
ATOM   116  H HG2  . ARG A 1 5 ? 2.313  0.597  -6.985  1.00 0.00 ? 5 ARG A HG2  1  
ATOM   117  H HG3  . ARG A 1 5 ? 1.276  -0.409 -5.972  1.00 0.00 ? 5 ARG A HG3  1  
ATOM   118  H HD2  . ARG A 1 5 ? 0.246  1.522  -4.964  1.00 0.00 ? 5 ARG A HD2  1  
ATOM   119  H HD3  . ARG A 1 5 ? 1.494  2.601  -5.600  1.00 0.00 ? 5 ARG A HD3  1  
ATOM   120  H HE   . ARG A 1 5 ? -0.590 1.218  -7.231  1.00 0.00 ? 5 ARG A HE   1  
ATOM   121  H HH11 . ARG A 1 5 ? 1.594  4.006  -6.819  1.00 0.00 ? 5 ARG A HH11 1  
ATOM   122  H HH12 . ARG A 1 5 ? 0.995  4.809  -8.252  1.00 0.00 ? 5 ARG A HH12 1  
ATOM   123  H HH21 . ARG A 1 5 ? -1.322 2.281  -9.060  1.00 0.00 ? 5 ARG A HH21 1  
ATOM   124  H HH22 . ARG A 1 5 ? -0.658 3.833  -9.521  1.00 0.00 ? 5 ARG A HH22 1  
ATOM   125  N N    . PHE A 1 6 ? 1.318  1.531  -1.693  1.00 0.00 ? 6 PHE A N    1  
ATOM   126  C CA   . PHE A 1 6 ? 0.808  2.555  -0.800  1.00 0.00 ? 6 PHE A CA   1  
ATOM   127  C C    . PHE A 1 6 ? 0.931  2.101  0.673   1.00 0.00 ? 6 PHE A C    1  
ATOM   128  O O    . PHE A 1 6 ? 1.404  1.001  0.956   1.00 0.00 ? 6 PHE A O    1  
ATOM   129  C CB   . PHE A 1 6 ? -0.681 2.860  -1.091  1.00 0.00 ? 6 PHE A CB   1  
ATOM   130  C CG   . PHE A 1 6 ? -1.117 3.022  -2.534  1.00 0.00 ? 6 PHE A CG   1  
ATOM   131  C CD1  . PHE A 1 6 ? -0.637 4.099  -3.304  1.00 0.00 ? 6 PHE A CD1  1  
ATOM   132  C CD2  . PHE A 1 6 ? -2.088 2.155  -3.078  1.00 0.00 ? 6 PHE A CD2  1  
ATOM   133  C CE1  . PHE A 1 6 ? -1.121 4.303  -4.607  1.00 0.00 ? 6 PHE A CE1  1  
ATOM   134  C CE2  . PHE A 1 6 ? -2.568 2.358  -4.383  1.00 0.00 ? 6 PHE A CE2  1  
ATOM   135  C CZ   . PHE A 1 6 ? -2.089 3.437  -5.145  1.00 0.00 ? 6 PHE A CZ   1  
ATOM   136  H H    . PHE A 1 6 ? 0.993  0.581  -1.515  1.00 0.00 ? 6 PHE A H    1  
ATOM   137  H HA   . PHE A 1 6 ? 1.385  3.477  -0.931  1.00 0.00 ? 6 PHE A HA   1  
ATOM   138  H HB2  . PHE A 1 6 ? -1.277 2.059  -0.648  1.00 0.00 ? 6 PHE A HB2  1  
ATOM   139  H HB3  . PHE A 1 6 ? -0.945 3.785  -0.578  1.00 0.00 ? 6 PHE A HB3  1  
ATOM   140  H HD1  . PHE A 1 6 ? 0.091  4.781  -2.888  1.00 0.00 ? 6 PHE A HD1  1  
ATOM   141  H HD2  . PHE A 1 6 ? -2.482 1.340  -2.491  1.00 0.00 ? 6 PHE A HD2  1  
ATOM   142  H HE1  . PHE A 1 6 ? -0.754 5.132  -5.194  1.00 0.00 ? 6 PHE A HE1  1  
ATOM   143  H HE2  . PHE A 1 6 ? -3.311 1.690  -4.794  1.00 0.00 ? 6 PHE A HE2  1  
ATOM   144  H HZ   . PHE A 1 6 ? -2.460 3.597  -6.148  1.00 0.00 ? 6 PHE A HZ   1  
ATOM   145  N N    . ARG A 1 1 ? 0.450  3.114  1.551   1.00 0.00 ? 1 ARG A N    2  
ATOM   146  C CA   . ARG A 1 1 ? 0.454  2.735  2.963   1.00 0.00 ? 1 ARG A CA   2  
ATOM   147  C C    . ARG A 1 1 ? -0.814 1.919  3.288   1.00 0.00 ? 1 ARG A C    2  
ATOM   148  O O    . ARG A 1 1 ? -1.519 2.221  4.252   1.00 0.00 ? 1 ARG A O    2  
ATOM   149  C CB   . ARG A 1 1 ? 0.600  3.999  3.837   1.00 0.00 ? 1 ARG A CB   2  
ATOM   150  C CG   . ARG A 1 1 ? 1.876  4.820  3.568   1.00 0.00 ? 1 ARG A CG   2  
ATOM   151  C CD   . ARG A 1 1 ? 3.190  4.061  3.810   1.00 0.00 ? 1 ARG A CD   2  
ATOM   152  N NE   . ARG A 1 1 ? 3.384  3.737  5.235   1.00 0.00 ? 1 ARG A NE   2  
ATOM   153  C CZ   . ARG A 1 1 ? 3.463  2.511  5.781   1.00 0.00 ? 1 ARG A CZ   2  
ATOM   154  N NH1  . ARG A 1 1 ? 3.353  1.394  5.048   1.00 0.00 ? 1 ARG A NH1  2  
ATOM   155  N NH2  . ARG A 1 1 ? 3.660  2.402  7.099   1.00 0.00 ? 1 ARG A NH2  2  
ATOM   156  H H1   . ARG A 1 1 ? 0.006  3.988  1.310   1.00 0.00 ? 1 ARG A H1   2  
ATOM   157  H HA   . ARG A 1 1 ? 1.310  2.088  3.149   1.00 0.00 ? 1 ARG A HA   2  
ATOM   158  H HB2  . ARG A 1 1 ? -0.263 4.645  3.670   1.00 0.00 ? 1 ARG A HB2  2  
ATOM   159  H HB3  . ARG A 1 1 ? 0.596  3.703  4.888   1.00 0.00 ? 1 ARG A HB3  2  
ATOM   160  H HG2  . ARG A 1 1 ? 1.867  5.170  2.535   1.00 0.00 ? 1 ARG A HG2  2  
ATOM   161  H HG3  . ARG A 1 1 ? 1.862  5.702  4.210   1.00 0.00 ? 1 ARG A HG3  2  
ATOM   162  H HD2  . ARG A 1 1 ? 3.218  3.162  3.195   1.00 0.00 ? 1 ARG A HD2  2  
ATOM   163  H HD3  . ARG A 1 1 ? 4.016  4.700  3.496   1.00 0.00 ? 1 ARG A HD3  2  
ATOM   164  H HE   . ARG A 1 1 ? 3.477  4.528  5.855   1.00 0.00 ? 1 ARG A HE   2  
ATOM   165  H HH11 . ARG A 1 1 ? 3.210  1.455  4.051   1.00 0.00 ? 1 ARG A HH11 2  
ATOM   166  H HH12 . ARG A 1 1 ? 3.421  0.490  5.494   1.00 0.00 ? 1 ARG A HH12 2  
ATOM   167  H HH21 . ARG A 1 1 ? 3.750  3.234  7.666   1.00 0.00 ? 1 ARG A HH21 2  
ATOM   168  H HH22 . ARG A 1 1 ? 3.727  1.490  7.527   1.00 0.00 ? 1 ARG A HH22 2  
ATOM   169  N N    . ARG A 1 2 ? -1.128 0.914  2.448   1.00 0.00 ? 2 ARG A N    2  
ATOM   170  C CA   . ARG A 1 2 ? -2.375 0.159  2.481   1.00 0.00 ? 2 ARG A CA   2  
ATOM   171  C C    . ARG A 1 2 ? -2.103 -1.347 2.370   1.00 0.00 ? 2 ARG A C    2  
ATOM   172  O O    . ARG A 1 2 ? -2.394 -2.065 3.326   1.00 0.00 ? 2 ARG A O    2  
ATOM   173  C CB   . ARG A 1 2 ? -3.331 0.633  1.371   1.00 0.00 ? 2 ARG A CB   2  
ATOM   174  C CG   . ARG A 1 2 ? -3.636 2.131  1.318   1.00 0.00 ? 2 ARG A CG   2  
ATOM   175  C CD   . ARG A 1 2 ? -4.487 2.382  0.067   1.00 0.00 ? 2 ARG A CD   2  
ATOM   176  N NE   . ARG A 1 2 ? -4.874 3.790  -0.037  1.00 0.00 ? 2 ARG A NE   2  
ATOM   177  C CZ   . ARG A 1 2 ? -6.006 4.340  0.438   1.00 0.00 ? 2 ARG A CZ   2  
ATOM   178  N NH1  . ARG A 1 2 ? -6.923 3.615  1.095   1.00 0.00 ? 2 ARG A NH1  2  
ATOM   179  N NH2  . ARG A 1 2 ? -6.224 5.647  0.252   1.00 0.00 ? 2 ARG A NH2  2  
ATOM   180  H H    . ARG A 1 2 ? -0.503 0.710  1.684   1.00 0.00 ? 2 ARG A H    2  
ATOM   181  H HA   . ARG A 1 2 ? -2.883 0.322  3.425   1.00 0.00 ? 2 ARG A HA   2  
ATOM   182  H HB2  . ARG A 1 2 ? -2.937 0.323  0.402   1.00 0.00 ? 2 ARG A HB2  2  
ATOM   183  H HB3  . ARG A 1 2 ? -4.293 0.158  1.540   1.00 0.00 ? 2 ARG A HB3  2  
ATOM   184  H HG2  . ARG A 1 2 ? -4.188 2.422  2.212   1.00 0.00 ? 2 ARG A HG2  2  
ATOM   185  H HG3  . ARG A 1 2 ? -2.720 2.715  1.255   1.00 0.00 ? 2 ARG A HG3  2  
ATOM   186  H HD2  . ARG A 1 2 ? -3.911 2.119  -0.821  1.00 0.00 ? 2 ARG A HD2  2  
ATOM   187  H HD3  . ARG A 1 2 ? -5.375 1.751  0.088   1.00 0.00 ? 2 ARG A HD3  2  
ATOM   188  H HE   . ARG A 1 2 ? -4.209 4.386  -0.498  1.00 0.00 ? 2 ARG A HE   2  
ATOM   189  H HH11 . ARG A 1 2 ? -6.771 2.629  1.246   1.00 0.00 ? 2 ARG A HH11 2  
ATOM   190  H HH12 . ARG A 1 2 ? -7.762 4.056  1.444   1.00 0.00 ? 2 ARG A HH12 2  
ATOM   191  H HH21 . ARG A 1 2 ? -5.546 6.206  -0.244  1.00 0.00 ? 2 ARG A HH21 2  
ATOM   192  H HH22 . ARG A 1 2 ? -7.069 6.072  0.604   1.00 0.00 ? 2 ARG A HH22 2  
HETATM 193  C C1   . NAL A 1 3 ? -3.938 -2.291 -0.803  1.00 0.00 ? 3 NAL A C1   2  
HETATM 194  C C2   . NAL A 1 3 ? -4.034 -2.995 0.414   1.00 0.00 ? 3 NAL A C2   2  
HETATM 195  C C3   . NAL A 1 3 ? -5.182 -2.836 1.216   1.00 0.00 ? 3 NAL A C3   2  
HETATM 196  C C4   . NAL A 1 3 ? -6.215 -1.970 0.816   1.00 0.00 ? 3 NAL A C4   2  
HETATM 197  C C4A  . NAL A 1 3 ? -6.104 -1.247 -0.385  1.00 0.00 ? 3 NAL A C4A  2  
HETATM 198  C C5   . NAL A 1 3 ? -7.122 -0.356 -0.776  1.00 0.00 ? 3 NAL A C5   2  
HETATM 199  C C6   . NAL A 1 3 ? -6.996 0.378  -1.968  1.00 0.00 ? 3 NAL A C6   2  
HETATM 200  C C7   . NAL A 1 3 ? -5.854 0.222  -2.774  1.00 0.00 ? 3 NAL A C7   2  
HETATM 201  C C8   . NAL A 1 3 ? -4.838 -0.671 -2.391  1.00 0.00 ? 3 NAL A C8   2  
HETATM 202  C C8A  . NAL A 1 3 ? -4.959 -1.407 -1.198  1.00 0.00 ? 3 NAL A C8A  2  
HETATM 203  C C9   . NAL A 1 3 ? -2.893 -3.889 0.893   1.00 0.00 ? 3 NAL A C9   2  
HETATM 204  C CA   . NAL A 1 3 ? -1.472 -3.260 0.920   1.00 0.00 ? 3 NAL A CA   2  
HETATM 205  C C    . NAL A 1 3 ? -0.712 -3.595 -0.383  1.00 0.00 ? 3 NAL A C    2  
HETATM 206  N N    . NAL A 1 3 ? -1.564 -1.825 1.230   1.00 0.00 ? 3 NAL A N    2  
HETATM 207  O O    . NAL A 1 3 ? -0.601 -4.780 -0.701  1.00 0.00 ? 3 NAL A O    2  
HETATM 208  H H1   . NAL A 1 3 ? -3.063 -2.406 -1.419  1.00 0.00 ? 3 NAL A H1   2  
HETATM 209  H H3   . NAL A 1 3 ? -5.270 -3.368 2.152   1.00 0.00 ? 3 NAL A H3   2  
HETATM 210  H H4   . NAL A 1 3 ? -7.085 -1.854 1.445   1.00 0.00 ? 3 NAL A H4   2  
HETATM 211  H H5   . NAL A 1 3 ? -8.000 -0.230 -0.159  1.00 0.00 ? 3 NAL A H5   2  
HETATM 212  H H6   . NAL A 1 3 ? -7.777 1.062  -2.265  1.00 0.00 ? 3 NAL A H6   2  
HETATM 213  H H7   . NAL A 1 3 ? -5.760 0.787  -3.690  1.00 0.00 ? 3 NAL A H7   2  
HETATM 214  H H8   . NAL A 1 3 ? -3.964 -0.787 -3.016  1.00 0.00 ? 3 NAL A H8   2  
HETATM 215  H H91  . NAL A 1 3 ? -2.897 -4.798 0.292   1.00 0.00 ? 3 NAL A H91  2  
HETATM 216  H H92  . NAL A 1 3 ? -3.122 -4.209 1.910   1.00 0.00 ? 3 NAL A H92  2  
HETATM 217  H HA   . NAL A 1 3 ? -0.916 -3.733 1.730   1.00 0.00 ? 3 NAL A HA   2  
HETATM 218  H H    . NAL A 1 3 ? -1.326 -1.181 0.492   1.00 0.00 ? 3 NAL A H    2  
HETATM 219  C C1   . NAL A 1 4 ? -0.825 -1.425 -5.730  1.00 0.00 ? 4 NAL A C1   2  
HETATM 220  C C2   . NAL A 1 4 ? -0.404 -2.523 -4.953  1.00 0.00 ? 4 NAL A C2   2  
HETATM 221  C C3   . NAL A 1 4 ? 0.383  -3.534 -5.538  1.00 0.00 ? 4 NAL A C3   2  
HETATM 222  C C4   . NAL A 1 4 ? 0.759  -3.443 -6.889  1.00 0.00 ? 4 NAL A C4   2  
HETATM 223  C C4A  . NAL A 1 4 ? 0.322  -2.358 -7.672  1.00 0.00 ? 4 NAL A C4A  2  
HETATM 224  C C5   . NAL A 1 4 ? 0.678  -2.277 -9.031  1.00 0.00 ? 4 NAL A C5   2  
HETATM 225  C C6   . NAL A 1 4 ? 0.217  -1.207 -9.816  1.00 0.00 ? 4 NAL A C6   2  
HETATM 226  C C7   . NAL A 1 4 ? -0.608 -0.220 -9.248  1.00 0.00 ? 4 NAL A C7   2  
HETATM 227  C C8   . NAL A 1 4 ? -0.959 -0.290 -7.887  1.00 0.00 ? 4 NAL A C8   2  
HETATM 228  C C8A  . NAL A 1 4 ? -0.486 -1.353 -7.094  1.00 0.00 ? 4 NAL A C8A  2  
HETATM 229  C C9   . NAL A 1 4 ? -0.810 -2.611 -3.493  1.00 0.00 ? 4 NAL A C9   2  
HETATM 230  C CA   . NAL A 1 4 ? 0.334  -2.848 -2.492  1.00 0.00 ? 4 NAL A CA   2  
HETATM 231  C C    . NAL A 1 4 ? 1.550  -1.975 -2.820  1.00 0.00 ? 4 NAL A C    2  
HETATM 232  N N    . NAL A 1 4 ? -0.194 -2.610 -1.142  1.00 0.00 ? 4 NAL A N    2  
HETATM 233  O O    . NAL A 1 4 ? 2.632  -2.518 -3.039  1.00 0.00 ? 4 NAL A O    2  
HETATM 234  H H1   . NAL A 1 4 ? -1.414 -0.641 -5.276  1.00 0.00 ? 4 NAL A H1   2  
HETATM 235  H H3   . NAL A 1 4 ? 0.710  -4.379 -4.950  1.00 0.00 ? 4 NAL A H3   2  
HETATM 236  H H4   . NAL A 1 4 ? 1.371  -4.218 -7.326  1.00 0.00 ? 4 NAL A H4   2  
HETATM 237  H H5   . NAL A 1 4 ? 1.301  -3.038 -9.477  1.00 0.00 ? 4 NAL A H5   2  
HETATM 238  H H6   . NAL A 1 4 ? 0.488  -1.148 -10.860 1.00 0.00 ? 4 NAL A H6   2  
HETATM 239  H H7   . NAL A 1 4 ? -0.973 0.591  -9.860  1.00 0.00 ? 4 NAL A H7   2  
HETATM 240  H H8   . NAL A 1 4 ? -1.600 0.469  -7.459  1.00 0.00 ? 4 NAL A H8   2  
HETATM 241  H H91  . NAL A 1 4 ? -1.538 -3.415 -3.386  1.00 0.00 ? 4 NAL A H91  2  
HETATM 242  H H92  . NAL A 1 4 ? -1.314 -1.682 -3.221  1.00 0.00 ? 4 NAL A H92  2  
HETATM 243  H HA   . NAL A 1 4 ? 0.666  -3.886 -2.587  1.00 0.00 ? 4 NAL A HA   2  
HETATM 244  H H    . NAL A 1 4 ? -0.273 -1.652 -0.834  1.00 0.00 ? 4 NAL A H    2  
ATOM   245  N N    . ARG A 1 5 ? 1.385  -0.645 -2.841  1.00 0.00 ? 5 ARG A N    2  
ATOM   246  C CA   . ARG A 1 5 ? 2.482  0.310  -3.015  1.00 0.00 ? 5 ARG A CA   2  
ATOM   247  C C    . ARG A 1 5 ? 2.240  1.573  -2.176  1.00 0.00 ? 5 ARG A C    2  
ATOM   248  O O    . ARG A 1 5 ? 3.192  2.259  -1.805  1.00 0.00 ? 5 ARG A O    2  
ATOM   249  C CB   . ARG A 1 5 ? 2.763  0.575  -4.517  1.00 0.00 ? 5 ARG A CB   2  
ATOM   250  C CG   . ARG A 1 5 ? 2.488  1.990  -5.059  1.00 0.00 ? 5 ARG A CG   2  
ATOM   251  C CD   . ARG A 1 5 ? 0.998  2.353  -5.112  1.00 0.00 ? 5 ARG A CD   2  
ATOM   252  N NE   . ARG A 1 5 ? 0.466  2.288  -6.481  1.00 0.00 ? 5 ARG A NE   2  
ATOM   253  C CZ   . ARG A 1 5 ? 0.469  3.294  -7.373  1.00 0.00 ? 5 ARG A CZ   2  
ATOM   254  N NH1  . ARG A 1 5 ? 0.974  4.500  -7.077  1.00 0.00 ? 5 ARG A NH1  2  
ATOM   255  N NH2  . ARG A 1 5 ? -0.043 3.090  -8.591  1.00 0.00 ? 5 ARG A NH2  2  
ATOM   256  H H    . ARG A 1 5 ? 0.466  -0.265 -2.670  1.00 0.00 ? 5 ARG A H    2  
ATOM   257  H HA   . ARG A 1 5 ? 3.375  -0.161 -2.608  1.00 0.00 ? 5 ARG A HA   2  
ATOM   258  H HB2  . ARG A 1 5 ? 3.824  0.378  -4.679  1.00 0.00 ? 5 ARG A HB2  2  
ATOM   259  H HB3  . ARG A 1 5 ? 2.219  -0.145 -5.131  1.00 0.00 ? 5 ARG A HB3  2  
ATOM   260  H HG2  . ARG A 1 5 ? 3.012  2.722  -4.444  1.00 0.00 ? 5 ARG A HG2  2  
ATOM   261  H HG3  . ARG A 1 5 ? 2.914  2.064  -6.060  1.00 0.00 ? 5 ARG A HG3  2  
ATOM   262  H HD2  . ARG A 1 5 ? 0.427  1.670  -4.485  1.00 0.00 ? 5 ARG A HD2  2  
ATOM   263  H HD3  . ARG A 1 5 ? 0.868  3.362  -4.718  1.00 0.00 ? 5 ARG A HD3  2  
ATOM   264  H HE   . ARG A 1 5 ? 0.078  1.401  -6.770  1.00 0.00 ? 5 ARG A HE   2  
ATOM   265  H HH11 . ARG A 1 5 ? 1.368  4.671  -6.163  1.00 0.00 ? 5 ARG A HH11 2  
ATOM   266  H HH12 . ARG A 1 5 ? 0.967  5.234  -7.769  1.00 0.00 ? 5 ARG A HH12 2  
ATOM   267  H HH21 . ARG A 1 5 ? -0.421 2.186  -8.834  1.00 0.00 ? 5 ARG A HH21 2  
ATOM   268  H HH22 . ARG A 1 5 ? -0.042 3.836  -9.272  1.00 0.00 ? 5 ARG A HH22 2  
ATOM   269  N N    . PHE A 1 6 ? 0.969  1.837  -1.837  1.00 0.00 ? 6 PHE A N    2  
ATOM   270  C CA   . PHE A 1 6 ? 0.539  2.828  -0.870  1.00 0.00 ? 6 PHE A CA   2  
ATOM   271  C C    . PHE A 1 6 ? 0.855  2.327  0.549   1.00 0.00 ? 6 PHE A C    2  
ATOM   272  O O    . PHE A 1 6 ? 1.401  1.238  0.743   1.00 0.00 ? 6 PHE A O    2  
ATOM   273  C CB   . PHE A 1 6 ? -0.974 3.043  -1.045  1.00 0.00 ? 6 PHE A CB   2  
ATOM   274  C CG   . PHE A 1 6 ? -1.439 3.329  -2.462  1.00 0.00 ? 6 PHE A CG   2  
ATOM   275  C CD1  . PHE A 1 6 ? -1.235 4.601  -3.031  1.00 0.00 ? 6 PHE A CD1  2  
ATOM   276  C CD2  . PHE A 1 6 ? -2.082 2.325  -3.213  1.00 0.00 ? 6 PHE A CD2  2  
ATOM   277  C CE1  . PHE A 1 6 ? -1.671 4.867  -4.341  1.00 0.00 ? 6 PHE A CE1  2  
ATOM   278  C CE2  . PHE A 1 6 ? -2.518 2.592  -4.522  1.00 0.00 ? 6 PHE A CE2  2  
ATOM   279  C CZ   . PHE A 1 6 ? -2.313 3.864  -5.086  1.00 0.00 ? 6 PHE A CZ   2  
ATOM   280  H H    . PHE A 1 6 ? 0.243  1.242  -2.201  1.00 0.00 ? 6 PHE A H    2  
ATOM   281  H HA   . PHE A 1 6 ? 1.059  3.770  -1.052  1.00 0.00 ? 6 PHE A HA   2  
ATOM   282  H HB2  . PHE A 1 6 ? -1.483 2.145  -0.693  1.00 0.00 ? 6 PHE A HB2  2  
ATOM   283  H HB3  . PHE A 1 6 ? -1.288 3.875  -0.413  1.00 0.00 ? 6 PHE A HB3  2  
ATOM   284  H HD1  . PHE A 1 6 ? -0.743 5.377  -2.462  1.00 0.00 ? 6 PHE A HD1  2  
ATOM   285  H HD2  . PHE A 1 6 ? -2.243 1.345  -2.788  1.00 0.00 ? 6 PHE A HD2  2  
ATOM   286  H HE1  . PHE A 1 6 ? -1.513 5.843  -4.774  1.00 0.00 ? 6 PHE A HE1  2  
ATOM   287  H HE2  . PHE A 1 6 ? -3.010 1.820  -5.097  1.00 0.00 ? 6 PHE A HE2  2  
ATOM   288  H HZ   . PHE A 1 6 ? -2.647 4.069  -6.093  1.00 0.00 ? 6 PHE A HZ   2  
ATOM   289  N N    . ARG A 1 1 ? 0.457  2.829  1.488   1.00 0.00 ? 1 ARG A N    3  
ATOM   290  C CA   . ARG A 1 1 ? 0.487  2.397  2.895   1.00 0.00 ? 1 ARG A CA   3  
ATOM   291  C C    . ARG A 1 1 ? -0.469 1.216  3.154   1.00 0.00 ? 1 ARG A C    3  
ATOM   292  O O    . ARG A 1 1 ? -0.261 0.455  4.098   1.00 0.00 ? 1 ARG A O    3  
ATOM   293  C CB   . ARG A 1 1 ? 0.141  3.618  3.775   1.00 0.00 ? 1 ARG A CB   3  
ATOM   294  C CG   . ARG A 1 1 ? 0.053  3.349  5.292   1.00 0.00 ? 1 ARG A CG   3  
ATOM   295  C CD   . ARG A 1 1 ? -1.383 3.058  5.758   1.00 0.00 ? 1 ARG A CD   3  
ATOM   296  N NE   . ARG A 1 1 ? -1.439 2.757  7.198   1.00 0.00 ? 1 ARG A NE   3  
ATOM   297  C CZ   . ARG A 1 1 ? -1.547 1.537  7.756   1.00 0.00 ? 1 ARG A CZ   3  
ATOM   298  N NH1  . ARG A 1 1 ? -1.579 0.416  7.019   1.00 0.00 ? 1 ARG A NH1  3  
ATOM   299  N NH2  . ARG A 1 1 ? -1.624 1.436  9.087   1.00 0.00 ? 1 ARG A NH2  3  
ATOM   300  H H1   . ARG A 1 1 ? -0.017 3.695  1.282   1.00 0.00 ? 1 ARG A H1   3  
ATOM   301  H HA   . ARG A 1 1 ? 1.501  2.077  3.144   1.00 0.00 ? 1 ARG A HA   3  
ATOM   302  H HB2  . ARG A 1 1 ? 0.923  4.362  3.619   1.00 0.00 ? 1 ARG A HB2  3  
ATOM   303  H HB3  . ARG A 1 1 ? -0.798 4.058  3.437   1.00 0.00 ? 1 ARG A HB3  3  
ATOM   304  H HG2  . ARG A 1 1 ? 0.713  2.524  5.563   1.00 0.00 ? 1 ARG A HG2  3  
ATOM   305  H HG3  . ARG A 1 1 ? 0.398  4.240  5.818   1.00 0.00 ? 1 ARG A HG3  3  
ATOM   306  H HD2  . ARG A 1 1 ? -1.996 3.940  5.571   1.00 0.00 ? 1 ARG A HD2  3  
ATOM   307  H HD3  . ARG A 1 1 ? -1.808 2.233  5.190   1.00 0.00 ? 1 ARG A HD3  3  
ATOM   308  H HE   . ARG A 1 1 ? -1.413 3.553  7.820   1.00 0.00 ? 1 ARG A HE   3  
ATOM   309  H HH11 . ARG A 1 1 ? -1.511 0.471  6.013   1.00 0.00 ? 1 ARG A HH11 3  
ATOM   310  H HH12 . ARG A 1 1 ? -1.663 -0.482 7.471   1.00 0.00 ? 1 ARG A HH12 3  
ATOM   311  H HH21 . ARG A 1 1 ? -1.603 2.267  9.660   1.00 0.00 ? 1 ARG A HH21 3  
ATOM   312  H HH22 . ARG A 1 1 ? -1.706 0.527  9.521   1.00 0.00 ? 1 ARG A HH22 3  
ATOM   313  N N    . ARG A 1 2 ? -1.510 1.070  2.319   1.00 0.00 ? 2 ARG A N    3  
ATOM   314  C CA   . ARG A 1 2 ? -2.649 0.184  2.522   1.00 0.00 ? 2 ARG A CA   3  
ATOM   315  C C    . ARG A 1 2 ? -2.272 -1.308 2.531   1.00 0.00 ? 2 ARG A C    3  
ATOM   316  O O    . ARG A 1 2 ? -2.505 -1.974 3.537   1.00 0.00 ? 2 ARG A O    3  
ATOM   317  C CB   . ARG A 1 2 ? -3.728 0.491  1.463   1.00 0.00 ? 2 ARG A CB   3  
ATOM   318  C CG   . ARG A 1 2 ? -4.133 1.972  1.356   1.00 0.00 ? 2 ARG A CG   3  
ATOM   319  C CD   . ARG A 1 2 ? -4.988 2.206  0.104   1.00 0.00 ? 2 ARG A CD   3  
ATOM   320  N NE   . ARG A 1 2 ? -5.597 3.545  0.119   1.00 0.00 ? 2 ARG A NE   3  
ATOM   321  C CZ   . ARG A 1 2 ? -5.141 4.637  -0.520  1.00 0.00 ? 2 ARG A CZ   3  
ATOM   322  N NH1  . ARG A 1 2 ? -4.051 4.603  -1.299  1.00 0.00 ? 2 ARG A NH1  3  
ATOM   323  N NH2  . ARG A 1 2 ? -5.795 5.795  -0.373  1.00 0.00 ? 2 ARG A NH2  3  
ATOM   324  H H    . ARG A 1 2 ? -1.582 1.711  1.543   1.00 0.00 ? 2 ARG A H    3  
ATOM   325  H HA   . ARG A 1 2 ? -3.088 0.409  3.490   1.00 0.00 ? 2 ARG A HA   3  
ATOM   326  H HB2  . ARG A 1 2 ? -3.375 0.153  0.488   1.00 0.00 ? 2 ARG A HB2  3  
ATOM   327  H HB3  . ARG A 1 2 ? -4.627 -0.061 1.738   1.00 0.00 ? 2 ARG A HB3  3  
ATOM   328  H HG2  . ARG A 1 2 ? -4.699 2.247  2.246   1.00 0.00 ? 2 ARG A HG2  3  
ATOM   329  H HG3  . ARG A 1 2 ? -3.258 2.617  1.285   1.00 0.00 ? 2 ARG A HG3  3  
ATOM   330  H HD2  . ARG A 1 2 ? -4.369 2.082  -0.787  1.00 0.00 ? 2 ARG A HD2  3  
ATOM   331  H HD3  . ARG A 1 2 ? -5.781 1.463  0.061   1.00 0.00 ? 2 ARG A HD3  3  
ATOM   332  H HE   . ARG A 1 2 ? -6.427 3.647  0.684   1.00 0.00 ? 2 ARG A HE   3  
ATOM   333  H HH11 . ARG A 1 2 ? -3.549 3.736  -1.426  1.00 0.00 ? 2 ARG A HH11 3  
ATOM   334  H HH12 . ARG A 1 2 ? -3.739 5.441  -1.766  1.00 0.00 ? 2 ARG A HH12 3  
ATOM   335  H HH21 . ARG A 1 2 ? -6.617 5.841  0.212   1.00 0.00 ? 2 ARG A HH21 3  
ATOM   336  H HH22 . ARG A 1 2 ? -5.467 6.624  -0.846  1.00 0.00 ? 2 ARG A HH22 3  
HETATM 337  C C1   . NAL A 1 3 ? -4.086 -2.606 -0.488  1.00 0.00 ? 3 NAL A C1   3  
HETATM 338  C C2   . NAL A 1 3 ? -4.067 -3.262 0.739   1.00 0.00 ? 3 NAL A C2   3  
HETATM 339  C C3   . NAL A 1 3 ? -5.209 -3.172 1.597   1.00 0.00 ? 3 NAL A C3   3  
HETATM 340  C C4   . NAL A 1 3 ? -6.315 -2.418 1.209   1.00 0.00 ? 3 NAL A C4   3  
HETATM 341  C C4A  . NAL A 1 3 ? -6.308 -1.731 -0.027  1.00 0.00 ? 3 NAL A C4A  3  
HETATM 342  C C5   . NAL A 1 3 ? -7.422 -0.930 -0.401  1.00 0.00 ? 3 NAL A C5   3  
HETATM 343  C C6   . NAL A 1 3 ? -7.405 -0.237 -1.607  1.00 0.00 ? 3 NAL A C6   3  
HETATM 344  C C7   . NAL A 1 3 ? -6.273 -0.335 -2.467  1.00 0.00 ? 3 NAL A C7   3  
HETATM 345  C C8   . NAL A 1 3 ? -5.189 -1.122 -2.104  1.00 0.00 ? 3 NAL A C8   3  
HETATM 346  C C8A  . NAL A 1 3 ? -5.204 -1.827 -0.868  1.00 0.00 ? 3 NAL A C8A  3  
HETATM 347  C C9   . NAL A 1 3 ? -2.832 -4.016 1.221   1.00 0.00 ? 3 NAL A C9   3  
HETATM 348  C CA   . NAL A 1 3 ? -1.484 -3.244 1.144   1.00 0.00 ? 3 NAL A CA   3  
HETATM 349  C C    . NAL A 1 3 ? -0.767 -3.451 -0.213  1.00 0.00 ? 3 NAL A C    3  
HETATM 350  N N    . NAL A 1 3 ? -1.710 -1.818 1.422   1.00 0.00 ? 3 NAL A N    3  
HETATM 351  O O    . NAL A 1 3 ? -0.760 -4.562 -0.748  1.00 0.00 ? 3 NAL A O    3  
HETATM 352  H H1   . NAL A 1 3 ? -3.225 -2.660 -1.140  1.00 0.00 ? 3 NAL A H1   3  
HETATM 353  H H3   . NAL A 1 3 ? -5.204 -3.672 2.549   1.00 0.00 ? 3 NAL A H3   3  
HETATM 354  H H4   . NAL A 1 3 ? -7.171 -2.346 1.868   1.00 0.00 ? 3 NAL A H4   3  
HETATM 355  H H5   . NAL A 1 3 ? -8.278 -0.854 0.254   1.00 0.00 ? 3 NAL A H5   3  
HETATM 356  H H6   . NAL A 1 3 ? -8.241 0.378  -1.899  1.00 0.00 ? 3 NAL A H6   3  
HETATM 357  H H7   . NAL A 1 3 ? -6.271 0.209  -3.400  1.00 0.00 ? 3 NAL A H7   3  
HETATM 358  H H8   . NAL A 1 3 ? -4.329 -1.200 -2.754  1.00 0.00 ? 3 NAL A H8   3  
HETATM 359  H H91  . NAL A 1 3 ? -2.764 -4.956 0.672   1.00 0.00 ? 3 NAL A H91  3  
HETATM 360  H H92  . NAL A 1 3 ? -2.982 -4.292 2.262   1.00 0.00 ? 3 NAL A H92  3  
HETATM 361  H HA   . NAL A 1 3 ? -0.823 -3.636 1.919   1.00 0.00 ? 3 NAL A HA   3  
HETATM 362  H H    . NAL A 1 3 ? -1.534 -1.197 0.650   1.00 0.00 ? 3 NAL A H    3  
HETATM 363  C C1   . NAL A 1 4 ? -0.561 -0.673 -5.253  1.00 0.00 ? 4 NAL A C1   3  
HETATM 364  C C2   . NAL A 1 4 ? -0.568 -1.902 -4.567  1.00 0.00 ? 4 NAL A C2   3  
HETATM 365  C C3   . NAL A 1 4 ? -0.301 -3.093 -5.272  1.00 0.00 ? 4 NAL A C3   3  
HETATM 366  C C4   . NAL A 1 4 ? -0.035 -3.052 -6.648  1.00 0.00 ? 4 NAL A C4   3  
HETATM 367  C C4A  . NAL A 1 4 ? -0.023 -1.818 -7.331  1.00 0.00 ? 4 NAL A C4A  3  
HETATM 368  C C5   . NAL A 1 4 ? 0.266  -1.765 -8.710  1.00 0.00 ? 4 NAL A C5   3  
HETATM 369  C C6   . NAL A 1 4 ? 0.299  -0.532 -9.377  1.00 0.00 ? 4 NAL A C6   3  
HETATM 370  C C7   . NAL A 1 4 ? 0.048  0.661  -8.670  1.00 0.00 ? 4 NAL A C7   3  
HETATM 371  C C8   . NAL A 1 4 ? -0.239 0.615  -7.298  1.00 0.00 ? 4 NAL A C8   3  
HETATM 372  C C8A  . NAL A 1 4 ? -0.280 -0.625 -6.628  1.00 0.00 ? 4 NAL A C8A  3  
HETATM 373  C C9   . NAL A 1 4 ? -0.838 -1.940 -3.073  1.00 0.00 ? 4 NAL A C9   3  
HETATM 374  C CA   . NAL A 1 4 ? 0.346  -2.322 -2.157  1.00 0.00 ? 4 NAL A CA   3  
HETATM 375  C C    . NAL A 1 4 ? 1.510  -1.304 -2.182  1.00 0.00 ? 4 NAL A C    3  
HETATM 376  N N    . NAL A 1 4 ? -0.187 -2.384 -0.792  1.00 0.00 ? 4 NAL A N    3  
HETATM 377  O O    . NAL A 1 4 ? 2.157  -1.099 -1.156  1.00 0.00 ? 4 NAL A O    3  
HETATM 378  H H1   . NAL A 1 4 ? -0.733 0.244  -4.713  1.00 0.00 ? 4 NAL A H1   3  
HETATM 379  H H3   . NAL A 1 4 ? -0.292 -4.036 -4.746  1.00 0.00 ? 4 NAL A H3   3  
HETATM 380  H H4   . NAL A 1 4 ? 0.168  -3.970 -7.181  1.00 0.00 ? 4 NAL A H4   3  
HETATM 381  H H5   . NAL A 1 4 ? 0.466  -2.675 -9.257  1.00 0.00 ? 4 NAL A H5   3  
HETATM 382  H H6   . NAL A 1 4 ? 0.520  -0.494 -10.433 1.00 0.00 ? 4 NAL A H6   3  
HETATM 383  H H7   . NAL A 1 4 ? 0.080  1.610  -9.185  1.00 0.00 ? 4 NAL A H7   3  
HETATM 384  H H8   . NAL A 1 4 ? -0.419 1.535  -6.759  1.00 0.00 ? 4 NAL A H8   3  
HETATM 385  H H91  . NAL A 1 4 ? -1.643 -2.658 -2.913  1.00 0.00 ? 4 NAL A H91  3  
HETATM 386  H H92  . NAL A 1 4 ? -1.215 -0.967 -2.755  1.00 0.00 ? 4 NAL A H92  3  
HETATM 387  H HA   . NAL A 1 4 ? 0.734  -3.297 -2.457  1.00 0.00 ? 4 NAL A HA   3  
HETATM 388  H H    . NAL A 1 4 ? -0.192 -1.513 -0.281  1.00 0.00 ? 4 NAL A H    3  
ATOM   389  N N    . ARG A 1 5 ? 1.797  -0.675 -3.337  1.00 0.00 ? 5 ARG A N    3  
ATOM   390  C CA   . ARG A 1 5 ? 2.693  0.488  -3.463  1.00 0.00 ? 5 ARG A CA   3  
ATOM   391  C C    . ARG A 1 5 ? 2.199  1.712  -2.624  1.00 0.00 ? 5 ARG A C    3  
ATOM   392  O O    . ARG A 1 5 ? 2.898  2.716  -2.583  1.00 0.00 ? 5 ARG A O    3  
ATOM   393  C CB   . ARG A 1 5 ? 2.938  0.876  -4.949  1.00 0.00 ? 5 ARG A CB   3  
ATOM   394  C CG   . ARG A 1 5 ? 3.932  -0.040 -5.691  1.00 0.00 ? 5 ARG A CG   3  
ATOM   395  C CD   . ARG A 1 5 ? 3.513  -1.514 -5.731  1.00 0.00 ? 5 ARG A CD   3  
ATOM   396  N NE   . ARG A 1 5 ? 4.474  -2.337 -6.481  1.00 0.00 ? 5 ARG A NE   3  
ATOM   397  C CZ   . ARG A 1 5 ? 4.951  -3.538 -6.099  1.00 0.00 ? 5 ARG A CZ   3  
ATOM   398  N NH1  . ARG A 1 5 ? 4.578  -4.122 -4.951  1.00 0.00 ? 5 ARG A NH1  3  
ATOM   399  N NH2  . ARG A 1 5 ? 5.829  -4.170 -6.887  1.00 0.00 ? 5 ARG A NH2  3  
ATOM   400  H H    . ARG A 1 5 ? 1.372  -1.032 -4.187  1.00 0.00 ? 5 ARG A H    3  
ATOM   401  H HA   . ARG A 1 5 ? 3.652  0.198  -3.037  1.00 0.00 ? 5 ARG A HA   3  
ATOM   402  H HB2  . ARG A 1 5 ? 2.002  0.916  -5.509  1.00 0.00 ? 5 ARG A HB2  3  
ATOM   403  H HB3  . ARG A 1 5 ? 3.363  1.883  -5.012  1.00 0.00 ? 5 ARG A HB3  3  
ATOM   404  H HG2  . ARG A 1 5 ? 4.034  0.324  -6.716  1.00 0.00 ? 5 ARG A HG2  3  
ATOM   405  H HG3  . ARG A 1 5 ? 4.909  0.040  -5.211  1.00 0.00 ? 5 ARG A HG3  3  
ATOM   406  H HD2  . ARG A 1 5 ? 3.451  -1.886 -4.712  1.00 0.00 ? 5 ARG A HD2  3  
ATOM   407  H HD3  . ARG A 1 5 ? 2.533  -1.592 -6.199  1.00 0.00 ? 5 ARG A HD3  3  
ATOM   408  H HE   . ARG A 1 5 ? 4.799  -1.959 -7.358  1.00 0.00 ? 5 ARG A HE   3  
ATOM   409  H HH11 . ARG A 1 5 ? 3.921  -3.661 -4.339  1.00 0.00 ? 5 ARG A HH11 3  
ATOM   410  H HH12 . ARG A 1 5 ? 4.961  -5.021 -4.694  1.00 0.00 ? 5 ARG A HH12 3  
ATOM   411  H HH21 . ARG A 1 5 ? 6.124  -3.748 -7.754  1.00 0.00 ? 5 ARG A HH21 3  
ATOM   412  H HH22 . ARG A 1 5 ? 6.197  -5.068 -6.610  1.00 0.00 ? 5 ARG A HH22 3  
ATOM   413  N N    . PHE A 1 6 ? 1.047  1.602  -1.946  1.00 0.00 ? 6 PHE A N    3  
ATOM   414  C CA   . PHE A 1 6 ? 0.536  2.570  -0.960  1.00 0.00 ? 6 PHE A CA   3  
ATOM   415  C C    . PHE A 1 6 ? 0.878  2.076  0.464   1.00 0.00 ? 6 PHE A C    3  
ATOM   416  O O    . PHE A 1 6 ? 1.463  1.008  0.645   1.00 0.00 ? 6 PHE A O    3  
ATOM   417  C CB   . PHE A 1 6 ? -0.995 2.700  -1.103  1.00 0.00 ? 6 PHE A CB   3  
ATOM   418  C CG   . PHE A 1 6 ? -1.587 2.558  -2.498  1.00 0.00 ? 6 PHE A CG   3  
ATOM   419  C CD1  . PHE A 1 6 ? -1.187 3.422  -3.553  1.00 0.00 ? 6 PHE A CD1  3  
ATOM   420  C CD2  . PHE A 1 6 ? -2.528 1.556  -2.751  1.00 0.00 ? 6 PHE A CD2  3  
ATOM   421  C CE1  . PHE A 1 6 ? -1.709 3.248  -4.835  1.00 0.00 ? 6 PHE A CE1  3  
ATOM   422  C CE2  . PHE A 1 6 ? -3.068 1.389  -4.050  1.00 0.00 ? 6 PHE A CE2  3  
ATOM   423  C CZ   . PHE A 1 6 ? -2.651 2.212  -5.090  1.00 0.00 ? 6 PHE A CZ   3  
ATOM   424  H H    . PHE A 1 6 ? 0.519  0.751  -2.016  1.00 0.00 ? 6 PHE A H    3  
ATOM   425  H HA   . PHE A 1 6 ? 0.991  3.545  -1.131  1.00 0.00 ? 6 PHE A HA   3  
ATOM   426  H HB2  . PHE A 1 6 ? -1.466 1.945  -0.469  1.00 0.00 ? 6 PHE A HB2  3  
ATOM   427  H HB3  . PHE A 1 6 ? -1.283 3.681  -0.714  1.00 0.00 ? 6 PHE A HB3  3  
ATOM   428  H HD1  . PHE A 1 6 ? -0.462 4.200  -3.362  1.00 0.00 ? 6 PHE A HD1  3  
ATOM   429  H HD2  . PHE A 1 6 ? -2.841 0.882  -1.966  1.00 0.00 ? 6 PHE A HD2  3  
ATOM   430  H HE1  . PHE A 1 6 ? -1.389 3.886  -5.645  1.00 0.00 ? 6 PHE A HE1  3  
ATOM   431  H HE2  . PHE A 1 6 ? -3.780 0.599  -4.236  1.00 0.00 ? 6 PHE A HE2  3  
ATOM   432  H HZ   . PHE A 1 6 ? -3.020 2.044  -6.094  1.00 0.00 ? 6 PHE A HZ   3  
ATOM   433  N N    . ARG A 1 1 ? 0.465  3.010  1.524   1.00 0.00 ? 1 ARG A N    4  
ATOM   434  C CA   . ARG A 1 1 ? 0.519  2.597  2.929   1.00 0.00 ? 1 ARG A CA   4  
ATOM   435  C C    . ARG A 1 1 ? -0.564 1.568  3.327   1.00 0.00 ? 1 ARG A C    4  
ATOM   436  O O    . ARG A 1 1 ? -0.668 1.235  4.507   1.00 0.00 ? 1 ARG A O    4  
ATOM   437  C CB   . ARG A 1 1 ? 0.504  3.847  3.830   1.00 0.00 ? 1 ARG A CB   4  
ATOM   438  C CG   . ARG A 1 1 ? -0.701 4.781  3.622   1.00 0.00 ? 1 ARG A CG   4  
ATOM   439  C CD   . ARG A 1 1 ? -0.580 5.997  4.549   1.00 0.00 ? 1 ARG A CD   4  
ATOM   440  N NE   . ARG A 1 1 ? -1.484 7.082  4.136   1.00 0.00 ? 1 ARG A NE   4  
ATOM   441  C CZ   . ARG A 1 1 ? -1.301 8.388  4.402   1.00 0.00 ? 1 ARG A CZ   4  
ATOM   442  N NH1  . ARG A 1 1 ? -0.278 8.819  5.154   1.00 0.00 ? 1 ARG A NH1  4  
ATOM   443  N NH2  . ARG A 1 1 ? -2.157 9.285  3.900   1.00 0.00 ? 1 ARG A NH2  4  
ATOM   444  H H1   . ARG A 1 1 ? 0.113  3.934  1.327   1.00 0.00 ? 1 ARG A H1   4  
ATOM   445  H HA   . ARG A 1 1 ? 1.482  2.106  3.082   1.00 0.00 ? 1 ARG A HA   4  
ATOM   446  H HB2  . ARG A 1 1 ? 0.539  3.537  4.875   1.00 0.00 ? 1 ARG A HB2  4  
ATOM   447  H HB3  . ARG A 1 1 ? 1.415  4.413  3.628   1.00 0.00 ? 1 ARG A HB3  4  
ATOM   448  H HG2  . ARG A 1 1 ? -0.716 5.130  2.589   1.00 0.00 ? 1 ARG A HG2  4  
ATOM   449  H HG3  . ARG A 1 1 ? -1.631 4.251  3.833   1.00 0.00 ? 1 ARG A HG3  4  
ATOM   450  H HD2  . ARG A 1 1 ? -0.813 5.698  5.572   1.00 0.00 ? 1 ARG A HD2  4  
ATOM   451  H HD3  . ARG A 1 1 ? 0.446  6.362  4.514   1.00 0.00 ? 1 ARG A HD3  4  
ATOM   452  H HE   . ARG A 1 1 ? -2.281 6.819  3.576   1.00 0.00 ? 1 ARG A HE   4  
ATOM   453  H HH11 . ARG A 1 1 ? 0.376  8.156  5.544   1.00 0.00 ? 1 ARG A HH11 4  
ATOM   454  H HH12 . ARG A 1 1 ? -0.163 9.807  5.335   1.00 0.00 ? 1 ARG A HH12 4  
ATOM   455  H HH21 . ARG A 1 1 ? -2.930 8.980  3.326   1.00 0.00 ? 1 ARG A HH21 4  
ATOM   456  H HH22 . ARG A 1 1 ? -2.024 10.268 4.087   1.00 0.00 ? 1 ARG A HH22 4  
ATOM   457  N N    . ARG A 1 2 ? -1.362 1.069  2.367   1.00 0.00 ? 2 ARG A N    4  
ATOM   458  C CA   . ARG A 1 2 ? -2.492 0.178  2.609   1.00 0.00 ? 2 ARG A CA   4  
ATOM   459  C C    . ARG A 1 2 ? -2.119 -1.304 2.445   1.00 0.00 ? 2 ARG A C    4  
ATOM   460  O O    . ARG A 1 2 ? -2.307 -2.058 3.399   1.00 0.00 ? 2 ARG A O    4  
ATOM   461  C CB   . ARG A 1 2 ? -3.655 0.515  1.658   1.00 0.00 ? 2 ARG A CB   4  
ATOM   462  C CG   . ARG A 1 2 ? -4.060 1.994  1.619   1.00 0.00 ? 2 ARG A CG   4  
ATOM   463  C CD   . ARG A 1 2 ? -5.213 2.177  0.627   1.00 0.00 ? 2 ARG A CD   4  
ATOM   464  N NE   . ARG A 1 2 ? -5.437 3.596  0.321   1.00 0.00 ? 2 ARG A NE   4  
ATOM   465  C CZ   . ARG A 1 2 ? -6.244 4.060  -0.647  1.00 0.00 ? 2 ARG A CZ   4  
ATOM   466  N NH1  . ARG A 1 2 ? -6.988 3.235  -1.397  1.00 0.00 ? 2 ARG A NH1  4  
ATOM   467  N NH2  . ARG A 1 2 ? -6.305 5.376  -0.873  1.00 0.00 ? 2 ARG A NH2  4  
ATOM   468  H H    . ARG A 1 2 ? -1.238 1.392  1.423   1.00 0.00 ? 2 ARG A H    4  
ATOM   469  H HA   . ARG A 1 2 ? -2.850 0.331  3.627   1.00 0.00 ? 2 ARG A HA   4  
ATOM   470  H HB2  . ARG A 1 2 ? -3.380 0.220  0.645   1.00 0.00 ? 2 ARG A HB2  4  
ATOM   471  H HB3  . ARG A 1 2 ? -4.526 -0.068 1.968   1.00 0.00 ? 2 ARG A HB3  4  
ATOM   472  H HG2  . ARG A 1 2 ? -4.373 2.321  2.612   1.00 0.00 ? 2 ARG A HG2  4  
ATOM   473  H HG3  . ARG A 1 2 ? -3.215 2.597  1.288   1.00 0.00 ? 2 ARG A HG3  4  
ATOM   474  H HD2  . ARG A 1 2 ? -4.971 1.658  -0.302  1.00 0.00 ? 2 ARG A HD2  4  
ATOM   475  H HD3  . ARG A 1 2 ? -6.123 1.744  1.044   1.00 0.00 ? 2 ARG A HD3  4  
ATOM   476  H HE   . ARG A 1 2 ? -4.911 4.264  0.866   1.00 0.00 ? 2 ARG A HE   4  
ATOM   477  H HH11 . ARG A 1 2 ? -6.955 2.238  -1.236  1.00 0.00 ? 2 ARG A HH11 4  
ATOM   478  H HH12 . ARG A 1 2 ? -7.588 3.610  -2.118  1.00 0.00 ? 2 ARG A HH12 4  
ATOM   479  H HH21 . ARG A 1 2 ? -5.748 6.010  -0.319  1.00 0.00 ? 2 ARG A HH21 4  
ATOM   480  H HH22 . ARG A 1 2 ? -6.905 5.737  -1.601  1.00 0.00 ? 2 ARG A HH22 4  
HETATM 481  C C1   . NAL A 1 3 ? -3.750 -2.085 -0.943  1.00 0.00 ? 3 NAL A C1   4  
HETATM 482  C C2   . NAL A 1 3 ? -4.019 -2.953 0.135   1.00 0.00 ? 3 NAL A C2   4  
HETATM 483  C C3   . NAL A 1 3 ? -5.345 -3.072 0.595   1.00 0.00 ? 3 NAL A C3   4  
HETATM 484  C C4   . NAL A 1 3 ? -6.380 -2.328 0.002   1.00 0.00 ? 3 NAL A C4   4  
HETATM 485  C C4A  . NAL A 1 3 ? -6.100 -1.450 -1.060  1.00 0.00 ? 3 NAL A C4A  4  
HETATM 486  C C5   . NAL A 1 3 ? -7.130 -0.695 -1.655  1.00 0.00 ? 3 NAL A C5   4  
HETATM 487  C C6   . NAL A 1 3 ? -6.838 0.180  -2.716  1.00 0.00 ? 3 NAL A C6   4  
HETATM 488  C C7   . NAL A 1 3 ? -5.517 0.311  -3.179  1.00 0.00 ? 3 NAL A C7   4  
HETATM 489  C C8   . NAL A 1 3 ? -4.488 -0.444 -2.590  1.00 0.00 ? 3 NAL A C8   4  
HETATM 490  C C8A  . NAL A 1 3 ? -4.778 -1.327 -1.533  1.00 0.00 ? 3 NAL A C8A  4  
HETATM 491  C C9   . NAL A 1 3 ? -2.918 -3.769 0.820   1.00 0.00 ? 3 NAL A C9   4  
HETATM 492  C CA   . NAL A 1 3 ? -1.494 -3.154 0.928   1.00 0.00 ? 3 NAL A CA   4  
HETATM 493  C C    . NAL A 1 3 ? -0.678 -3.512 -0.338  1.00 0.00 ? 3 NAL A C    4  
HETATM 494  N N    . NAL A 1 3 ? -1.619 -1.728 1.263   1.00 0.00 ? 3 NAL A N    4  
HETATM 495  O O    . NAL A 1 3 ? -0.539 -4.707 -0.607  1.00 0.00 ? 3 NAL A O    4  
HETATM 496  H H1   . NAL A 1 3 ? -2.747 -1.972 -1.311  1.00 0.00 ? 3 NAL A H1   4  
HETATM 497  H H3   . NAL A 1 3 ? -5.575 -3.740 1.412   1.00 0.00 ? 3 NAL A H3   4  
HETATM 498  H H4   . NAL A 1 3 ? -7.391 -2.435 0.369   1.00 0.00 ? 3 NAL A H4   4  
HETATM 499  H H5   . NAL A 1 3 ? -8.147 -0.789 -1.303  1.00 0.00 ? 3 NAL A H5   4  
HETATM 500  H H6   . NAL A 1 3 ? -7.629 0.755  -3.175  1.00 0.00 ? 3 NAL A H6   4  
HETATM 501  H H7   . NAL A 1 3 ? -5.294 0.986  -3.993  1.00 0.00 ? 3 NAL A H7   4  
HETATM 502  H H8   . NAL A 1 3 ? -3.476 -0.344 -2.953  1.00 0.00 ? 3 NAL A H8   4  
HETATM 503  H H91  . NAL A 1 3 ? -2.868 -4.742 0.333   1.00 0.00 ? 3 NAL A H91  4  
HETATM 504  H H92  . NAL A 1 3 ? -3.254 -3.971 1.837   1.00 0.00 ? 3 NAL A H92  4  
HETATM 505  H HA   . NAL A 1 3 ? -0.987 -3.642 1.760   1.00 0.00 ? 3 NAL A HA   4  
HETATM 506  H H    . NAL A 1 3 ? -1.462 -1.062 0.522   1.00 0.00 ? 3 NAL A H    4  
HETATM 507  C C1   . NAL A 1 4 ? -0.990 -0.988 -5.266  1.00 0.00 ? 4 NAL A C1   4  
HETATM 508  C C2   . NAL A 1 4 ? -0.383 -2.193 -4.863  1.00 0.00 ? 4 NAL A C2   4  
HETATM 509  C C3   . NAL A 1 4 ? 0.493  -2.860 -5.742  1.00 0.00 ? 4 NAL A C3   4  
HETATM 510  C C4   . NAL A 1 4 ? 0.761  -2.321 -7.013  1.00 0.00 ? 4 NAL A C4   4  
HETATM 511  C C4A  . NAL A 1 4 ? 0.142  -1.123 -7.421  1.00 0.00 ? 4 NAL A C4A  4  
HETATM 512  C C5   . NAL A 1 4 ? 0.391  -0.588 -8.699  1.00 0.00 ? 4 NAL A C5   4  
HETATM 513  C C6   . NAL A 1 4 ? -0.246 0.599  -9.104  1.00 0.00 ? 4 NAL A C6   4  
HETATM 514  C C7   . NAL A 1 4 ? -1.135 1.255  -8.235  1.00 0.00 ? 4 NAL A C7   4  
HETATM 515  C C8   . NAL A 1 4 ? -1.382 0.727  -6.955  1.00 0.00 ? 4 NAL A C8   4  
HETATM 516  C C8A  . NAL A 1 4 ? -0.743 -0.459 -6.545  1.00 0.00 ? 4 NAL A C8A  4  
HETATM 517  C C9   . NAL A 1 4 ? -0.710 -2.769 -3.495  1.00 0.00 ? 4 NAL A C9   4  
HETATM 518  C CA   . NAL A 1 4 ? 0.426  -2.857 -2.449  1.00 0.00 ? 4 NAL A CA   4  
HETATM 519  C C    . NAL A 1 4 ? 1.621  -1.965 -2.800  1.00 0.00 ? 4 NAL A C    4  
HETATM 520  N N    . NAL A 1 4 ? -0.144 -2.555 -1.123  1.00 0.00 ? 4 NAL A N    4  
HETATM 521  O O    . NAL A 1 4 ? 2.706  -2.490 -3.048  1.00 0.00 ? 4 NAL A O    4  
HETATM 522  H H1   . NAL A 1 4 ? -1.659 -0.473 -4.590  1.00 0.00 ? 4 NAL A H1   4  
HETATM 523  H H3   . NAL A 1 4 ? 0.961  -3.787 -5.441  1.00 0.00 ? 4 NAL A H3   4  
HETATM 524  H H4   . NAL A 1 4 ? 1.436  -2.838 -7.680  1.00 0.00 ? 4 NAL A H4   4  
HETATM 525  H H5   . NAL A 1 4 ? 1.065  -1.090 -9.377  1.00 0.00 ? 4 NAL A H5   4  
HETATM 526  H H6   . NAL A 1 4 ? -0.059 1.003  -10.088 1.00 0.00 ? 4 NAL A H6   4  
HETATM 527  H H7   . NAL A 1 4 ? -1.629 2.162  -8.549  1.00 0.00 ? 4 NAL A H7   4  
HETATM 528  H H8   . NAL A 1 4 ? -2.068 1.232  -6.293  1.00 0.00 ? 4 NAL A H8   4  
HETATM 529  H H91  . NAL A 1 4 ? -1.130 -3.766 -3.631  1.00 0.00 ? 4 NAL A H91  4  
HETATM 530  H H92  . NAL A 1 4 ? -1.510 -2.152 -3.087  1.00 0.00 ? 4 NAL A H92  4  
HETATM 531  H HA   . NAL A 1 4 ? 0.807  -3.882 -2.462  1.00 0.00 ? 4 NAL A HA   4  
HETATM 532  H H    . NAL A 1 4 ? -0.242 -1.584 -0.862  1.00 0.00 ? 4 NAL A H    4  
ATOM   533  N N    . ARG A 1 5 ? 1.437  -0.639 -2.811  1.00 0.00 ? 5 ARG A N    4  
ATOM   534  C CA   . ARG A 1 5 ? 2.506  0.336  -3.032  1.00 0.00 ? 5 ARG A CA   4  
ATOM   535  C C    . ARG A 1 5 ? 2.209  1.636  -2.273  1.00 0.00 ? 5 ARG A C    4  
ATOM   536  O O    . ARG A 1 5 ? 3.127  2.403  -1.986  1.00 0.00 ? 5 ARG A O    4  
ATOM   537  C CB   . ARG A 1 5 ? 2.823  0.464  -4.543  1.00 0.00 ? 5 ARG A CB   4  
ATOM   538  C CG   . ARG A 1 5 ? 2.777  1.843  -5.217  1.00 0.00 ? 5 ARG A CG   4  
ATOM   539  C CD   . ARG A 1 5 ? 1.363  2.430  -5.306  1.00 0.00 ? 5 ARG A CD   4  
ATOM   540  N NE   . ARG A 1 5 ? 1.162  3.169  -6.562  1.00 0.00 ? 5 ARG A NE   4  
ATOM   541  C CZ   . ARG A 1 5 ? 1.648  4.388  -6.851  1.00 0.00 ? 5 ARG A CZ   4  
ATOM   542  N NH1  . ARG A 1 5 ? 2.345  5.102  -5.956  1.00 0.00 ? 5 ARG A NH1  4  
ATOM   543  N NH2  . ARG A 1 5 ? 1.436  4.901  -8.069  1.00 0.00 ? 5 ARG A NH2  4  
ATOM   544  H H    . ARG A 1 5 ? 0.516  -0.276 -2.616  1.00 0.00 ? 5 ARG A H    4  
ATOM   545  H HA   . ARG A 1 5 ? 3.401  -0.073 -2.563  1.00 0.00 ? 5 ARG A HA   4  
ATOM   546  H HB2  . ARG A 1 5 ? 3.835  0.081  -4.683  1.00 0.00 ? 5 ARG A HB2  4  
ATOM   547  H HB3  . ARG A 1 5 ? 2.172  -0.202 -5.111  1.00 0.00 ? 5 ARG A HB3  4  
ATOM   548  H HG2  . ARG A 1 5 ? 3.435  2.541  -4.698  1.00 0.00 ? 5 ARG A HG2  4  
ATOM   549  H HG3  . ARG A 1 5 ? 3.167  1.713  -6.227  1.00 0.00 ? 5 ARG A HG3  4  
ATOM   550  H HD2  . ARG A 1 5 ? 0.635  1.622  -5.270  1.00 0.00 ? 5 ARG A HD2  4  
ATOM   551  H HD3  . ARG A 1 5 ? 1.190  3.089  -4.457  1.00 0.00 ? 5 ARG A HD3  4  
ATOM   552  H HE   . ARG A 1 5 ? 0.644  2.688  -7.283  1.00 0.00 ? 5 ARG A HE   4  
ATOM   553  H HH11 . ARG A 1 5 ? 2.518  4.724  -5.036  1.00 0.00 ? 5 ARG A HH11 4  
ATOM   554  H HH12 . ARG A 1 5 ? 2.705  6.012  -6.205  1.00 0.00 ? 5 ARG A HH12 4  
ATOM   555  H HH21 . ARG A 1 5 ? 0.924  4.368  -8.758  1.00 0.00 ? 5 ARG A HH21 4  
ATOM   556  H HH22 . ARG A 1 5 ? 1.804  5.810  -8.306  1.00 0.00 ? 5 ARG A HH22 4  
ATOM   557  N N    . PHE A 1 6 ? 0.936  1.843  -1.897  1.00 0.00 ? 6 PHE A N    4  
ATOM   558  C CA   . PHE A 1 6 ? 0.516  2.825  -0.913  1.00 0.00 ? 6 PHE A CA   4  
ATOM   559  C C    . PHE A 1 6 ? 0.768  2.228  0.485   1.00 0.00 ? 6 PHE A C    4  
ATOM   560  O O    . PHE A 1 6 ? 1.188  1.076  0.628   1.00 0.00 ? 6 PHE A O    4  
ATOM   561  C CB   . PHE A 1 6 ? -0.977 3.151  -1.100  1.00 0.00 ? 6 PHE A CB   4  
ATOM   562  C CG   . PHE A 1 6 ? -1.386 3.549  -2.509  1.00 0.00 ? 6 PHE A CG   4  
ATOM   563  C CD1  . PHE A 1 6 ? -0.719 4.594  -3.177  1.00 0.00 ? 6 PHE A CD1  4  
ATOM   564  C CD2  . PHE A 1 6 ? -2.444 2.877  -3.150  1.00 0.00 ? 6 PHE A CD2  4  
ATOM   565  C CE1  . PHE A 1 6 ? -1.092 4.947  -4.486  1.00 0.00 ? 6 PHE A CE1  4  
ATOM   566  C CE2  . PHE A 1 6 ? -2.821 3.235  -4.456  1.00 0.00 ? 6 PHE A CE2  4  
ATOM   567  C CZ   . PHE A 1 6 ? -2.141 4.265  -5.127  1.00 0.00 ? 6 PHE A CZ   4  
ATOM   568  H H    . PHE A 1 6 ? 0.231  1.201  -2.220  1.00 0.00 ? 6 PHE A H    4  
ATOM   569  H HA   . PHE A 1 6 ? 1.099  3.740  -1.027  1.00 0.00 ? 6 PHE A HA   4  
ATOM   570  H HB2  . PHE A 1 6 ? -1.560 2.280  -0.797  1.00 0.00 ? 6 PHE A HB2  4  
ATOM   571  H HB3  . PHE A 1 6 ? -1.243 3.974  -0.434  1.00 0.00 ? 6 PHE A HB3  4  
ATOM   572  H HD1  . PHE A 1 6 ? 0.090  5.122  -2.694  1.00 0.00 ? 6 PHE A HD1  4  
ATOM   573  H HD2  . PHE A 1 6 ? -2.973 2.085  -2.643  1.00 0.00 ? 6 PHE A HD2  4  
ATOM   574  H HE1  . PHE A 1 6 ? -0.570 5.739  -5.000  1.00 0.00 ? 6 PHE A HE1  4  
ATOM   575  H HE2  . PHE A 1 6 ? -3.633 2.716  -4.945  1.00 0.00 ? 6 PHE A HE2  4  
ATOM   576  H HZ   . PHE A 1 6 ? -2.426 4.537  -6.133  1.00 0.00 ? 6 PHE A HZ   4  
ATOM   577  N N    . ARG A 1 1 ? 0.554  2.604  1.338   1.00 0.00 ? 1 ARG A N    5  
ATOM   578  C CA   . ARG A 1 1 ? 0.718  2.054  2.701   1.00 0.00 ? 1 ARG A CA   5  
ATOM   579  C C    . ARG A 1 1 ? -0.360 1.028  3.119   1.00 0.00 ? 1 ARG A C    5  
ATOM   580  O O    . ARG A 1 1 ? -0.114 0.216  4.010   1.00 0.00 ? 1 ARG A O    5  
ATOM   581  C CB   . ARG A 1 1 ? 0.793  3.217  3.711   1.00 0.00 ? 1 ARG A CB   5  
ATOM   582  C CG   . ARG A 1 1 ? 1.447  2.796  5.039   1.00 0.00 ? 1 ARG A CG   5  
ATOM   583  C CD   . ARG A 1 1 ? 1.513  3.957  6.038   1.00 0.00 ? 1 ARG A CD   5  
ATOM   584  N NE   . ARG A 1 1 ? 2.256  3.584  7.253   1.00 0.00 ? 1 ARG A NE   5  
ATOM   585  C CZ   . ARG A 1 1 ? 1.790  2.846  8.277   1.00 0.00 ? 1 ARG A CZ   5  
ATOM   586  N NH1  . ARG A 1 1 ? 0.539  2.364  8.294   1.00 0.00 ? 1 ARG A NH1  5  
ATOM   587  N NH2  . ARG A 1 1 ? 2.599  2.581  9.309   1.00 0.00 ? 1 ARG A NH2  5  
ATOM   588  H H1   . ARG A 1 1 ? 0.691  3.595  1.229   1.00 0.00 ? 1 ARG A H1   5  
ATOM   589  H HA   . ARG A 1 1 ? 1.682  1.544  2.738   1.00 0.00 ? 1 ARG A HA   5  
ATOM   590  H HB2  . ARG A 1 1 ? 1.396  4.018  3.281   1.00 0.00 ? 1 ARG A HB2  5  
ATOM   591  H HB3  . ARG A 1 1 ? -0.210 3.604  3.899   1.00 0.00 ? 1 ARG A HB3  5  
ATOM   592  H HG2  . ARG A 1 1 ? 0.880  1.986  5.494   1.00 0.00 ? 1 ARG A HG2  5  
ATOM   593  H HG3  . ARG A 1 1 ? 2.459  2.444  4.837   1.00 0.00 ? 1 ARG A HG3  5  
ATOM   594  H HD2  . ARG A 1 1 ? 2.022  4.800  5.571   1.00 0.00 ? 1 ARG A HD2  5  
ATOM   595  H HD3  . ARG A 1 1 ? 0.502  4.269  6.307   1.00 0.00 ? 1 ARG A HD3  5  
ATOM   596  H HE   . ARG A 1 1 ? 3.209  3.915  7.310   1.00 0.00 ? 1 ARG A HE   5  
ATOM   597  H HH11 . ARG A 1 1 ? -0.083 2.549  7.521   1.00 0.00 ? 1 ARG A HH11 5  
ATOM   598  H HH12 . ARG A 1 1 ? 0.223  1.809  9.077   1.00 0.00 ? 1 ARG A HH12 5  
ATOM   599  H HH21 . ARG A 1 1 ? 3.544  2.934  9.312   1.00 0.00 ? 1 ARG A HH21 5  
ATOM   600  H HH22 . ARG A 1 1 ? 2.264  2.025  10.083  1.00 0.00 ? 1 ARG A HH22 5  
ATOM   601  N N    . ARG A 1 2 ? -1.530 1.053  2.467   1.00 0.00 ? 2 ARG A N    5  
ATOM   602  C CA   . ARG A 1 2 ? -2.683 0.207  2.747   1.00 0.00 ? 2 ARG A CA   5  
ATOM   603  C C    . ARG A 1 2 ? -2.390 -1.296 2.607   1.00 0.00 ? 2 ARG A C    5  
ATOM   604  O O    . ARG A 1 2 ? -2.747 -2.052 3.510   1.00 0.00 ? 2 ARG A O    5  
ATOM   605  C CB   . ARG A 1 2 ? -3.846 0.592  1.814   1.00 0.00 ? 2 ARG A CB   5  
ATOM   606  C CG   . ARG A 1 2 ? -4.227 2.076  1.808   1.00 0.00 ? 2 ARG A CG   5  
ATOM   607  C CD   . ARG A 1 2 ? -3.578 2.826  0.641   1.00 0.00 ? 2 ARG A CD   5  
ATOM   608  N NE   . ARG A 1 2 ? -3.979 4.235  0.674   1.00 0.00 ? 2 ARG A NE   5  
ATOM   609  C CZ   . ARG A 1 2 ? -3.248 5.264  1.134   1.00 0.00 ? 2 ARG A CZ   5  
ATOM   610  N NH1  . ARG A 1 2 ? -2.003 5.094  1.607   1.00 0.00 ? 2 ARG A NH1  5  
ATOM   611  N NH2  . ARG A 1 2 ? -3.776 6.492  1.128   1.00 0.00 ? 2 ARG A NH2  5  
ATOM   612  H H    . ARG A 1 2 ? -1.645 1.733  1.731   1.00 0.00 ? 2 ARG A H    5  
ATOM   613  H HA   . ARG A 1 2 ? -3.002 0.396  3.769   1.00 0.00 ? 2 ARG A HA   5  
ATOM   614  H HB2  . ARG A 1 2 ? -3.606 0.289  0.797   1.00 0.00 ? 2 ARG A HB2  5  
ATOM   615  H HB3  . ARG A 1 2 ? -4.732 0.048  2.128   1.00 0.00 ? 2 ARG A HB3  5  
ATOM   616  H HG2  . ARG A 1 2 ? -5.310 2.151  1.697   1.00 0.00 ? 2 ARG A HG2  5  
ATOM   617  H HG3  . ARG A 1 2 ? -3.952 2.538  2.758   1.00 0.00 ? 2 ARG A HG3  5  
ATOM   618  H HD2  . ARG A 1 2 ? -2.494 2.738  0.687   1.00 0.00 ? 2 ARG A HD2  5  
ATOM   619  H HD3  . ARG A 1 2 ? -3.906 2.390  -0.307  1.00 0.00 ? 2 ARG A HD3  5  
ATOM   620  H HE   . ARG A 1 2 ? -4.933 4.408  0.392   1.00 0.00 ? 2 ARG A HE   5  
ATOM   621  H HH11 . ARG A 1 2 ? -1.593 4.174  1.629   1.00 0.00 ? 2 ARG A HH11 5  
ATOM   622  H HH12 . ARG A 1 2 ? -1.483 5.890  1.950   1.00 0.00 ? 2 ARG A HH12 5  
ATOM   623  H HH21 . ARG A 1 2 ? -4.711 6.639  0.781   1.00 0.00 ? 2 ARG A HH21 5  
ATOM   624  H HH22 . ARG A 1 2 ? -3.238 7.275  1.474   1.00 0.00 ? 2 ARG A HH22 5  
HETATM 625  C C1   . NAL A 1 3 ? -3.907 -1.977 -0.726  1.00 0.00 ? 3 NAL A C1   5  
HETATM 626  C C2   . NAL A 1 3 ? -4.148 -2.833 0.367   1.00 0.00 ? 3 NAL A C2   5  
HETATM 627  C C3   . NAL A 1 3 ? -5.407 -2.798 1.000   1.00 0.00 ? 3 NAL A C3   5  
HETATM 628  C C4   . NAL A 1 3 ? -6.401 -1.902 0.564   1.00 0.00 ? 3 NAL A C4   5  
HETATM 629  C C4A  . NAL A 1 3 ? -6.142 -1.027 -0.507  1.00 0.00 ? 3 NAL A C4A  5  
HETATM 630  C C5   . NAL A 1 3 ? -7.111 -0.091 -0.917  1.00 0.00 ? 3 NAL A C5   5  
HETATM 631  C C6   . NAL A 1 3 ? -6.830 0.799  -1.969  1.00 0.00 ? 3 NAL A C6   5  
HETATM 632  C C7   . NAL A 1 3 ? -5.583 0.751  -2.620  1.00 0.00 ? 3 NAL A C7   5  
HETATM 633  C C8   . NAL A 1 3 ? -4.617 -0.187 -2.217  1.00 0.00 ? 3 NAL A C8   5  
HETATM 634  C C8A  . NAL A 1 3 ? -4.892 -1.074 -1.161  1.00 0.00 ? 3 NAL A C8A  5  
HETATM 635  C C9   . NAL A 1 3 ? -3.049 -3.751 0.908   1.00 0.00 ? 3 NAL A C9   5  
HETATM 636  C CA   . NAL A 1 3 ? -1.636 -3.133 1.099   1.00 0.00 ? 3 NAL A CA   5  
HETATM 637  C C    . NAL A 1 3 ? -0.769 -3.339 -0.169  1.00 0.00 ? 3 NAL A C    5  
HETATM 638  N N    . NAL A 1 3 ? -1.768 -1.723 1.492   1.00 0.00 ? 3 NAL A N    5  
HETATM 639  O O    . NAL A 1 3 ? -0.662 -4.468 -0.649  1.00 0.00 ? 3 NAL A O    5  
HETATM 640  H H1   . NAL A 1 3 ? -2.941 -1.967 -1.196  1.00 0.00 ? 3 NAL A H1   5  
HETATM 641  H H3   . NAL A 1 3 ? -5.611 -3.445 1.841   1.00 0.00 ? 3 NAL A H3   5  
HETATM 642  H H4   . NAL A 1 3 ? -7.355 -1.875 1.070   1.00 0.00 ? 3 NAL A H4   5  
HETATM 643  H H5   . NAL A 1 3 ? -8.069 -0.046 -0.419  1.00 0.00 ? 3 NAL A H5   5  
HETATM 644  H H6   . NAL A 1 3 ? -7.572 1.519  -2.278  1.00 0.00 ? 3 NAL A H6   5  
HETATM 645  H H7   . NAL A 1 3 ? -5.370 1.434  -3.428  1.00 0.00 ? 3 NAL A H7   5  
HETATM 646  H H8   . NAL A 1 3 ? -3.660 -0.221 -2.718  1.00 0.00 ? 3 NAL A H8   5  
HETATM 647  H H91  . NAL A 1 3 ? -2.995 -4.633 0.272   1.00 0.00 ? 3 NAL A H91  5  
HETATM 648  H H92  . NAL A 1 3 ? -3.373 -4.110 1.886   1.00 0.00 ? 3 NAL A H92  5  
HETATM 649  H HA   . NAL A 1 3 ? -1.138 -3.664 1.912   1.00 0.00 ? 3 NAL A HA   5  
HETATM 650  H H    . NAL A 1 3 ? -1.483 -1.043 0.805   1.00 0.00 ? 3 NAL A H    5  
HETATM 651  C C1   . NAL A 1 4 ? -0.439 -0.999 -5.388  1.00 0.00 ? 4 NAL A C1   5  
HETATM 652  C C2   . NAL A 1 4 ? -0.265 -2.116 -4.549  1.00 0.00 ? 4 NAL A C2   5  
HETATM 653  C C3   . NAL A 1 4 ? 0.289  -3.297 -5.070  1.00 0.00 ? 4 NAL A C3   5  
HETATM 654  C C4   . NAL A 1 4 ? 0.676  -3.376 -6.428  1.00 0.00 ? 4 NAL A C4   5  
HETATM 655  C C4A  . NAL A 1 4 ? 0.499  -2.238 -7.254  1.00 0.00 ? 4 NAL A C4A  5  
HETATM 656  C C5   . NAL A 1 4 ? 0.903  -2.310 -8.613  1.00 0.00 ? 4 NAL A C5   5  
HETATM 657  C C6   . NAL A 1 4 ? 0.730  -1.176 -9.436  1.00 0.00 ? 4 NAL A C6   5  
HETATM 658  C C7   . NAL A 1 4 ? 0.178  0.000  -8.919  1.00 0.00 ? 4 NAL A C7   5  
HETATM 659  C C8   . NAL A 1 4 ? -0.216 0.059  -7.572  1.00 0.00 ? 4 NAL A C8   5  
HETATM 660  C C8A  . NAL A 1 4 ? -0.057 -1.059 -6.737  1.00 0.00 ? 4 NAL A C8A  5  
HETATM 661  C C9   . NAL A 1 4 ? -0.645 -2.028 -3.079  1.00 0.00 ? 4 NAL A C9   5  
HETATM 662  C CA   . NAL A 1 4 ? 0.480  -2.273 -2.047  1.00 0.00 ? 4 NAL A CA   5  
HETATM 663  C C    . NAL A 1 4 ? 1.598  -1.205 -2.079  1.00 0.00 ? 4 NAL A C    5  
HETATM 664  N N    . NAL A 1 4 ? -0.168 -2.275 -0.729  1.00 0.00 ? 4 NAL A N    5  
HETATM 665  O O    . NAL A 1 4 ? 2.192  -0.914 -1.039  1.00 0.00 ? 4 NAL A O    5  
HETATM 666  H H1   . NAL A 1 4 ? -0.841 -0.072 -4.983  1.00 0.00 ? 4 NAL A H1   5  
HETATM 667  H H3   . NAL A 1 4 ? 0.438  -4.163 -4.436  1.00 0.00 ? 4 NAL A H3   5  
HETATM 668  H H4   . NAL A 1 4 ? 1.095  -4.275 -6.821  1.00 0.00 ? 4 NAL A H4   5  
HETATM 669  H H5   . NAL A 1 4 ? 1.329  -3.201 -9.010  1.00 0.00 ? 4 NAL A H5   5  
HETATM 670  H H6   . NAL A 1 4 ? 1.028  -1.228 -10.476 1.00 0.00 ? 4 NAL A H6   5  
HETATM 671  H H7   . NAL A 1 4 ? 0.052  0.857  -9.562  1.00 0.00 ? 4 NAL A H7   5  
HETATM 672  H H8   . NAL A 1 4 ? -0.649 0.972  -7.176  1.00 0.00 ? 4 NAL A H8   5  
HETATM 673  H H91  . NAL A 1 4 ? -1.430 -2.765 -2.914  1.00 0.00 ? 4 NAL A H91  5  
HETATM 674  H H92  . NAL A 1 4 ? -1.083 -1.046 -2.879  1.00 0.00 ? 4 NAL A H92  5  
HETATM 675  H HA   . NAL A 1 4 ? 0.940  -3.244 -2.241  1.00 0.00 ? 4 NAL A HA   5  
HETATM 676  H H    . NAL A 1 4 ? -0.255 -1.378 -0.272  1.00 0.00 ? 4 NAL A H    5  
ATOM   677  N N    . ARG A 1 5 ? 1.906  -0.640 -3.260  1.00 0.00 ? 5 ARG A N    5  
ATOM   678  C CA   . ARG A 1 5 ? 2.762  0.562  -3.421  1.00 0.00 ? 5 ARG A CA   5  
ATOM   679  C C    . ARG A 1 5 ? 2.282  1.749  -2.577  1.00 0.00 ? 5 ARG A C    5  
ATOM   680  O O    . ARG A 1 5 ? 3.074  2.654  -2.297  1.00 0.00 ? 5 ARG A O    5  
ATOM   681  C CB   . ARG A 1 5 ? 2.921  0.971  -4.912  1.00 0.00 ? 5 ARG A CB   5  
ATOM   682  C CG   . ARG A 1 5 ? 4.053  0.210  -5.614  1.00 0.00 ? 5 ARG A CG   5  
ATOM   683  C CD   . ARG A 1 5 ? 3.938  -1.312 -5.477  1.00 0.00 ? 5 ARG A CD   5  
ATOM   684  N NE   . ARG A 1 5 ? 5.055  -1.995 -6.147  1.00 0.00 ? 5 ARG A NE   5  
ATOM   685  C CZ   . ARG A 1 5 ? 6.290  -2.141 -5.645  1.00 0.00 ? 5 ARG A CZ   5  
ATOM   686  N NH1  . ARG A 1 5 ? 6.620  -1.686 -4.427  1.00 0.00 ? 5 ARG A NH1  5  
ATOM   687  N NH2  . ARG A 1 5 ? 7.226  -2.755 -6.379  1.00 0.00 ? 5 ARG A NH2  5  
ATOM   688  H H    . ARG A 1 5 ? 1.533  -1.084 -4.093  1.00 0.00 ? 5 ARG A H    5  
ATOM   689  H HA   . ARG A 1 5 ? 3.751  0.305  -3.039  1.00 0.00 ? 5 ARG A HA   5  
ATOM   690  H HB2  . ARG A 1 5 ? 1.988  0.837  -5.464  1.00 0.00 ? 5 ARG A HB2  5  
ATOM   691  H HB3  . ARG A 1 5 ? 3.173  2.035  -4.992  1.00 0.00 ? 5 ARG A HB3  5  
ATOM   692  H HG2  . ARG A 1 5 ? 4.048  0.470  -6.673  1.00 0.00 ? 5 ARG A HG2  5  
ATOM   693  H HG3  . ARG A 1 5 ? 5.003  0.533  -5.186  1.00 0.00 ? 5 ARG A HG3  5  
ATOM   694  H HD2  . ARG A 1 5 ? 3.950  -1.576 -4.418  1.00 0.00 ? 5 ARG A HD2  5  
ATOM   695  H HD3  . ARG A 1 5 ? 2.987  -1.629 -5.902  1.00 0.00 ? 5 ARG A HD3  5  
ATOM   696  H HE   . ARG A 1 5 ? 4.881  -2.355 -7.076  1.00 0.00 ? 5 ARG A HE   5  
ATOM   697  H HH11 . ARG A 1 5 ? 5.937  -1.215 -3.859  1.00 0.00 ? 5 ARG A HH11 5  
ATOM   698  H HH12 . ARG A 1 5 ? 7.565  -1.813 -4.087  1.00 0.00 ? 5 ARG A HH12 5  
ATOM   699  H HH21 . ARG A 1 5 ? 6.999  -3.101 -7.299  1.00 0.00 ? 5 ARG A HH21 5  
ATOM   700  H HH22 . ARG A 1 5 ? 8.158  -2.866 -6.010  1.00 0.00 ? 5 ARG A HH22 5  
ATOM   701  N N    . PHE A 1 6 ? 1.020  1.730  -2.117  1.00 0.00 ? 6 PHE A N    5  
ATOM   702  C CA   . PHE A 1 6 ? 0.458  2.634  -1.130  1.00 0.00 ? 6 PHE A CA   5  
ATOM   703  C C    . PHE A 1 6 ? 0.405  1.881  0.218   1.00 0.00 ? 6 PHE A C    5  
ATOM   704  O O    . PHE A 1 6 ? 0.222  0.666  0.227   1.00 0.00 ? 6 PHE A O    5  
ATOM   705  C CB   . PHE A 1 6 ? -0.948 3.050  -1.589  1.00 0.00 ? 6 PHE A CB   5  
ATOM   706  C CG   . PHE A 1 6 ? -1.100 3.266  -3.088  1.00 0.00 ? 6 PHE A CG   5  
ATOM   707  C CD1  . PHE A 1 6 ? -0.255 4.156  -3.782  1.00 0.00 ? 6 PHE A CD1  5  
ATOM   708  C CD2  . PHE A 1 6 ? -2.029 2.489  -3.803  1.00 0.00 ? 6 PHE A CD2  5  
ATOM   709  C CE1  . PHE A 1 6 ? -0.317 4.235  -5.183  1.00 0.00 ? 6 PHE A CE1  5  
ATOM   710  C CE2  . PHE A 1 6 ? -2.097 2.573  -5.205  1.00 0.00 ? 6 PHE A CE2  5  
ATOM   711  C CZ   . PHE A 1 6 ? -1.229 3.432  -5.896  1.00 0.00 ? 6 PHE A CZ   5  
ATOM   712  H H    . PHE A 1 6 ? 0.417  0.986  -2.435  1.00 0.00 ? 6 PHE A H    5  
ATOM   713  H HA   . PHE A 1 6 ? 1.078  3.526  -1.030  1.00 0.00 ? 6 PHE A HA   5  
ATOM   714  H HB2  . PHE A 1 6 ? -1.635 2.253  -1.305  1.00 0.00 ? 6 PHE A HB2  5  
ATOM   715  H HB3  . PHE A 1 6 ? -1.243 3.960  -1.068  1.00 0.00 ? 6 PHE A HB3  5  
ATOM   716  H HD1  . PHE A 1 6 ? 0.469  4.750  -3.242  1.00 0.00 ? 6 PHE A HD1  5  
ATOM   717  H HD2  . PHE A 1 6 ? -2.676 1.800  -3.285  1.00 0.00 ? 6 PHE A HD2  5  
ATOM   718  H HE1  . PHE A 1 6 ? 0.352  4.895  -5.717  1.00 0.00 ? 6 PHE A HE1  5  
ATOM   719  H HE2  . PHE A 1 6 ? -2.794 1.956  -5.749  1.00 0.00 ? 6 PHE A HE2  5  
ATOM   720  H HZ   . PHE A 1 6 ? -1.254 3.452  -6.976  1.00 0.00 ? 6 PHE A HZ   5  
ATOM   721  N N    . ARG A 1 1 ? 0.517  2.795  1.554   1.00 0.00 ? 1 ARG A N    6  
ATOM   722  C CA   . ARG A 1 1 ? 0.410  2.423  2.973   1.00 0.00 ? 1 ARG A CA   6  
ATOM   723  C C    . ARG A 1 1 ? -0.639 1.328  3.221   1.00 0.00 ? 1 ARG A C    6  
ATOM   724  O O    . ARG A 1 1 ? -0.574 0.696  4.297   1.00 0.00 ? 1 ARG A O    6  
ATOM   725  C CB   . ARG A 1 1 ? 0.053  3.661  3.817   1.00 0.00 ? 1 ARG A CB   6  
ATOM   726  C CG   . ARG A 1 1 ? 1.261  4.576  4.062   1.00 0.00 ? 1 ARG A CG   6  
ATOM   727  C CD   . ARG A 1 1 ? 0.858  5.749  4.964   1.00 0.00 ? 1 ARG A CD   6  
ATOM   728  N NE   . ARG A 1 1 ? 2.021  6.561  5.365   1.00 0.00 ? 1 ARG A NE   6  
ATOM   729  C CZ   . ARG A 1 1 ? 2.649  6.523  6.556   1.00 0.00 ? 1 ARG A CZ   6  
ATOM   730  N NH1  . ARG A 1 1 ? 2.269  5.695  7.538   1.00 0.00 ? 1 ARG A NH1  6  
ATOM   731  N NH2  . ARG A 1 1 ? 3.688  7.337  6.779   1.00 0.00 ? 1 ARG A NH2  6  
ATOM   732  H H1   . ARG A 1 1 ? 0.285  3.744  1.313   1.00 0.00 ? 1 ARG A H1   6  
ATOM   733  H HA   . ARG A 1 1 ? 1.366  2.046  3.325   1.00 0.00 ? 1 ARG A HA   6  
ATOM   734  H HB2  . ARG A 1 1 ? -0.751 4.222  3.337   1.00 0.00 ? 1 ARG A HB2  6  
ATOM   735  H HB3  . ARG A 1 1 ? -0.308 3.327  4.793   1.00 0.00 ? 1 ARG A HB3  6  
ATOM   736  H HG2  . ARG A 1 1 ? 2.049  4.001  4.551   1.00 0.00 ? 1 ARG A HG2  6  
ATOM   737  H HG3  . ARG A 1 1 ? 1.636  4.959  3.111   1.00 0.00 ? 1 ARG A HG3  6  
ATOM   738  H HD2  . ARG A 1 1 ? 0.159  6.384  4.420   1.00 0.00 ? 1 ARG A HD2  6  
ATOM   739  H HD3  . ARG A 1 1 ? 0.348  5.367  5.849   1.00 0.00 ? 1 ARG A HD3  6  
ATOM   740  H HE   . ARG A 1 1 ? 2.364  7.214  4.676   1.00 0.00 ? 1 ARG A HE   6  
ATOM   741  H HH11 . ARG A 1 1 ? 1.485  5.072  7.401   1.00 0.00 ? 1 ARG A HH11 6  
ATOM   742  H HH12 . ARG A 1 1 ? 2.763  5.697  8.419   1.00 0.00 ? 1 ARG A HH12 6  
ATOM   743  H HH21 . ARG A 1 1 ? 3.998  7.976  6.061   1.00 0.00 ? 1 ARG A HH21 6  
ATOM   744  H HH22 . ARG A 1 1 ? 4.163  7.313  7.671   1.00 0.00 ? 1 ARG A HH22 6  
ATOM   745  N N    . ARG A 1 2 ? -1.586 1.093  2.319   1.00 0.00 ? 2 ARG A N    6  
ATOM   746  C CA   . ARG A 1 2 ? -2.703 0.195  2.571   1.00 0.00 ? 2 ARG A CA   6  
ATOM   747  C C    . ARG A 1 2 ? -2.311 -1.295 2.528   1.00 0.00 ? 2 ARG A C    6  
ATOM   748  O O    . ARG A 1 2 ? -2.589 -2.007 3.490   1.00 0.00 ? 2 ARG A O    6  
ATOM   749  C CB   . ARG A 1 2 ? -3.860 0.460  1.603   1.00 0.00 ? 2 ARG A CB   6  
ATOM   750  C CG   . ARG A 1 2 ? -4.403 1.899  1.574   1.00 0.00 ? 2 ARG A CG   6  
ATOM   751  C CD   . ARG A 1 2 ? -3.903 2.714  0.369   1.00 0.00 ? 2 ARG A CD   6  
ATOM   752  N NE   . ARG A 1 2 ? -4.417 4.090  0.410   1.00 0.00 ? 2 ARG A NE   6  
ATOM   753  C CZ   . ARG A 1 2 ? -4.282 5.008  -0.562  1.00 0.00 ? 2 ARG A CZ   6  
ATOM   754  N NH1  . ARG A 1 2 ? -3.662 4.737  -1.718  1.00 0.00 ? 2 ARG A NH1  6  
ATOM   755  N NH2  . ARG A 1 2 ? -4.779 6.235  -0.366  1.00 0.00 ? 2 ARG A NH2  6  
ATOM   756  H H    . ARG A 1 2 ? -1.629 1.670  1.480   1.00 0.00 ? 2 ARG A H    6  
ATOM   757  H HA   . ARG A 1 2 ? -3.067 0.408  3.571   1.00 0.00 ? 2 ARG A HA   6  
ATOM   758  H HB2  . ARG A 1 2 ? -3.565 0.165  0.592   1.00 0.00 ? 2 ARG A HB2  6  
ATOM   759  H HB3  . ARG A 1 2 ? -4.682 -0.171 1.935   1.00 0.00 ? 2 ARG A HB3  6  
ATOM   760  H HG2  . ARG A 1 2 ? -5.488 1.843  1.514   1.00 0.00 ? 2 ARG A HG2  6  
ATOM   761  H HG3  . ARG A 1 2 ? -4.137 2.403  2.502   1.00 0.00 ? 2 ARG A HG3  6  
ATOM   762  H HD2  . ARG A 1 2 ? -2.820 2.759  0.399   1.00 0.00 ? 2 ARG A HD2  6  
ATOM   763  H HD3  . ARG A 1 2 ? -4.208 2.230  -0.565  1.00 0.00 ? 2 ARG A HD3  6  
ATOM   764  H HE   . ARG A 1 2 ? -4.884 4.366  1.261   1.00 0.00 ? 2 ARG A HE   6  
ATOM   765  H HH11 . ARG A 1 2 ? -3.270 3.822  -1.881  1.00 0.00 ? 2 ARG A HH11 6  
ATOM   766  H HH12 . ARG A 1 2 ? -3.575 5.454  -2.425  1.00 0.00 ? 2 ARG A HH12 6  
ATOM   767  H HH21 . ARG A 1 2 ? -5.246 6.457  0.502   1.00 0.00 ? 2 ARG A HH21 6  
ATOM   768  H HH22 . ARG A 1 2 ? -4.688 6.940  -1.085  1.00 0.00 ? 2 ARG A HH22 6  
HETATM 769  C C1   . NAL A 1 3 ? -3.885 -2.262 -0.693  1.00 0.00 ? 3 NAL A C1   6  
HETATM 770  C C2   . NAL A 1 3 ? -4.040 -3.058 0.459   1.00 0.00 ? 3 NAL A C2   6  
HETATM 771  C C3   . NAL A 1 3 ? -5.267 -3.027 1.155   1.00 0.00 ? 3 NAL A C3   6  
HETATM 772  C C4   . NAL A 1 3 ? -6.322 -2.196 0.715   1.00 0.00 ? 3 NAL A C4   6  
HETATM 773  C C4A  . NAL A 1 3 ? -6.140 -1.374 -0.405  1.00 0.00 ? 3 NAL A C4A  6  
HETATM 774  C C5   . NAL A 1 3 ? -7.166 -0.486 -0.830  1.00 0.00 ? 3 NAL A C5   6  
HETATM 775  C C6   . NAL A 1 3 ? -6.959 0.359  -1.928  1.00 0.00 ? 3 NAL A C6   6  
HETATM 776  C C7   . NAL A 1 3 ? -5.747 0.307  -2.643  1.00 0.00 ? 3 NAL A C7   6  
HETATM 777  C C8   . NAL A 1 3 ? -4.739 -0.587 -2.242  1.00 0.00 ? 3 NAL A C8   6  
HETATM 778  C C8A  . NAL A 1 3 ? -4.927 -1.412 -1.119  1.00 0.00 ? 3 NAL A C8A  6  
HETATM 779  C C9   . NAL A 1 3 ? -2.874 -3.898 1.010   1.00 0.00 ? 3 NAL A C9   6  
HETATM 780  C CA   . NAL A 1 3 ? -1.495 -3.185 1.123   1.00 0.00 ? 3 NAL A CA   6  
HETATM 781  C C    . NAL A 1 3 ? -0.647 -3.411 -0.144  1.00 0.00 ? 3 NAL A C    6  
HETATM 782  N N    . NAL A 1 3 ? -1.704 -1.758 1.419   1.00 0.00 ? 3 NAL A N    6  
HETATM 783  O O    . NAL A 1 3 ? -0.458 -4.565 -0.541  1.00 0.00 ? 3 NAL A O    6  
HETATM 784  H H1   . NAL A 1 3 ? -2.954 -2.255 -1.224  1.00 0.00 ? 3 NAL A H1   6  
HETATM 785  H H3   . NAL A 1 3 ? -5.402 -3.625 2.044   1.00 0.00 ? 3 NAL A H3   6  
HETATM 786  H H4   . NAL A 1 3 ? -7.250 -2.190 1.260   1.00 0.00 ? 3 NAL A H4   6  
HETATM 787  H H5   . NAL A 1 3 ? -8.113 -0.462 -0.303  1.00 0.00 ? 3 NAL A H5   6  
HETATM 788  H H6   . NAL A 1 3 ? -7.734 1.041  -2.241  1.00 0.00 ? 3 NAL A H6   6  
HETATM 789  H H7   . NAL A 1 3 ? -5.598 0.939  -3.502  1.00 0.00 ? 3 NAL A H7   6  
HETATM 790  H H8   . NAL A 1 3 ? -3.816 -0.641 -2.810  1.00 0.00 ? 3 NAL A H8   6  
HETATM 791  H H91  . NAL A 1 3 ? -2.788 -4.810 0.427   1.00 0.00 ? 3 NAL A H91  6  
HETATM 792  H H92  . NAL A 1 3 ? -3.150 -4.220 2.014   1.00 0.00 ? 3 NAL A H92  6  
HETATM 793  H HA   . NAL A 1 3 ? -0.951 -3.640 1.956   1.00 0.00 ? 3 NAL A HA   6  
HETATM 794  H H    . NAL A 1 3 ? -1.516 -1.122 0.669   1.00 0.00 ? 3 NAL A H    6  
HETATM 795  C C1   . NAL A 1 4 ? -0.780 -1.526 -5.532  1.00 0.00 ? 4 NAL A C1   6  
HETATM 796  C C2   . NAL A 1 4 ? -0.353 -2.507 -4.618  1.00 0.00 ? 4 NAL A C2   6  
HETATM 797  C C3   . NAL A 1 4 ? 0.377  -3.622 -5.081  1.00 0.00 ? 4 NAL A C3   6  
HETATM 798  C C4   . NAL A 1 4 ? 0.738  -3.713 -6.439  1.00 0.00 ? 4 NAL A C4   6  
HETATM 799  C C4A  . NAL A 1 4 ? 0.344  -2.711 -7.347  1.00 0.00 ? 4 NAL A C4A  6  
HETATM 800  C C5   . NAL A 1 4 ? 0.717  -2.773 -8.703  1.00 0.00 ? 4 NAL A C5   6  
HETATM 801  C C6   . NAL A 1 4 ? 0.237  -1.813 -9.613  1.00 0.00 ? 4 NAL A C6   6  
HETATM 802  C C7   . NAL A 1 4 ? -0.598 -0.777 -9.168  1.00 0.00 ? 4 NAL A C7   6  
HETATM 803  C C8   . NAL A 1 4 ? -0.912 -0.662 -7.805  1.00 0.00 ? 4 NAL A C8   6  
HETATM 804  C C8A  . NAL A 1 4 ? -0.446 -1.630 -6.894  1.00 0.00 ? 4 NAL A C8A  6  
HETATM 805  C C9   . NAL A 1 4 ? -0.698 -2.350 -3.151  1.00 0.00 ? 4 NAL A C9   6  
HETATM 806  C CA   . NAL A 1 4 ? 0.469  -2.427 -2.136  1.00 0.00 ? 4 NAL A CA   6  
HETATM 807  C C    . NAL A 1 4 ? 1.561  -1.344 -2.283  1.00 0.00 ? 4 NAL A C    6  
HETATM 808  N N    . NAL A 1 4 ? -0.141 -2.353 -0.800  1.00 0.00 ? 4 NAL A N    6  
HETATM 809  O O    . NAL A 1 4 ? 2.321  -1.134 -1.333  1.00 0.00 ? 4 NAL A O    6  
HETATM 810  H H1   . NAL A 1 4 ? -1.372 -0.690 -5.192  1.00 0.00 ? 4 NAL A H1   6  
HETATM 811  H H3   . NAL A 1 4 ? 0.661  -4.419 -4.398  1.00 0.00 ? 4 NAL A H3   6  
HETATM 812  H H4   . NAL A 1 4 ? 1.305  -4.565 -6.782  1.00 0.00 ? 4 NAL A H4   6  
HETATM 813  H H5   . NAL A 1 4 ? 1.367  -3.553 -9.062  1.00 0.00 ? 4 NAL A H5   6  
HETATM 814  H H6   . NAL A 1 4 ? 0.500  -1.879 -10.661 1.00 0.00 ? 4 NAL A H6   6  
HETATM 815  H H7   . NAL A 1 4 ? -1.000 -0.073 -9.875  1.00 0.00 ? 4 NAL A H7   6  
HETATM 816  H H8   . NAL A 1 4 ? -1.527 0.158  -7.462  1.00 0.00 ? 4 NAL A H8   6  
HETATM 817  H H91  . NAL A 1 4 ? -1.413 -3.142 -2.913  1.00 0.00 ? 4 NAL A H91  6  
HETATM 818  H H92  . NAL A 1 4 ? -1.224 -1.401 -3.005  1.00 0.00 ? 4 NAL A H92  6  
HETATM 819  H HA   . NAL A 1 4 ? 0.960  -3.390 -2.252  1.00 0.00 ? 4 NAL A HA   6  
HETATM 820  H H    . NAL A 1 4 ? -0.273 -1.426 -0.405  1.00 0.00 ? 4 NAL A H    6  
ATOM   821  N N    . ARG A 1 5 ? 1.679  -0.685 -3.449  1.00 0.00 ? 5 ARG A N    6  
ATOM   822  C CA   . ARG A 1 5 ? 2.525  0.521  -3.682  1.00 0.00 ? 5 ARG A CA   6  
ATOM   823  C C    . ARG A 1 5 ? 2.146  1.729  -2.793  1.00 0.00 ? 5 ARG A C    6  
ATOM   824  O O    . ARG A 1 5 ? 2.723  2.806  -2.945  1.00 0.00 ? 5 ARG A O    6  
ATOM   825  C CB   . ARG A 1 5 ? 2.599  0.907  -5.195  1.00 0.00 ? 5 ARG A CB   6  
ATOM   826  C CG   . ARG A 1 5 ? 3.711  0.169  -5.957  1.00 0.00 ? 5 ARG A CG   6  
ATOM   827  C CD   . ARG A 1 5 ? 3.514  -1.338 -5.886  1.00 0.00 ? 5 ARG A CD   6  
ATOM   828  N NE   . ARG A 1 5 ? 4.498  -2.066 -6.700  1.00 0.00 ? 5 ARG A NE   6  
ATOM   829  C CZ   . ARG A 1 5 ? 4.758  -3.381 -6.599  1.00 0.00 ? 5 ARG A CZ   6  
ATOM   830  N NH1  . ARG A 1 5 ? 4.092  -4.152 -5.726  1.00 0.00 ? 5 ARG A NH1  6  
ATOM   831  N NH2  . ARG A 1 5 ? 5.701  -3.922 -7.379  1.00 0.00 ? 5 ARG A NH2  6  
ATOM   832  H H    . ARG A 1 5 ? 1.133  -1.054 -4.222  1.00 0.00 ? 5 ARG A H    6  
ATOM   833  H HA   . ARG A 1 5 ? 3.540  0.253  -3.369  1.00 0.00 ? 5 ARG A HA   6  
ATOM   834  H HB2  . ARG A 1 5 ? 1.649  0.723  -5.694  1.00 0.00 ? 5 ARG A HB2  6  
ATOM   835  H HB3  . ARG A 1 5 ? 2.811  1.973  -5.323  1.00 0.00 ? 5 ARG A HB3  6  
ATOM   836  H HG2  . ARG A 1 5 ? 3.680  0.478  -7.001  1.00 0.00 ? 5 ARG A HG2  6  
ATOM   837  H HG3  . ARG A 1 5 ? 4.685  0.431  -5.539  1.00 0.00 ? 5 ARG A HG3  6  
ATOM   838  H HD2  . ARG A 1 5 ? 3.616  -1.646 -4.846  1.00 0.00 ? 5 ARG A HD2  6  
ATOM   839  H HD3  . ARG A 1 5 ? 2.512  -1.550 -6.243  1.00 0.00 ? 5 ARG A HD3  6  
ATOM   840  H HE   . ARG A 1 5 ? 5.022  -1.523 -7.370  1.00 0.00 ? 5 ARG A HE   6  
ATOM   841  H HH11 . ARG A 1 5 ? 3.385  -3.736 -5.137  1.00 0.00 ? 5 ARG A HH11 6  
ATOM   842  H HH12 . ARG A 1 5 ? 4.296  -5.138 -5.652  1.00 0.00 ? 5 ARG A HH12 6  
ATOM   843  H HH21 . ARG A 1 5 ? 6.208  -3.342 -8.031  1.00 0.00 ? 5 ARG A HH21 6  
ATOM   844  H HH22 . ARG A 1 5 ? 5.916  -4.907 -7.311  1.00 0.00 ? 5 ARG A HH22 6  
ATOM   845  N N    . PHE A 1 6 ? 1.219  1.540  -1.847  1.00 0.00 ? 6 PHE A N    6  
ATOM   846  C CA   . PHE A 1 6 ? 0.758  2.523  -0.875  1.00 0.00 ? 6 PHE A CA   6  
ATOM   847  C C    . PHE A 1 6 ? 0.829  1.950  0.559   1.00 0.00 ? 6 PHE A C    6  
ATOM   848  O O    . PHE A 1 6 ? 1.127  0.768  0.751   1.00 0.00 ? 6 PHE A O    6  
ATOM   849  C CB   . PHE A 1 6 ? -0.681 2.926  -1.231  1.00 0.00 ? 6 PHE A CB   6  
ATOM   850  C CG   . PHE A 1 6 ? -0.963 3.137  -2.711  1.00 0.00 ? 6 PHE A CG   6  
ATOM   851  C CD1  . PHE A 1 6 ? -0.396 4.241  -3.369  1.00 0.00 ? 6 PHE A CD1  6  
ATOM   852  C CD2  . PHE A 1 6 ? -1.765 2.228  -3.436  1.00 0.00 ? 6 PHE A CD2  6  
ATOM   853  C CE1  . PHE A 1 6 ? -0.622 4.440  -4.744  1.00 0.00 ? 6 PHE A CE1  6  
ATOM   854  C CE2  . PHE A 1 6 ? -1.996 2.432  -4.812  1.00 0.00 ? 6 PHE A CE2  6  
ATOM   855  C CZ   . PHE A 1 6 ? -1.422 3.535  -5.463  1.00 0.00 ? 6 PHE A CZ   6  
ATOM   856  H H    . PHE A 1 6 ? 0.774  0.636  -1.809  1.00 0.00 ? 6 PHE A H    6  
ATOM   857  H HA   . PHE A 1 6 ? 1.389  3.410  -0.914  1.00 0.00 ? 6 PHE A HA   6  
ATOM   858  H HB2  . PHE A 1 6 ? -1.342 2.138  -0.874  1.00 0.00 ? 6 PHE A HB2  6  
ATOM   859  H HB3  . PHE A 1 6 ? -0.920 3.846  -0.698  1.00 0.00 ? 6 PHE A HB3  6  
ATOM   860  H HD1  . PHE A 1 6 ? 0.229  4.932  -2.824  1.00 0.00 ? 6 PHE A HD1  6  
ATOM   861  H HD2  . PHE A 1 6 ? -2.199 1.366  -2.949  1.00 0.00 ? 6 PHE A HD2  6  
ATOM   862  H HE1  . PHE A 1 6 ? -0.173 5.283  -5.245  1.00 0.00 ? 6 PHE A HE1  6  
ATOM   863  H HE2  . PHE A 1 6 ? -2.606 1.736  -5.368  1.00 0.00 ? 6 PHE A HE2  6  
ATOM   864  H HZ   . PHE A 1 6 ? -1.589 3.687  -6.520  1.00 0.00 ? 6 PHE A HZ   6  
ATOM   865  N N    . ARG A 1 1 ? 0.212  3.189  1.413   1.00 0.00 ? 1 ARG A N    7  
ATOM   866  C CA   . ARG A 1 1 ? 0.232  2.950  2.858   1.00 0.00 ? 1 ARG A CA   7  
ATOM   867  C C    . ARG A 1 1 ? -0.625 1.756  3.336   1.00 0.00 ? 1 ARG A C    7  
ATOM   868  O O    . ARG A 1 1 ? -0.747 1.580  4.549   1.00 0.00 ? 1 ARG A O    7  
ATOM   869  C CB   . ARG A 1 1 ? -0.244 4.231  3.574   1.00 0.00 ? 1 ARG A CB   7  
ATOM   870  C CG   . ARG A 1 1 ? 0.584  5.484  3.249   1.00 0.00 ? 1 ARG A CG   7  
ATOM   871  C CD   . ARG A 1 1 ? 0.102  6.660  4.108   1.00 0.00 ? 1 ARG A CD   7  
ATOM   872  N NE   . ARG A 1 1 ? 0.830  7.898  3.794   1.00 0.00 ? 1 ARG A NE   7  
ATOM   873  C CZ   . ARG A 1 1 ? 0.457  8.829  2.899   1.00 0.00 ? 1 ARG A CZ   7  
ATOM   874  N NH1  . ARG A 1 1 ? -0.659 8.702  2.166   1.00 0.00 ? 1 ARG A NH1  7  
ATOM   875  N NH2  . ARG A 1 1 ? 1.220  9.915  2.733   1.00 0.00 ? 1 ARG A NH2  7  
ATOM   876  H H1   . ARG A 1 1 ? -0.178 4.072  1.120   1.00 0.00 ? 1 ARG A H1   7  
ATOM   877  H HA   . ARG A 1 1 ? 1.265  2.756  3.150   1.00 0.00 ? 1 ARG A HA   7  
ATOM   878  H HB2  . ARG A 1 1 ? -1.287 4.419  3.309   1.00 0.00 ? 1 ARG A HB2  7  
ATOM   879  H HB3  . ARG A 1 1 ? -0.193 4.069  4.652   1.00 0.00 ? 1 ARG A HB3  7  
ATOM   880  H HG2  . ARG A 1 1 ? 1.637  5.290  3.462   1.00 0.00 ? 1 ARG A HG2  7  
ATOM   881  H HG3  . ARG A 1 1 ? 0.471  5.741  2.195   1.00 0.00 ? 1 ARG A HG3  7  
ATOM   882  H HD2  . ARG A 1 1 ? -0.968 6.808  3.955   1.00 0.00 ? 1 ARG A HD2  7  
ATOM   883  H HD3  . ARG A 1 1 ? 0.263  6.421  5.160   1.00 0.00 ? 1 ARG A HD3  7  
ATOM   884  H HE   . ARG A 1 1 ? 1.683  8.058  4.311   1.00 0.00 ? 1 ARG A HE   7  
ATOM   885  H HH11 . ARG A 1 1 ? -1.249 7.891  2.284   1.00 0.00 ? 1 ARG A HH11 7  
ATOM   886  H HH12 . ARG A 1 1 ? -0.915 9.422  1.507   1.00 0.00 ? 1 ARG A HH12 7  
ATOM   887  H HH21 . ARG A 1 1 ? 2.062  10.029 3.279   1.00 0.00 ? 1 ARG A HH21 7  
ATOM   888  H HH22 . ARG A 1 1 ? 0.951  10.626 2.068   1.00 0.00 ? 1 ARG A HH22 7  
ATOM   889  N N    . ARG A 1 2 ? -1.220 0.949  2.436   1.00 0.00 ? 2 ARG A N    7  
ATOM   890  C CA   . ARG A 1 2 ? -2.246 -0.027 2.801   1.00 0.00 ? 2 ARG A CA   7  
ATOM   891  C C    . ARG A 1 2 ? -1.859 -1.485 2.522   1.00 0.00 ? 2 ARG A C    7  
ATOM   892  O O    . ARG A 1 2 ? -1.840 -2.267 3.472   1.00 0.00 ? 2 ARG A O    7  
ATOM   893  C CB   . ARG A 1 2 ? -3.586 0.320  2.122   1.00 0.00 ? 2 ARG A CB   7  
ATOM   894  C CG   . ARG A 1 2 ? -4.088 1.754  2.351   1.00 0.00 ? 2 ARG A CG   7  
ATOM   895  C CD   . ARG A 1 2 ? -3.661 2.712  1.231   1.00 0.00 ? 2 ARG A CD   7  
ATOM   896  N NE   . ARG A 1 2 ? -4.109 4.078  1.520   1.00 0.00 ? 2 ARG A NE   7  
ATOM   897  C CZ   . ARG A 1 2 ? -4.228 5.073  0.624   1.00 0.00 ? 2 ARG A CZ   7  
ATOM   898  N NH1  . ARG A 1 2 ? -3.942 4.891  -0.673  1.00 0.00 ? 2 ARG A NH1  7  
ATOM   899  N NH2  . ARG A 1 2 ? -4.645 6.275  1.037   1.00 0.00 ? 2 ARG A NH2  7  
ATOM   900  H H    . ARG A 1 2 ? -1.067 1.112  1.454   1.00 0.00 ? 2 ARG A H    7  
ATOM   901  H HA   . ARG A 1 2 ? -2.434 0.038  3.870   1.00 0.00 ? 2 ARG A HA   7  
ATOM   902  H HB2  . ARG A 1 2 ? -3.520 0.131  1.050   1.00 0.00 ? 2 ARG A HB2  7  
ATOM   903  H HB3  . ARG A 1 2 ? -4.341 -0.348 2.537   1.00 0.00 ? 2 ARG A HB3  7  
ATOM   904  H HG2  . ARG A 1 2 ? -5.179 1.736  2.376   1.00 0.00 ? 2 ARG A HG2  7  
ATOM   905  H HG3  . ARG A 1 2 ? -3.733 2.122  3.316   1.00 0.00 ? 2 ARG A HG3  7  
ATOM   906  H HD2  . ARG A 1 2 ? -2.577 2.715  1.131   1.00 0.00 ? 2 ARG A HD2  7  
ATOM   907  H HD3  . ARG A 1 2 ? -4.101 2.372  0.292   1.00 0.00 ? 2 ARG A HD3  7  
ATOM   908  H HE   . ARG A 1 2 ? -4.357 4.267  2.480   1.00 0.00 ? 2 ARG A HE   7  
ATOM   909  H HH11 . ARG A 1 2 ? -3.639 3.986  -1.001  1.00 0.00 ? 2 ARG A HH11 7  
ATOM   910  H HH12 . ARG A 1 2 ? -4.052 5.654  -1.326  1.00 0.00 ? 2 ARG A HH12 7  
ATOM   911  H HH21 . ARG A 1 2 ? -4.871 6.424  2.009   1.00 0.00 ? 2 ARG A HH21 7  
ATOM   912  H HH22 . ARG A 1 2 ? -4.750 7.029  0.374   1.00 0.00 ? 2 ARG A HH22 7  
HETATM 913  C C1   . NAL A 1 3 ? -4.091 -2.231 -0.455  1.00 0.00 ? 3 NAL A C1   7  
HETATM 914  C C2   . NAL A 1 3 ? -4.092 -3.091 0.664   1.00 0.00 ? 3 NAL A C2   7  
HETATM 915  C C3   . NAL A 1 3 ? -5.231 -3.138 1.494   1.00 0.00 ? 3 NAL A C3   7  
HETATM 916  C C4   . NAL A 1 3 ? -6.344 -2.325 1.225   1.00 0.00 ? 3 NAL A C4   7  
HETATM 917  C C4A  . NAL A 1 3 ? -6.330 -1.450 0.124   1.00 0.00 ? 3 NAL A C4A  7  
HETATM 918  C C5   . NAL A 1 3 ? -7.431 -0.612 -0.132  1.00 0.00 ? 3 NAL A C5   7  
HETATM 919  C C6   . NAL A 1 3 ? -7.404 0.272  -1.224  1.00 0.00 ? 3 NAL A C6   7  
HETATM 920  C C7   . NAL A 1 3 ? -6.277 0.319  -2.064  1.00 0.00 ? 3 NAL A C7   7  
HETATM 921  C C8   . NAL A 1 3 ? -5.176 -0.518 -1.814  1.00 0.00 ? 3 NAL A C8   7  
HETATM 922  C C8A  . NAL A 1 3 ? -5.200 -1.405 -0.721  1.00 0.00 ? 3 NAL A C8A  7  
HETATM 923  C C9   . NAL A 1 3 ? -2.875 -3.941 1.023   1.00 0.00 ? 3 NAL A C9   7  
HETATM 924  C CA   . NAL A 1 3 ? -1.473 -3.285 0.881   1.00 0.00 ? 3 NAL A CA   7  
HETATM 925  C C    . NAL A 1 3 ? -0.874 -3.560 -0.515  1.00 0.00 ? 3 NAL A C    7  
HETATM 926  N N    . NAL A 1 3 ? -1.573 -1.865 1.262   1.00 0.00 ? 3 NAL A N    7  
HETATM 927  O O    . NAL A 1 3 ? -0.934 -4.704 -0.968  1.00 0.00 ? 3 NAL A O    7  
HETATM 928  H H1   . NAL A 1 3 ? -3.222 -2.170 -1.090  1.00 0.00 ? 3 NAL A H1   7  
HETATM 929  H H3   . NAL A 1 3 ? -5.249 -3.792 2.354   1.00 0.00 ? 3 NAL A H3   7  
HETATM 930  H H4   . NAL A 1 3 ? -7.205 -2.368 1.877   1.00 0.00 ? 3 NAL A H4   7  
HETATM 931  H H5   . NAL A 1 3 ? -8.300 -0.642 0.510   1.00 0.00 ? 3 NAL A H5   7  
HETATM 932  H H6   . NAL A 1 3 ? -8.250 0.915  -1.420  1.00 0.00 ? 3 NAL A H6   7  
HETATM 933  H H7   . NAL A 1 3 ? -6.260 0.999  -2.904  1.00 0.00 ? 3 NAL A H7   7  
HETATM 934  H H8   . NAL A 1 3 ? -4.313 -0.476 -2.463  1.00 0.00 ? 3 NAL A H8   7  
HETATM 935  H H91  . NAL A 1 3 ? -2.927 -4.869 0.453   1.00 0.00 ? 3 NAL A H91  7  
HETATM 936  H H92  . NAL A 1 3 ? -2.979 -4.236 2.067   1.00 0.00 ? 3 NAL A H92  7  
HETATM 937  H HA   . NAL A 1 3 ? -0.805 -3.771 1.594   1.00 0.00 ? 3 NAL A HA   7  
HETATM 938  H H    . NAL A 1 3 ? -1.582 -1.180 0.521   1.00 0.00 ? 3 NAL A H    7  
HETATM 939  C C1   . NAL A 1 4 ? -0.742 -0.540 -5.448  1.00 0.00 ? 4 NAL A C1   7  
HETATM 940  C C2   . NAL A 1 4 ? -0.601 -1.849 -4.943  1.00 0.00 ? 4 NAL A C2   7  
HETATM 941  C C3   . NAL A 1 4 ? -0.050 -2.855 -5.759  1.00 0.00 ? 4 NAL A C3   7  
HETATM 942  C C4   . NAL A 1 4 ? 0.388  -2.549 -7.060  1.00 0.00 ? 4 NAL A C4   7  
HETATM 943  C C4A  . NAL A 1 4 ? 0.279  -1.236 -7.554  1.00 0.00 ? 4 NAL A C4A  7  
HETATM 944  C C5   . NAL A 1 4 ? 0.747  -0.916 -8.843  1.00 0.00 ? 4 NAL A C5   7  
HETATM 945  C C6   . NAL A 1 4 ? 0.642  0.400  -9.326  1.00 0.00 ? 4 NAL A C6   7  
HETATM 946  C C7   . NAL A 1 4 ? 0.070  1.401  -8.524  1.00 0.00 ? 4 NAL A C7   7  
HETATM 947  C C8   . NAL A 1 4 ? -0.400 1.086  -7.237  1.00 0.00 ? 4 NAL A C8   7  
HETATM 948  C C8A  . NAL A 1 4 ? -0.297 -0.229 -6.747  1.00 0.00 ? 4 NAL A C8A  7  
HETATM 949  C C9   . NAL A 1 4 ? -1.001 -2.156 -3.509  1.00 0.00 ? 4 NAL A C9   7  
HETATM 950  C CA   . NAL A 1 4 ? 0.123  -2.705 -2.606  1.00 0.00 ? 4 NAL A CA   7  
HETATM 951  C C    . NAL A 1 4 ? 1.456  -1.998 -2.874  1.00 0.00 ? 4 NAL A C    7  
HETATM 952  N N    . NAL A 1 4 ? -0.302 -2.561 -1.208  1.00 0.00 ? 4 NAL A N    7  
HETATM 953  O O    . NAL A 1 4 ? 2.406  -2.635 -3.328  1.00 0.00 ? 4 NAL A O    7  
HETATM 954  H H1   . NAL A 1 4 ? -1.163 0.238  -4.828  1.00 0.00 ? 4 NAL A H1   7  
HETATM 955  H H3   . NAL A 1 4 ? 0.057  -3.861 -5.383  1.00 0.00 ? 4 NAL A H3   7  
HETATM 956  H H4   . NAL A 1 4 ? 0.823  -3.327 -7.673  1.00 0.00 ? 4 NAL A H4   7  
HETATM 957  H H5   . NAL A 1 4 ? 1.195  -1.676 -9.464  1.00 0.00 ? 4 NAL A H5   7  
HETATM 958  H H6   . NAL A 1 4 ? 1.003  0.641  -10.316 1.00 0.00 ? 4 NAL A H6   7  
HETATM 959  H H7   . NAL A 1 4 ? -0.009 2.413  -8.896  1.00 0.00 ? 4 NAL A H7   7  
HETATM 960  H H8   . NAL A 1 4 ? -0.833 1.860  -6.624  1.00 0.00 ? 4 NAL A H8   7  
HETATM 961  H H91  . NAL A 1 4 ? -1.824 -2.872 -3.520  1.00 0.00 ? 4 NAL A H91  7  
HETATM 962  H H92  . NAL A 1 4 ? -1.384 -1.236 -3.060  1.00 0.00 ? 4 NAL A H92  7  
HETATM 963  H HA   . NAL A 1 4 ? 0.270  -3.759 -2.850  1.00 0.00 ? 4 NAL A HA   7  
HETATM 964  H H    . NAL A 1 4 ? -0.240 -1.643 -0.793  1.00 0.00 ? 4 NAL A H    7  
ATOM   965  N N    . ARG A 1 5 ? 1.508  -0.689 -2.608  1.00 0.00 ? 5 ARG A N    7  
ATOM   966  C CA   . ARG A 1 5 ? 2.620  0.213  -2.913  1.00 0.00 ? 5 ARG A CA   7  
ATOM   967  C C    . ARG A 1 5 ? 2.393  1.541  -2.174  1.00 0.00 ? 5 ARG A C    7  
ATOM   968  O O    . ARG A 1 5 ? 3.356  2.226  -1.830  1.00 0.00 ? 5 ARG A O    7  
ATOM   969  C CB   . ARG A 1 5 ? 2.754  0.333  -4.449  1.00 0.00 ? 5 ARG A CB   7  
ATOM   970  C CG   . ARG A 1 5 ? 3.334  1.620  -5.052  1.00 0.00 ? 5 ARG A CG   7  
ATOM   971  C CD   . ARG A 1 5 ? 2.291  2.745  -5.140  1.00 0.00 ? 5 ARG A CD   7  
ATOM   972  N NE   . ARG A 1 5 ? 2.528  3.610  -6.306  1.00 0.00 ? 5 ARG A NE   7  
ATOM   973  C CZ   . ARG A 1 5 ? 3.356  4.667  -6.352  1.00 0.00 ? 5 ARG A CZ   7  
ATOM   974  N NH1  . ARG A 1 5 ? 4.062  5.059  -5.283  1.00 0.00 ? 5 ARG A NH1  7  
ATOM   975  N NH2  . ARG A 1 5 ? 3.483  5.343  -7.500  1.00 0.00 ? 5 ARG A NH2  7  
ATOM   976  H H    . ARG A 1 5 ? 0.682  -0.259 -2.217  1.00 0.00 ? 5 ARG A H    7  
ATOM   977  H HA   . ARG A 1 5 ? 3.541  -0.225 -2.523  1.00 0.00 ? 5 ARG A HA   7  
ATOM   978  H HB2  . ARG A 1 5 ? 3.388  -0.492 -4.778  1.00 0.00 ? 5 ARG A HB2  7  
ATOM   979  H HB3  . ARG A 1 5 ? 1.784  0.169  -4.910  1.00 0.00 ? 5 ARG A HB3  7  
ATOM   980  H HG2  . ARG A 1 5 ? 4.208  1.951  -4.490  1.00 0.00 ? 5 ARG A HG2  7  
ATOM   981  H HG3  . ARG A 1 5 ? 3.660  1.375  -6.066  1.00 0.00 ? 5 ARG A HG3  7  
ATOM   982  H HD2  . ARG A 1 5 ? 1.297  2.315  -5.250  1.00 0.00 ? 5 ARG A HD2  7  
ATOM   983  H HD3  . ARG A 1 5 ? 2.305  3.336  -4.224  1.00 0.00 ? 5 ARG A HD3  7  
ATOM   984  H HE   . ARG A 1 5 ? 2.040  3.353  -7.153  1.00 0.00 ? 5 ARG A HE   7  
ATOM   985  H HH11 . ARG A 1 5 ? 3.984  4.551  -4.414  1.00 0.00 ? 5 ARG A HH11 7  
ATOM   986  H HH12 . ARG A 1 5 ? 4.682  5.852  -5.351  1.00 0.00 ? 5 ARG A HH12 7  
ATOM   987  H HH21 . ARG A 1 5 ? 2.962  5.054  -8.315  1.00 0.00 ? 5 ARG A HH21 7  
ATOM   988  H HH22 . ARG A 1 5 ? 4.106  6.135  -7.554  1.00 0.00 ? 5 ARG A HH22 7  
ATOM   989  N N    . PHE A 1 6 ? 1.122  1.864  -1.885  1.00 0.00 ? 6 PHE A N    7  
ATOM   990  C CA   . PHE A 1 6 ? 0.702  2.919  -0.976  1.00 0.00 ? 6 PHE A CA   7  
ATOM   991  C C    . PHE A 1 6 ? 0.732  2.389  0.473   1.00 0.00 ? 6 PHE A C    7  
ATOM   992  O O    . PHE A 1 6 ? 1.230  1.294  0.738   1.00 0.00 ? 6 PHE A O    7  
ATOM   993  C CB   . PHE A 1 6 ? -0.697 3.400  -1.402  1.00 0.00 ? 6 PHE A CB   7  
ATOM   994  C CG   . PHE A 1 6 ? -0.764 3.940  -2.821  1.00 0.00 ? 6 PHE A CG   7  
ATOM   995  C CD1  . PHE A 1 6 ? 0.084  4.994  -3.219  1.00 0.00 ? 6 PHE A CD1  7  
ATOM   996  C CD2  . PHE A 1 6 ? -1.676 3.396  -3.747  1.00 0.00 ? 6 PHE A CD2  7  
ATOM   997  C CE1  . PHE A 1 6 ? 0.034  5.486  -4.534  1.00 0.00 ? 6 PHE A CE1  7  
ATOM   998  C CE2  . PHE A 1 6 ? -1.736 3.900  -5.058  1.00 0.00 ? 6 PHE A CE2  7  
ATOM   999  C CZ   . PHE A 1 6 ? -0.876 4.939  -5.455  1.00 0.00 ? 6 PHE A CZ   7  
ATOM   1000 H H    . PHE A 1 6 ? 0.390  1.272  -2.247  1.00 0.00 ? 6 PHE A H    7  
ATOM   1001 H HA   . PHE A 1 6 ? 1.395  3.759  -1.045  1.00 0.00 ? 6 PHE A HA   7  
ATOM   1002 H HB2  . PHE A 1 6 ? -1.399 2.571  -1.294  1.00 0.00 ? 6 PHE A HB2  7  
ATOM   1003 H HB3  . PHE A 1 6 ? -1.026 4.196  -0.736  1.00 0.00 ? 6 PHE A HB3  7  
ATOM   1004 H HD1  . PHE A 1 6 ? 0.782  5.426  -2.517  1.00 0.00 ? 6 PHE A HD1  7  
ATOM   1005 H HD2  . PHE A 1 6 ? -2.335 2.591  -3.456  1.00 0.00 ? 6 PHE A HD2  7  
ATOM   1006 H HE1  . PHE A 1 6 ? 0.693  6.287  -4.837  1.00 0.00 ? 6 PHE A HE1  7  
ATOM   1007 H HE2  . PHE A 1 6 ? -2.440 3.485  -5.764  1.00 0.00 ? 6 PHE A HE2  7  
ATOM   1008 H HZ   . PHE A 1 6 ? -0.916 5.319  -6.465  1.00 0.00 ? 6 PHE A HZ   7  
ATOM   1009 N N    . ARG A 1 1 ? 0.290  3.198  1.480   1.00 0.00 ? 1 ARG A N    8  
ATOM   1010 C CA   . ARG A 1 1 ? 0.375  2.921  2.913   1.00 0.00 ? 1 ARG A CA   8  
ATOM   1011 C C    . ARG A 1 1 ? -0.630 1.825  3.350   1.00 0.00 ? 1 ARG A C    8  
ATOM   1012 O O    . ARG A 1 1 ? -1.008 1.790  4.521   1.00 0.00 ? 1 ARG A O    8  
ATOM   1013 C CB   . ARG A 1 1 ? 0.109  4.224  3.700   1.00 0.00 ? 1 ARG A CB   8  
ATOM   1014 C CG   . ARG A 1 1 ? 0.773  5.527  3.213   1.00 0.00 ? 1 ARG A CG   8  
ATOM   1015 C CD   . ARG A 1 1 ? 2.297  5.474  3.028   1.00 0.00 ? 1 ARG A CD   8  
ATOM   1016 N NE   . ARG A 1 1 ? 2.668  5.112  1.651   1.00 0.00 ? 1 ARG A NE   8  
ATOM   1017 C CZ   . ARG A 1 1 ? 3.864  5.320  1.076   1.00 0.00 ? 1 ARG A CZ   8  
ATOM   1018 N NH1  . ARG A 1 1 ? 4.887  5.857  1.754   1.00 0.00 ? 1 ARG A NH1  8  
ATOM   1019 N NH2  . ARG A 1 1 ? 4.035  4.987  -0.209  1.00 0.00 ? 1 ARG A NH2  8  
ATOM   1020 H H1   . ARG A 1 1 ? -0.210 4.031  1.207   1.00 0.00 ? 1 ARG A H1   8  
ATOM   1021 H HA   . ARG A 1 1 ? 1.386  2.576  3.135   1.00 0.00 ? 1 ARG A HA   8  
ATOM   1022 H HB2  . ARG A 1 1 ? -0.967 4.404  3.711   1.00 0.00 ? 1 ARG A HB2  8  
ATOM   1023 H HB3  . ARG A 1 1 ? 0.420  4.058  4.734   1.00 0.00 ? 1 ARG A HB3  8  
ATOM   1024 H HG2  . ARG A 1 1 ? 0.303  5.853  2.284   1.00 0.00 ? 1 ARG A HG2  8  
ATOM   1025 H HG3  . ARG A 1 1 ? 0.558  6.291  3.961   1.00 0.00 ? 1 ARG A HG3  8  
ATOM   1026 H HD2  . ARG A 1 1 ? 2.694  6.467  3.240   1.00 0.00 ? 1 ARG A HD2  8  
ATOM   1027 H HD3  . ARG A 1 1 ? 2.734  4.766  3.732   1.00 0.00 ? 1 ARG A HD3  8  
ATOM   1028 H HE   . ARG A 1 1 ? 1.939  4.700  1.085   1.00 0.00 ? 1 ARG A HE   8  
ATOM   1029 H HH11 . ARG A 1 1 ? 4.770  6.113  2.723   1.00 0.00 ? 1 ARG A HH11 8  
ATOM   1030 H HH12 . ARG A 1 1 ? 5.776  6.004  1.297   1.00 0.00 ? 1 ARG A HH12 8  
ATOM   1031 H HH21 . ARG A 1 1 ? 3.275  4.576  -0.731  1.00 0.00 ? 1 ARG A HH21 8  
ATOM   1032 H HH22 . ARG A 1 1 ? 4.927  5.142  -0.654  1.00 0.00 ? 1 ARG A HH22 8  
ATOM   1033 N N    . ARG A 1 2 ? -1.086 0.957  2.425   1.00 0.00 ? 2 ARG A N    8  
ATOM   1034 C CA   . ARG A 1 2 ? -2.237 0.079  2.620   1.00 0.00 ? 2 ARG A CA   8  
ATOM   1035 C C    . ARG A 1 2 ? -1.923 -1.410 2.413   1.00 0.00 ? 2 ARG A C    8  
ATOM   1036 O O    . ARG A 1 2 ? -2.020 -2.162 3.383   1.00 0.00 ? 2 ARG A O    8  
ATOM   1037 C CB   . ARG A 1 2 ? -3.400 0.528  1.707   1.00 0.00 ? 2 ARG A CB   8  
ATOM   1038 C CG   . ARG A 1 2 ? -3.714 2.037  1.739   1.00 0.00 ? 2 ARG A CG   8  
ATOM   1039 C CD   . ARG A 1 2 ? -4.788 2.453  0.719   1.00 0.00 ? 2 ARG A CD   8  
ATOM   1040 N NE   . ARG A 1 2 ? -6.155 2.039  1.085   1.00 0.00 ? 2 ARG A NE   8  
ATOM   1041 C CZ   . ARG A 1 2 ? -6.908 2.572  2.064   1.00 0.00 ? 2 ARG A CZ   8  
ATOM   1042 N NH1  . ARG A 1 2 ? -6.457 3.561  2.851   1.00 0.00 ? 2 ARG A NH1  8  
ATOM   1043 N NH2  . ARG A 1 2 ? -8.148 2.110  2.255   1.00 0.00 ? 2 ARG A NH2  8  
ATOM   1044 H H    . ARG A 1 2 ? -0.705 1.001  1.496   1.00 0.00 ? 2 ARG A H    8  
ATOM   1045 H HA   . ARG A 1 2 ? -2.597 0.183  3.639   1.00 0.00 ? 2 ARG A HA   8  
ATOM   1046 H HB2  . ARG A 1 2 ? -3.170 0.257  0.676   1.00 0.00 ? 2 ARG A HB2  8  
ATOM   1047 H HB3  . ARG A 1 2 ? -4.285 -0.020 2.031   1.00 0.00 ? 2 ARG A HB3  8  
ATOM   1048 H HG2  . ARG A 1 2 ? -4.013 2.324  2.747   1.00 0.00 ? 2 ARG A HG2  8  
ATOM   1049 H HG3  . ARG A 1 2 ? -2.816 2.597  1.482   1.00 0.00 ? 2 ARG A HG3  8  
ATOM   1050 H HD2  . ARG A 1 2 ? -4.769 3.539  0.617   1.00 0.00 ? 2 ARG A HD2  8  
ATOM   1051 H HD3  . ARG A 1 2 ? -4.539 2.027  -0.255  1.00 0.00 ? 2 ARG A HD3  8  
ATOM   1052 H HE   . ARG A 1 2 ? -6.595 1.354  0.485   1.00 0.00 ? 2 ARG A HE   8  
ATOM   1053 H HH11 . ARG A 1 2 ? -5.525 3.923  2.719   1.00 0.00 ? 2 ARG A HH11 8  
ATOM   1054 H HH12 . ARG A 1 2 ? -7.049 3.941  3.575   1.00 0.00 ? 2 ARG A HH12 8  
ATOM   1055 H HH21 . ARG A 1 2 ? -8.507 1.367  1.672   1.00 0.00 ? 2 ARG A HH21 8  
ATOM   1056 H HH22 . ARG A 1 2 ? -8.727 2.502  2.984   1.00 0.00 ? 2 ARG A HH22 8  
HETATM 1057 C C1   . NAL A 1 3 ? -3.964 -2.146 -0.772  1.00 0.00 ? 3 NAL A C1   8  
HETATM 1058 C C2   . NAL A 1 3 ? -4.105 -2.934 0.389   1.00 0.00 ? 3 NAL A C2   8  
HETATM 1059 C C3   . NAL A 1 3 ? -5.312 -2.870 1.116   1.00 0.00 ? 3 NAL A C3   8  
HETATM 1060 C C4   . NAL A 1 3 ? -6.356 -2.029 0.694   1.00 0.00 ? 3 NAL A C4   8  
HETATM 1061 C C4A  . NAL A 1 3 ? -6.205 -1.238 -0.460  1.00 0.00 ? 3 NAL A C4A  8  
HETATM 1062 C C5   . NAL A 1 3 ? -7.246 -0.390 -0.885  1.00 0.00 ? 3 NAL A C5   8  
HETATM 1063 C C6   . NAL A 1 3 ? -7.081 0.406  -2.032  1.00 0.00 ? 3 NAL A C6   8  
HETATM 1064 C C7   . NAL A 1 3 ? -5.878 0.356  -2.758  1.00 0.00 ? 3 NAL A C7   8  
HETATM 1065 C C8   . NAL A 1 3 ? -4.839 -0.494 -2.341  1.00 0.00 ? 3 NAL A C8   8  
HETATM 1066 C C8A  . NAL A 1 3 ? -5.001 -1.294 -1.193  1.00 0.00 ? 3 NAL A C8A  8  
HETATM 1067 C C9   . NAL A 1 3 ? -2.976 -3.839 0.883   1.00 0.00 ? 3 NAL A C9   8  
HETATM 1068 C CA   . NAL A 1 3 ? -1.530 -3.273 0.839   1.00 0.00 ? 3 NAL A CA   8  
HETATM 1069 C C    . NAL A 1 3 ? -0.849 -3.607 -0.508  1.00 0.00 ? 3 NAL A C    8  
HETATM 1070 N N    . NAL A 1 3 ? -1.573 -1.846 1.187   1.00 0.00 ? 3 NAL A N    8  
HETATM 1071 O O    . NAL A 1 3 ? -0.887 -4.771 -0.914  1.00 0.00 ? 3 NAL A O    8  
HETATM 1072 H H1   . NAL A 1 3 ? -3.045 -2.172 -1.331  1.00 0.00 ? 3 NAL A H1   8  
HETATM 1073 H H3   . NAL A 1 3 ? -5.440 -3.466 2.007   1.00 0.00 ? 3 NAL A H3   8  
HETATM 1074 H H4   . NAL A 1 3 ? -7.273 -1.992 1.264   1.00 0.00 ? 3 NAL A H4   8  
HETATM 1075 H H5   . NAL A 1 3 ? -8.174 -0.346 -0.332  1.00 0.00 ? 3 NAL A H5   8  
HETATM 1076 H H6   . NAL A 1 3 ? -7.880 1.056  -2.356  1.00 0.00 ? 3 NAL A H6   8  
HETATM 1077 H H7   . NAL A 1 3 ? -5.754 0.968  -3.640  1.00 0.00 ? 3 NAL A H7   8  
HETATM 1078 H H8   . NAL A 1 3 ? -3.920 -0.532 -2.906  1.00 0.00 ? 3 NAL A H8   8  
HETATM 1079 H H91  . NAL A 1 3 ? -3.033 -4.783 0.342   1.00 0.00 ? 3 NAL A H91  8  
HETATM 1080 H H92  . NAL A 1 3 ? -3.187 -4.085 1.924   1.00 0.00 ? 3 NAL A H92  8  
HETATM 1081 H HA   . NAL A 1 3 ? -0.947 -3.785 1.607   1.00 0.00 ? 3 NAL A HA   8  
HETATM 1082 H H    . NAL A 1 3 ? -1.490 -1.185 0.429   1.00 0.00 ? 3 NAL A H    8  
HETATM 1083 C C1   . NAL A 1 4 ? -0.583 -0.747 -5.398  1.00 0.00 ? 4 NAL A C1   8  
HETATM 1084 C C2   . NAL A 1 4 ? -0.479 -2.084 -4.969  1.00 0.00 ? 4 NAL A C2   8  
HETATM 1085 C C3   . NAL A 1 4 ? 0.041  -3.056 -5.844  1.00 0.00 ? 4 NAL A C3   8  
HETATM 1086 C C4   . NAL A 1 4 ? 0.468  -2.690 -7.134  1.00 0.00 ? 4 NAL A C4   8  
HETATM 1087 C C4A  . NAL A 1 4 ? 0.395  -1.346 -7.550  1.00 0.00 ? 4 NAL A C4A  8  
HETATM 1088 C C5   . NAL A 1 4 ? 0.855  -0.964 -8.825  1.00 0.00 ? 4 NAL A C5   8  
HETATM 1089 C C6   . NAL A 1 4 ? 0.805  0.386  -9.218  1.00 0.00 ? 4 NAL A C6   8  
HETATM 1090 C C7   . NAL A 1 4 ? 0.302  1.360  -8.337  1.00 0.00 ? 4 NAL A C7   8  
HETATM 1091 C C8   . NAL A 1 4 ? -0.164 0.982  -7.066  1.00 0.00 ? 4 NAL A C8   8  
HETATM 1092 C C8A  . NAL A 1 4 ? -0.129 -0.370 -6.674  1.00 0.00 ? 4 NAL A C8A  8  
HETATM 1093 C C9   . NAL A 1 4 ? -0.896 -2.455 -3.555  1.00 0.00 ? 4 NAL A C9   8  
HETATM 1094 C CA   . NAL A 1 4 ? 0.247  -2.833 -2.587  1.00 0.00 ? 4 NAL A CA   8  
HETATM 1095 C C    . NAL A 1 4 ? 1.515  -2.018 -2.866  1.00 0.00 ? 4 NAL A C    8  
HETATM 1096 N N    . NAL A 1 4 ? -0.242 -2.639 -1.215  1.00 0.00 ? 4 NAL A N    8  
HETATM 1097 O O    . NAL A 1 4 ? 2.512  -2.582 -3.313  1.00 0.00 ? 4 NAL A O    8  
HETATM 1098 H H1   . NAL A 1 4 ? -0.979 0.004  -4.733  1.00 0.00 ? 4 NAL A H1   8  
HETATM 1099 H H3   . NAL A 1 4 ? 0.126  -4.084 -5.521  1.00 0.00 ? 4 NAL A H3   8  
HETATM 1100 H H4   . NAL A 1 4 ? 0.870  -3.443 -7.796  1.00 0.00 ? 4 NAL A H4   8  
HETATM 1101 H H5   . NAL A 1 4 ? 1.254  -1.704 -9.503  1.00 0.00 ? 4 NAL A H5   8  
HETATM 1102 H H6   . NAL A 1 4 ? 1.162  0.676  -10.195 1.00 0.00 ? 4 NAL A H6   8  
HETATM 1103 H H7   . NAL A 1 4 ? 0.276  2.397  -8.636  1.00 0.00 ? 4 NAL A H7   8  
HETATM 1104 H H8   . NAL A 1 4 ? -0.531 1.737  -6.385  1.00 0.00 ? 4 NAL A H8   8  
HETATM 1105 H H91  . NAL A 1 4 ? -1.602 -3.284 -3.602  1.00 0.00 ? 4 NAL A H91  8  
HETATM 1106 H H92  . NAL A 1 4 ? -1.434 -1.602 -3.137  1.00 0.00 ? 4 NAL A H92  8  
HETATM 1107 H HA   . NAL A 1 4 ? 0.506  -3.882 -2.752  1.00 0.00 ? 4 NAL A HA   8  
HETATM 1108 H H    . NAL A 1 4 ? -0.202 -1.703 -0.836  1.00 0.00 ? 4 NAL A H    8  
ATOM   1109 N N    . ARG A 1 5 ? 1.473  -0.704 -2.606  1.00 0.00 ? 5 ARG A N    8  
ATOM   1110 C CA   . ARG A 1 5 ? 2.559  0.250  -2.846  1.00 0.00 ? 5 ARG A CA   8  
ATOM   1111 C C    . ARG A 1 5 ? 2.264  1.549  -2.083  1.00 0.00 ? 5 ARG A C    8  
ATOM   1112 O O    . ARG A 1 5 ? 3.195  2.230  -1.656  1.00 0.00 ? 5 ARG A O    8  
ATOM   1113 C CB   . ARG A 1 5 ? 2.757  0.420  -4.370  1.00 0.00 ? 5 ARG A CB   8  
ATOM   1114 C CG   . ARG A 1 5 ? 3.283  1.762  -4.898  1.00 0.00 ? 5 ARG A CG   8  
ATOM   1115 C CD   . ARG A 1 5 ? 2.195  2.847  -4.889  1.00 0.00 ? 5 ARG A CD   8  
ATOM   1116 N NE   . ARG A 1 5 ? 2.146  3.585  -6.160  1.00 0.00 ? 5 ARG A NE   8  
ATOM   1117 C CZ   . ARG A 1 5 ? 1.599  4.798  -6.339  1.00 0.00 ? 5 ARG A CZ   8  
ATOM   1118 N NH1  . ARG A 1 5 ? 1.108  5.505  -5.314  1.00 0.00 ? 5 ARG A NH1  8  
ATOM   1119 N NH2  . ARG A 1 5 ? 1.539  5.311  -7.573  1.00 0.00 ? 5 ARG A NH2  8  
ATOM   1120 H H    . ARG A 1 5 ? 0.616  -0.325 -2.232  1.00 0.00 ? 5 ARG A H    8  
ATOM   1121 H HA   . ARG A 1 5 ? 3.479  -0.166 -2.432  1.00 0.00 ? 5 ARG A HA   8  
ATOM   1122 H HB2  . ARG A 1 5 ? 3.453  -0.356 -4.694  1.00 0.00 ? 5 ARG A HB2  8  
ATOM   1123 H HB3  . ARG A 1 5 ? 1.820  0.222  -4.879  1.00 0.00 ? 5 ARG A HB3  8  
ATOM   1124 H HG2  . ARG A 1 5 ? 4.145  2.087  -4.315  1.00 0.00 ? 5 ARG A HG2  8  
ATOM   1125 H HG3  . ARG A 1 5 ? 3.615  1.599  -5.926  1.00 0.00 ? 5 ARG A HG3  8  
ATOM   1126 H HD2  . ARG A 1 5 ? 1.217  2.388  -4.733  1.00 0.00 ? 5 ARG A HD2  8  
ATOM   1127 H HD3  . ARG A 1 5 ? 2.389  3.533  -4.065  1.00 0.00 ? 5 ARG A HD3  8  
ATOM   1128 H HE   . ARG A 1 5 ? 2.508  3.103  -6.971  1.00 0.00 ? 5 ARG A HE   8  
ATOM   1129 H HH11 . ARG A 1 5 ? 1.141  5.127  -4.379  1.00 0.00 ? 5 ARG A HH11 8  
ATOM   1130 H HH12 . ARG A 1 5 ? 0.697  6.414  -5.477  1.00 0.00 ? 5 ARG A HH12 8  
ATOM   1131 H HH21 . ARG A 1 5 ? 1.901  4.788  -8.355  1.00 0.00 ? 5 ARG A HH21 8  
ATOM   1132 H HH22 . ARG A 1 5 ? 1.125  6.221  -7.721  1.00 0.00 ? 5 ARG A HH22 8  
ATOM   1133 N N    . PHE A 1 6 ? 0.973  1.858  -1.864  1.00 0.00 ? 6 PHE A N    8  
ATOM   1134 C CA   . PHE A 1 6 ? 0.499  2.876  -0.937  1.00 0.00 ? 6 PHE A CA   8  
ATOM   1135 C C    . PHE A 1 6 ? 0.784  2.422  0.510   1.00 0.00 ? 6 PHE A C    8  
ATOM   1136 O O    . PHE A 1 6 ? 1.411  1.388  0.753   1.00 0.00 ? 6 PHE A O    8  
ATOM   1137 C CB   . PHE A 1 6 ? -1.013 3.089  -1.150  1.00 0.00 ? 6 PHE A CB   8  
ATOM   1138 C CG   . PHE A 1 6 ? -1.426 3.548  -2.534  1.00 0.00 ? 6 PHE A CG   8  
ATOM   1139 C CD1  . PHE A 1 6 ? -1.407 4.920  -2.852  1.00 0.00 ? 6 PHE A CD1  8  
ATOM   1140 C CD2  . PHE A 1 6 ? -1.889 2.616  -3.483  1.00 0.00 ? 6 PHE A CD2  8  
ATOM   1141 C CE1  . PHE A 1 6 ? -1.855 5.358  -4.111  1.00 0.00 ? 6 PHE A CE1  8  
ATOM   1142 C CE2  . PHE A 1 6 ? -2.331 3.056  -4.743  1.00 0.00 ? 6 PHE A CE2  8  
ATOM   1143 C CZ   . PHE A 1 6 ? -2.312 4.426  -5.058  1.00 0.00 ? 6 PHE A CZ   8  
ATOM   1144 H H    . PHE A 1 6 ? 0.265  1.293  -2.303  1.00 0.00 ? 6 PHE A H    8  
ATOM   1145 H HA   . PHE A 1 6 ? 1.019  3.816  -1.127  1.00 0.00 ? 6 PHE A HA   8  
ATOM   1146 H HB2  . PHE A 1 6 ? -1.536 2.161  -0.912  1.00 0.00 ? 6 PHE A HB2  8  
ATOM   1147 H HB3  . PHE A 1 6 ? -1.369 3.850  -0.454  1.00 0.00 ? 6 PHE A HB3  8  
ATOM   1148 H HD1  . PHE A 1 6 ? -1.064 5.642  -2.125  1.00 0.00 ? 6 PHE A HD1  8  
ATOM   1149 H HD2  . PHE A 1 6 ? -1.921 1.565  -3.241  1.00 0.00 ? 6 PHE A HD2  8  
ATOM   1150 H HE1  . PHE A 1 6 ? -1.849 6.412  -4.348  1.00 0.00 ? 6 PHE A HE1  8  
ATOM   1151 H HE2  . PHE A 1 6 ? -2.693 2.341  -5.467  1.00 0.00 ? 6 PHE A HE2  8  
ATOM   1152 H HZ   . PHE A 1 6 ? -2.656 4.764  -6.025  1.00 0.00 ? 6 PHE A HZ   8  
ATOM   1153 N N    . ARG A 1 1 ? 0.507  2.842  1.486   1.00 0.00 ? 1 ARG A N    9  
ATOM   1154 C CA   . ARG A 1 1 ? 0.505  2.437  2.892   1.00 0.00 ? 1 ARG A CA   9  
ATOM   1155 C C    . ARG A 1 1 ? -0.536 1.333  3.198   1.00 0.00 ? 1 ARG A C    9  
ATOM   1156 O O    . ARG A 1 1 ? -0.516 0.764  4.288   1.00 0.00 ? 1 ARG A O    9  
ATOM   1157 C CB   . ARG A 1 1 ? 0.258  3.716  3.719   1.00 0.00 ? 1 ARG A CB   9  
ATOM   1158 C CG   . ARG A 1 1 ? 0.476  3.569  5.233   1.00 0.00 ? 1 ARG A CG   9  
ATOM   1159 C CD   . ARG A 1 1 ? 0.388  4.945  5.905   1.00 0.00 ? 1 ARG A CD   9  
ATOM   1160 N NE   . ARG A 1 1 ? 0.519  4.844  7.366   1.00 0.00 ? 1 ARG A NE   9  
ATOM   1161 C CZ   . ARG A 1 1 ? 0.607  5.888  8.208   1.00 0.00 ? 1 ARG A CZ   9  
ATOM   1162 N NH1  . ARG A 1 1 ? 0.606  7.153  7.763   1.00 0.00 ? 1 ARG A NH1  9  
ATOM   1163 N NH2  . ARG A 1 1 ? 0.698  5.662  9.524   1.00 0.00 ? 1 ARG A NH2  9  
ATOM   1164 H H1   . ARG A 1 1 ? 0.119  3.747  1.270   1.00 0.00 ? 1 ARG A H1   9  
ATOM   1165 H HA   . ARG A 1 1 ? 1.497  2.051  3.135   1.00 0.00 ? 1 ARG A HA   9  
ATOM   1166 H HB2  . ARG A 1 1 ? 0.943  4.486  3.359   1.00 0.00 ? 1 ARG A HB2  9  
ATOM   1167 H HB3  . ARG A 1 1 ? -0.762 4.063  3.540   1.00 0.00 ? 1 ARG A HB3  9  
ATOM   1168 H HG2  . ARG A 1 1 ? -0.292 2.922  5.658   1.00 0.00 ? 1 ARG A HG2  9  
ATOM   1169 H HG3  . ARG A 1 1 ? 1.459  3.138  5.422   1.00 0.00 ? 1 ARG A HG3  9  
ATOM   1170 H HD2  . ARG A 1 1 ? 1.183  5.581  5.516   1.00 0.00 ? 1 ARG A HD2  9  
ATOM   1171 H HD3  . ARG A 1 1 ? -0.576 5.398  5.669   1.00 0.00 ? 1 ARG A HD3  9  
ATOM   1172 H HE   . ARG A 1 1 ? 0.528  3.913  7.756   1.00 0.00 ? 1 ARG A HE   9  
ATOM   1173 H HH11 . ARG A 1 1 ? 0.542  7.340  6.773   1.00 0.00 ? 1 ARG A HH11 9  
ATOM   1174 H HH12 . ARG A 1 1 ? 0.675  7.919  8.418   1.00 0.00 ? 1 ARG A HH12 9  
ATOM   1175 H HH21 . ARG A 1 1 ? 0.698  4.716  9.875   1.00 0.00 ? 1 ARG A HH21 9  
ATOM   1176 H HH22 . ARG A 1 1 ? 0.764  6.438  10.166  1.00 0.00 ? 1 ARG A HH22 9  
ATOM   1177 N N    . ARG A 1 2 ? -1.441 1.033  2.250   1.00 0.00 ? 2 ARG A N    9  
ATOM   1178 C CA   . ARG A 1 2 ? -2.616 0.190  2.452   1.00 0.00 ? 2 ARG A CA   9  
ATOM   1179 C C    . ARG A 1 2 ? -2.276 -1.308 2.486   1.00 0.00 ? 2 ARG A C    9  
ATOM   1180 O O    . ARG A 1 2 ? -2.575 -1.969 3.480   1.00 0.00 ? 2 ARG A O    9  
ATOM   1181 C CB   . ARG A 1 2 ? -3.667 0.481  1.361   1.00 0.00 ? 2 ARG A CB   9  
ATOM   1182 C CG   . ARG A 1 2 ? -3.977 1.976  1.154   1.00 0.00 ? 2 ARG A CG   9  
ATOM   1183 C CD   . ARG A 1 2 ? -5.020 2.206  0.048   1.00 0.00 ? 2 ARG A CD   9  
ATOM   1184 N NE   . ARG A 1 2 ? -6.346 2.494  0.624   1.00 0.00 ? 2 ARG A NE   9  
ATOM   1185 C CZ   . ARG A 1 2 ? -7.448 2.845  -0.059  1.00 0.00 ? 2 ARG A CZ   9  
ATOM   1186 N NH1  . ARG A 1 2 ? -7.447 2.954  -1.395  1.00 0.00 ? 2 ARG A NH1  9  
ATOM   1187 N NH2  . ARG A 1 2 ? -8.573 3.100  0.617   1.00 0.00 ? 2 ARG A NH2  9  
ATOM   1188 H H    . ARG A 1 2 ? -1.378 1.509  1.362   1.00 0.00 ? 2 ARG A H    9  
ATOM   1189 H HA   . ARG A 1 2 ? -3.066 0.447  3.405   1.00 0.00 ? 2 ARG A HA   9  
ATOM   1190 H HB2  . ARG A 1 2 ? -3.320 0.076  0.410   1.00 0.00 ? 2 ARG A HB2  9  
ATOM   1191 H HB3  . ARG A 1 2 ? -4.587 -0.029 1.650   1.00 0.00 ? 2 ARG A HB3  9  
ATOM   1192 H HG2  . ARG A 1 2 ? -4.317 2.415  2.095   1.00 0.00 ? 2 ARG A HG2  9  
ATOM   1193 H HG3  . ARG A 1 2 ? -3.068 2.497  0.859   1.00 0.00 ? 2 ARG A HG3  9  
ATOM   1194 H HD2  . ARG A 1 2 ? -4.703 3.053  -0.564  1.00 0.00 ? 2 ARG A HD2  9  
ATOM   1195 H HD3  . ARG A 1 2 ? -5.069 1.336  -0.611  1.00 0.00 ? 2 ARG A HD3  9  
ATOM   1196 H HE   . ARG A 1 2 ? -6.416 2.485  1.631   1.00 0.00 ? 2 ARG A HE   9  
ATOM   1197 H HH11 . ARG A 1 2 ? -6.603 2.761  -1.915  1.00 0.00 ? 2 ARG A HH11 9  
ATOM   1198 H HH12 . ARG A 1 2 ? -8.291 3.222  -1.878  1.00 0.00 ? 2 ARG A HH12 9  
ATOM   1199 H HH21 . ARG A 1 2 ? -8.584 3.026  1.624   1.00 0.00 ? 2 ARG A HH21 9  
ATOM   1200 H HH22 . ARG A 1 2 ? -9.411 3.371  0.123   1.00 0.00 ? 2 ARG A HH22 9  
HETATM 1201 C C1   . NAL A 1 3 ? -3.962 -2.545 -0.663  1.00 0.00 ? 3 NAL A C1   9  
HETATM 1202 C C2   . NAL A 1 3 ? -4.041 -3.222 0.570   1.00 0.00 ? 3 NAL A C2   9  
HETATM 1203 C C3   . NAL A 1 3 ? -5.234 -3.149 1.318   1.00 0.00 ? 3 NAL A C3   9  
HETATM 1204 C C4   . NAL A 1 3 ? -6.328 -2.404 0.845   1.00 0.00 ? 3 NAL A C4   9  
HETATM 1205 C C4A  . NAL A 1 3 ? -6.239 -1.717 -0.380  1.00 0.00 ? 3 NAL A C4A  9  
HETATM 1206 C C5   . NAL A 1 3 ? -7.327 -0.960 -0.854  1.00 0.00 ? 3 NAL A C5   9  
HETATM 1207 C C6   . NAL A 1 3 ? -7.227 -0.276 -2.078  1.00 0.00 ? 3 NAL A C6   9  
HETATM 1208 C C7   . NAL A 1 3 ? -6.036 -0.335 -2.825  1.00 0.00 ? 3 NAL A C7   9  
HETATM 1209 C C8   . NAL A 1 3 ? -4.948 -1.089 -2.355  1.00 0.00 ? 3 NAL A C8   9  
HETATM 1210 C C8A  . NAL A 1 3 ? -5.048 -1.788 -1.136  1.00 0.00 ? 3 NAL A C8A  9  
HETATM 1211 C C9   . NAL A 1 3 ? -2.845 -3.996 1.121   1.00 0.00 ? 3 NAL A C9   9  
HETATM 1212 C CA   . NAL A 1 3 ? -1.477 -3.263 1.137   1.00 0.00 ? 3 NAL A CA   9  
HETATM 1213 C C    . NAL A 1 3 ? -0.694 -3.501 -0.176  1.00 0.00 ? 3 NAL A C    9  
HETATM 1214 N N    . NAL A 1 3 ? -1.679 -1.833 1.404   1.00 0.00 ? 3 NAL A N    9  
HETATM 1215 O O    . NAL A 1 3 ? -0.537 -4.650 -0.590  1.00 0.00 ? 3 NAL A O    9  
HETATM 1216 H H1   . NAL A 1 3 ? -3.053 -2.584 -1.237  1.00 0.00 ? 3 NAL A H1   9  
HETATM 1217 H H3   . NAL A 1 3 ? -5.313 -3.660 2.267   1.00 0.00 ? 3 NAL A H3   9  
HETATM 1218 H H4   . NAL A 1 3 ? -7.235 -2.356 1.431   1.00 0.00 ? 3 NAL A H4   9  
HETATM 1219 H H5   . NAL A 1 3 ? -8.242 -0.904 -0.283  1.00 0.00 ? 3 NAL A H5   9  
HETATM 1220 H H6   . NAL A 1 3 ? -8.064 0.298  -2.445  1.00 0.00 ? 3 NAL A H6   9  
HETATM 1221 H H7   . NAL A 1 3 ? -5.960 0.197  -3.762  1.00 0.00 ? 3 NAL A H7   9  
HETATM 1222 H H8   . NAL A 1 3 ? -4.037 -1.134 -2.935  1.00 0.00 ? 3 NAL A H8   9  
HETATM 1223 H H91  . NAL A 1 3 ? -2.763 -4.935 0.574   1.00 0.00 ? 3 NAL A H91  9  
HETATM 1224 H H92  . NAL A 1 3 ? -3.072 -4.272 2.151   1.00 0.00 ? 3 NAL A H92  9  
HETATM 1225 H HA   . NAL A 1 3 ? -0.878 -3.677 1.949   1.00 0.00 ? 3 NAL A HA   9  
HETATM 1226 H H    . NAL A 1 3 ? -1.446 -1.218 0.642   1.00 0.00 ? 3 NAL A H    9  
HETATM 1227 C C1   . NAL A 1 4 ? -0.812 -1.490 -5.591  1.00 0.00 ? 4 NAL A C1   9  
HETATM 1228 C C2   . NAL A 1 4 ? -0.327 -2.435 -4.669  1.00 0.00 ? 4 NAL A C2   9  
HETATM 1229 C C3   . NAL A 1 4 ? 0.531  -3.463 -5.110  1.00 0.00 ? 4 NAL A C3   9  
HETATM 1230 C C4   . NAL A 1 4 ? 0.918  -3.529 -6.459  1.00 0.00 ? 4 NAL A C4   9  
HETATM 1231 C C4A  . NAL A 1 4 ? 0.436  -2.581 -7.380  1.00 0.00 ? 4 NAL A C4A  9  
HETATM 1232 C C5   . NAL A 1 4 ? 0.821  -2.645 -8.732  1.00 0.00 ? 4 NAL A C5   9  
HETATM 1233 C C6   . NAL A 1 4 ? 0.322  -1.704 -9.651  1.00 0.00 ? 4 NAL A C6   9  
HETATM 1234 C C7   . NAL A 1 4 ? -0.563 -0.700 -9.222  1.00 0.00 ? 4 NAL A C7   9  
HETATM 1235 C C8   . NAL A 1 4 ? -0.944 -0.628 -7.870  1.00 0.00 ? 4 NAL A C8   9  
HETATM 1236 C C8A  . NAL A 1 4 ? -0.442 -1.563 -6.946  1.00 0.00 ? 4 NAL A C8A  9  
HETATM 1237 C C9   . NAL A 1 4 ? -0.734 -2.329 -3.210  1.00 0.00 ? 4 NAL A C9   9  
HETATM 1238 C CA   . NAL A 1 4 ? 0.396  -2.456 -2.170  1.00 0.00 ? 4 NAL A CA   9  
HETATM 1239 C C    . NAL A 1 4 ? 1.471  -1.354 -2.229  1.00 0.00 ? 4 NAL A C    9  
HETATM 1240 N N    . NAL A 1 4 ? -0.219 -2.433 -0.839  1.00 0.00 ? 4 NAL A N    9  
HETATM 1241 O O    . NAL A 1 4 ? 2.193  -1.201 -1.240  1.00 0.00 ? 4 NAL A O    9  
HETATM 1242 H H1   . NAL A 1 4 ? -1.473 -0.709 -5.250  1.00 0.00 ? 4 NAL A H1   9  
HETATM 1243 H H3   . NAL A 1 4 ? 0.900  -4.204 -4.416  1.00 0.00 ? 4 NAL A H3   9  
HETATM 1244 H H4   . NAL A 1 4 ? 1.583  -4.316 -6.785  1.00 0.00 ? 4 NAL A H4   9  
HETATM 1245 H H5   . NAL A 1 4 ? 1.496  -3.416 -9.071  1.00 0.00 ? 4 NAL A H5   9  
HETATM 1246 H H6   . NAL A 1 4 ? 0.615  -1.756 -10.689 1.00 0.00 ? 4 NAL A H6   9  
HETATM 1247 H H7   . NAL A 1 4 ? -0.950 0.016  -9.931  1.00 0.00 ? 4 NAL A H7   9  
HETATM 1248 H H8   . NAL A 1 4 ? -1.624 0.147  -7.546  1.00 0.00 ? 4 NAL A H8   9  
HETATM 1249 H H91  . NAL A 1 4 ? -1.464 -3.118 -3.024  1.00 0.00 ? 4 NAL A H91  9  
HETATM 1250 H H92  . NAL A 1 4 ? -1.241 -1.376 -3.047  1.00 0.00 ? 4 NAL A H92  9  
HETATM 1251 H HA   . NAL A 1 4 ? 0.907  -3.411 -2.317  1.00 0.00 ? 4 NAL A HA   9  
HETATM 1252 H H    . NAL A 1 4 ? -0.349 -1.521 -0.427  1.00 0.00 ? 4 NAL A H    9  
ATOM   1253 N N    . ARG A 1 5 ? 1.633  -0.614 -3.348  1.00 0.00 ? 5 ARG A N    9  
ATOM   1254 C CA   . ARG A 1 5 ? 2.620  0.486  -3.394  1.00 0.00 ? 5 ARG A CA   9  
ATOM   1255 C C    . ARG A 1 5 ? 2.289  1.613  -2.392  1.00 0.00 ? 5 ARG A C    9  
ATOM   1256 O O    . ARG A 1 5 ? 3.194  2.341  -1.984  1.00 0.00 ? 5 ARG A O    9  
ATOM   1257 C CB   . ARG A 1 5 ? 2.948  1.021  -4.819  1.00 0.00 ? 5 ARG A CB   9  
ATOM   1258 C CG   . ARG A 1 5 ? 2.321  2.368  -5.228  1.00 0.00 ? 5 ARG A CG   9  
ATOM   1259 C CD   . ARG A 1 5 ? 0.790  2.405  -5.255  1.00 0.00 ? 5 ARG A CD   9  
ATOM   1260 N NE   . ARG A 1 5 ? 0.252  2.149  -6.600  1.00 0.00 ? 5 ARG A NE   9  
ATOM   1261 C CZ   . ARG A 1 5 ? -0.070 3.092  -7.506  1.00 0.00 ? 5 ARG A CZ   9  
ATOM   1262 N NH1  . ARG A 1 5 ? 0.092  4.399  -7.257  1.00 0.00 ? 5 ARG A NH1  9  
ATOM   1263 N NH2  . ARG A 1 5 ? -0.565 2.719  -8.689  1.00 0.00 ? 5 ARG A NH2  9  
ATOM   1264 H H    . ARG A 1 5 ? 1.036  -0.805 -4.146  1.00 0.00 ? 5 ARG A H    9  
ATOM   1265 H HA   . ARG A 1 5 ? 3.544  0.030  -3.048  1.00 0.00 ? 5 ARG A HA   9  
ATOM   1266 H HB2  . ARG A 1 5 ? 4.032  1.189  -4.860  1.00 0.00 ? 5 ARG A HB2  9  
ATOM   1267 H HB3  . ARG A 1 5 ? 2.740  0.271  -5.581  1.00 0.00 ? 5 ARG A HB3  9  
ATOM   1268 H HG2  . ARG A 1 5 ? 2.665  3.136  -4.534  1.00 0.00 ? 5 ARG A HG2  9  
ATOM   1269 H HG3  . ARG A 1 5 ? 2.706  2.650  -6.210  1.00 0.00 ? 5 ARG A HG3  9  
ATOM   1270 H HD2  . ARG A 1 5 ? 0.383  1.670  -4.565  1.00 0.00 ? 5 ARG A HD2  9  
ATOM   1271 H HD3  . ARG A 1 5 ? 0.474  3.391  -4.920  1.00 0.00 ? 5 ARG A HD3  9  
ATOM   1272 H HE   . ARG A 1 5 ? 0.114  1.181  -6.853  1.00 0.00 ? 5 ARG A HE   9  
ATOM   1273 H HH11 . ARG A 1 5 ? 0.463  4.701  -6.368  1.00 0.00 ? 5 ARG A HH11 9  
ATOM   1274 H HH12 . ARG A 1 5 ? -0.159 5.082  -7.958  1.00 0.00 ? 5 ARG A HH12 9  
ATOM   1275 H HH21 . ARG A 1 5 ? -0.691 1.739  -8.899  1.00 0.00 ? 5 ARG A HH21 9  
ATOM   1276 H HH22 . ARG A 1 5 ? -0.810 3.418  -9.376  1.00 0.00 ? 5 ARG A HH22 9  
ATOM   1277 N N    . PHE A 1 6 ? 1.016  1.737  -1.977  1.00 0.00 ? 6 PHE A N    9  
ATOM   1278 C CA   . PHE A 1 6 ? 0.559  2.648  -0.938  1.00 0.00 ? 6 PHE A CA   9  
ATOM   1279 C C    . PHE A 1 6 ? 0.854  2.066  0.454   1.00 0.00 ? 6 PHE A C    9  
ATOM   1280 O O    . PHE A 1 6 ? 1.322  0.935  0.600   1.00 0.00 ? 6 PHE A O    9  
ATOM   1281 C CB   . PHE A 1 6 ? -0.956 2.890  -1.086  1.00 0.00 ? 6 PHE A CB   9  
ATOM   1282 C CG   . PHE A 1 6 ? -1.468 3.222  -2.475  1.00 0.00 ? 6 PHE A CG   9  
ATOM   1283 C CD1  . PHE A 1 6 ? -1.284 4.514  -3.003  1.00 0.00 ? 6 PHE A CD1  9  
ATOM   1284 C CD2  . PHE A 1 6 ? -2.181 2.258  -3.217  1.00 0.00 ? 6 PHE A CD2  9  
ATOM   1285 C CE1  . PHE A 1 6 ? -1.812 4.842  -4.264  1.00 0.00 ? 6 PHE A CE1  9  
ATOM   1286 C CE2  . PHE A 1 6 ? -2.705 2.586  -4.479  1.00 0.00 ? 6 PHE A CE2  9  
ATOM   1287 C CZ   . PHE A 1 6 ? -2.524 3.878  -5.001  1.00 0.00 ? 6 PHE A CZ   9  
ATOM   1288 H H    . PHE A 1 6 ? 0.322  1.103  -2.339  1.00 0.00 ? 6 PHE A H    9  
ATOM   1289 H HA   . PHE A 1 6 ? 1.074  3.604  -1.047  1.00 0.00 ? 6 PHE A HA   9  
ATOM   1290 H HB2  . PHE A 1 6 ? -1.477 1.998  -0.735  1.00 0.00 ? 6 PHE A HB2  9  
ATOM   1291 H HB3  . PHE A 1 6 ? -1.234 3.725  -0.436  1.00 0.00 ? 6 PHE A HB3  9  
ATOM   1292 H HD1  . PHE A 1 6 ? -0.746 5.261  -2.437  1.00 0.00 ? 6 PHE A HD1  9  
ATOM   1293 H HD2  . PHE A 1 6 ? -2.336 1.267  -2.816  1.00 0.00 ? 6 PHE A HD2  9  
ATOM   1294 H HE1  . PHE A 1 6 ? -1.673 5.835  -4.667  1.00 0.00 ? 6 PHE A HE1  9  
ATOM   1295 H HE2  . PHE A 1 6 ? -3.253 1.848  -5.044  1.00 0.00 ? 6 PHE A HE2  9  
ATOM   1296 H HZ   . PHE A 1 6 ? -2.930 4.132  -5.970  1.00 0.00 ? 6 PHE A HZ   9  
ATOM   1297 N N    . ARG A 1 1 ? 0.259  2.797  1.298   1.00 0.00 ? 1 ARG A N    10 
ATOM   1298 C CA   . ARG A 1 1 ? 0.455  2.486  2.717   1.00 0.00 ? 1 ARG A CA   10 
ATOM   1299 C C    . ARG A 1 1 ? -0.800 1.782  3.257   1.00 0.00 ? 1 ARG A C    10 
ATOM   1300 O O    . ARG A 1 1 ? -1.372 2.203  4.271   1.00 0.00 ? 1 ARG A O    10 
ATOM   1301 C CB   . ARG A 1 1 ? 0.889  3.752  3.486   1.00 0.00 ? 1 ARG A CB   10 
ATOM   1302 C CG   . ARG A 1 1 ? 1.879  3.488  4.632   1.00 0.00 ? 1 ARG A CG   10 
ATOM   1303 C CD   . ARG A 1 1 ? 1.312  2.883  5.927   1.00 0.00 ? 1 ARG A CD   10 
ATOM   1304 N NE   . ARG A 1 1 ? 1.095  1.426  5.844   1.00 0.00 ? 1 ARG A NE   10 
ATOM   1305 C CZ   . ARG A 1 1 ? 1.388  0.515  6.791   1.00 0.00 ? 1 ARG A CZ   10 
ATOM   1306 N NH1  . ARG A 1 1 ? 1.996  0.845  7.940   1.00 0.00 ? 1 ARG A NH1  10 
ATOM   1307 N NH2  . ARG A 1 1 ? 1.058  -0.765 6.584   1.00 0.00 ? 1 ARG A NH2  10 
ATOM   1308 H H1   . ARG A 1 1 ? -0.589 3.321  1.068   1.00 0.00 ? 1 ARG A H1   10 
ATOM   1309 H HA   . ARG A 1 1 ? 1.275  1.768  2.821   1.00 0.00 ? 1 ARG A HA   10 
ATOM   1310 H HB2  . ARG A 1 1 ? 1.404  4.410  2.787   1.00 0.00 ? 1 ARG A HB2  10 
ATOM   1311 H HB3  . ARG A 1 1 ? 0.025  4.298  3.862   1.00 0.00 ? 1 ARG A HB3  10 
ATOM   1312 H HG2  . ARG A 1 1 ? 2.689  2.861  4.260   1.00 0.00 ? 1 ARG A HG2  10 
ATOM   1313 H HG3  . ARG A 1 1 ? 2.301  4.454  4.891   1.00 0.00 ? 1 ARG A HG3  10 
ATOM   1314 H HD2  . ARG A 1 1 ? 2.020  3.095  6.729   1.00 0.00 ? 1 ARG A HD2  10 
ATOM   1315 H HD3  . ARG A 1 1 ? 0.369  3.373  6.176   1.00 0.00 ? 1 ARG A HD3  10 
ATOM   1316 H HE   . ARG A 1 1 ? 0.636  1.097  5.007   1.00 0.00 ? 1 ARG A HE   10 
ATOM   1317 H HH11 . ARG A 1 1 ? 2.255  1.804  8.116   1.00 0.00 ? 1 ARG A HH11 10 
ATOM   1318 H HH12 . ARG A 1 1 ? 2.201  0.134  8.625   1.00 0.00 ? 1 ARG A HH12 10 
ATOM   1319 H HH21 . ARG A 1 1 ? 0.589  -1.037 5.733   1.00 0.00 ? 1 ARG A HH21 10 
ATOM   1320 H HH22 . ARG A 1 1 ? 1.269  -1.458 7.286   1.00 0.00 ? 1 ARG A HH22 10 
ATOM   1321 N N    . ARG A 1 2 ? -1.246 0.734  2.553   1.00 0.00 ? 2 ARG A N    10 
ATOM   1322 C CA   . ARG A 1 2 ? -2.416 -0.059 2.895   1.00 0.00 ? 2 ARG A CA   10 
ATOM   1323 C C    . ARG A 1 2 ? -2.150 -1.558 2.679   1.00 0.00 ? 2 ARG A C    10 
ATOM   1324 O O    . ARG A 1 2 ? -2.291 -2.333 3.632   1.00 0.00 ? 2 ARG A O    10 
ATOM   1325 C CB   . ARG A 1 2 ? -3.648 0.394  2.080   1.00 0.00 ? 2 ARG A CB   10 
ATOM   1326 C CG   . ARG A 1 2 ? -4.028 1.878  2.141   1.00 0.00 ? 2 ARG A CG   10 
ATOM   1327 C CD   . ARG A 1 2 ? -3.416 2.717  1.015   1.00 0.00 ? 2 ARG A CD   10 
ATOM   1328 N NE   . ARG A 1 2 ? -3.918 4.090  1.105   1.00 0.00 ? 2 ARG A NE   10 
ATOM   1329 C CZ   . ARG A 1 2 ? -3.312 5.126  1.716   1.00 0.00 ? 2 ARG A CZ   10 
ATOM   1330 N NH1  . ARG A 1 2 ? -2.113 5.004  2.298   1.00 0.00 ? 2 ARG A NH1  10 
ATOM   1331 N NH2  . ARG A 1 2 ? -3.926 6.314  1.758   1.00 0.00 ? 2 ARG A NH2  10 
ATOM   1332 H H    . ARG A 1 2 ? -0.751 0.465  1.714   1.00 0.00 ? 2 ARG A H    10 
ATOM   1333 H HA   . ARG A 1 2 ? -2.656 0.078  3.944   1.00 0.00 ? 2 ARG A HA   10 
ATOM   1334 H HB2  . ARG A 1 2 ? -3.532 0.105  1.040   1.00 0.00 ? 2 ARG A HB2  10 
ATOM   1335 H HB3  . ARG A 1 2 ? -4.498 -0.125 2.498   1.00 0.00 ? 2 ARG A HB3  10 
ATOM   1336 H HG2  . ARG A 1 2 ? -5.117 1.943  2.045   1.00 0.00 ? 2 ARG A HG2  10 
ATOM   1337 H HG3  . ARG A 1 2 ? -3.764 2.295  3.116   1.00 0.00 ? 2 ARG A HG3  10 
ATOM   1338 H HD2  . ARG A 1 2 ? -2.333 2.704  1.075   1.00 0.00 ? 2 ARG A HD2  10 
ATOM   1339 H HD3  . ARG A 1 2 ? -3.692 2.303  0.041   1.00 0.00 ? 2 ARG A HD3  10 
ATOM   1340 H HE   . ARG A 1 2 ? -4.852 4.225  0.751   1.00 0.00 ? 2 ARG A HE   10 
ATOM   1341 H HH11 . ARG A 1 2 ? -1.642 4.111  2.303   1.00 0.00 ? 2 ARG A HH11 10 
ATOM   1342 H HH12 . ARG A 1 2 ? -1.690 5.798  2.755   1.00 0.00 ? 2 ARG A HH12 10 
ATOM   1343 H HH21 . ARG A 1 2 ? -4.835 6.431  1.333   1.00 0.00 ? 2 ARG A HH21 10 
ATOM   1344 H HH22 . ARG A 1 2 ? -3.483 7.095  2.222   1.00 0.00 ? 2 ARG A HH22 10 
HETATM 1345 C C1   . NAL A 1 3 ? -4.429 -2.341 -0.146  1.00 0.00 ? 3 NAL A C1   10 
HETATM 1346 C C2   . NAL A 1 3 ? -4.255 -3.201 0.956   1.00 0.00 ? 3 NAL A C2   10 
HETATM 1347 C C3   . NAL A 1 3 ? -5.209 -3.200 1.994   1.00 0.00 ? 3 NAL A C3   10 
HETATM 1348 C C4   . NAL A 1 3 ? -6.310 -2.329 1.948   1.00 0.00 ? 3 NAL A C4   10 
HETATM 1349 C C4A  . NAL A 1 3 ? -6.463 -1.443 0.868   1.00 0.00 ? 3 NAL A C4A  10 
HETATM 1350 C C5   . NAL A 1 3 ? -7.532 -0.524 0.847   1.00 0.00 ? 3 NAL A C5   10 
HETATM 1351 C C6   . NAL A 1 3 ? -7.660 0.381  -0.219  1.00 0.00 ? 3 NAL A C6   10 
HETATM 1352 C C7   . NAL A 1 3 ? -6.730 0.367  -1.271  1.00 0.00 ? 3 NAL A C7   10 
HETATM 1353 C C8   . NAL A 1 3 ? -5.665 -0.553 -1.256  1.00 0.00 ? 3 NAL A C8   10 
HETATM 1354 C C8A  . NAL A 1 3 ? -5.522 -1.457 -0.187  1.00 0.00 ? 3 NAL A C8A  10 
HETATM 1355 C C9   . NAL A 1 3 ? -3.015 -4.080 1.070   1.00 0.00 ? 3 NAL A C9   10 
HETATM 1356 C CA   . NAL A 1 3 ? -1.638 -3.365 1.015   1.00 0.00 ? 3 NAL A CA   10 
HETATM 1357 C C    . NAL A 1 3 ? -0.959 -3.475 -0.372  1.00 0.00 ? 3 NAL A C    10 
HETATM 1358 N N    . NAL A 1 3 ? -1.770 -1.967 1.462   1.00 0.00 ? 3 NAL A N    10 
HETATM 1359 O O    . NAL A 1 3 ? -0.932 -4.561 -0.950  1.00 0.00 ? 3 NAL A O    10 
HETATM 1360 H H1   . NAL A 1 3 ? -3.687 -2.326 -0.931  1.00 0.00 ? 3 NAL A H1   10 
HETATM 1361 H H3   . NAL A 1 3 ? -5.089 -3.852 2.849   1.00 0.00 ? 3 NAL A H3   10 
HETATM 1362 H H4   . NAL A 1 3 ? -7.025 -2.325 2.761   1.00 0.00 ? 3 NAL A H4   10 
HETATM 1363 H H5   . NAL A 1 3 ? -8.250 -0.507 1.655   1.00 0.00 ? 3 NAL A H5   10 
HETATM 1364 H H6   . NAL A 1 3 ? -8.476 1.088  -0.230  1.00 0.00 ? 3 NAL A H6   10 
HETATM 1365 H H7   . NAL A 1 3 ? -6.828 1.063  -2.091  1.00 0.00 ? 3 NAL A H7   10 
HETATM 1366 H H8   . NAL A 1 3 ? -4.953 -0.560 -2.068  1.00 0.00 ? 3 NAL A H8   10 
HETATM 1367 H H91  . NAL A 1 3 ? -3.071 -4.852 0.306   1.00 0.00 ? 3 NAL A H91  10 
HETATM 1368 H H92  . NAL A 1 3 ? -3.061 -4.600 2.025   1.00 0.00 ? 3 NAL A H92  10 
HETATM 1369 H HA   . NAL A 1 3 ? -0.974 -3.865 1.727   1.00 0.00 ? 3 NAL A HA   10 
HETATM 1370 H H    . NAL A 1 3 ? -1.683 -1.278 0.728   1.00 0.00 ? 3 NAL A H    10 
HETATM 1371 C C1   . NAL A 1 4 ? -0.255 -0.702 -5.401  1.00 0.00 ? 4 NAL A C1   10 
HETATM 1372 C C2   . NAL A 1 4 ? -0.352 -1.933 -4.724  1.00 0.00 ? 4 NAL A C2   10 
HETATM 1373 C C3   . NAL A 1 4 ? 0.035  -3.115 -5.387  1.00 0.00 ? 4 NAL A C3   10 
HETATM 1374 C C4   . NAL A 1 4 ? 0.546  -3.053 -6.698  1.00 0.00 ? 4 NAL A C4   10 
HETATM 1375 C C4A  . NAL A 1 4 ? 0.703  -1.809 -7.340  1.00 0.00 ? 4 NAL A C4A  10 
HETATM 1376 C C5   . NAL A 1 4 ? 1.298  -1.726 -8.610  1.00 0.00 ? 4 NAL A C5   10 
HETATM 1377 C C6   . NAL A 1 4 ? 1.497  -0.471 -9.217  1.00 0.00 ? 4 NAL A C6   10 
HETATM 1378 C C7   . NAL A 1 4 ? 1.108  0.706  -8.552  1.00 0.00 ? 4 NAL A C7   10 
HETATM 1379 C C8   . NAL A 1 4 ? 0.510  0.632  -7.285  1.00 0.00 ? 4 NAL A C8   10 
HETATM 1380 C C8A  . NAL A 1 4 ? 0.303  -0.626 -6.686  1.00 0.00 ? 4 NAL A C8A  10 
HETATM 1381 C C9   . NAL A 1 4 ? -0.812 -1.963 -3.272  1.00 0.00 ? 4 NAL A C9   10 
HETATM 1382 C CA   . NAL A 1 4 ? 0.269  -2.283 -2.212  1.00 0.00 ? 4 NAL A CA   10 
HETATM 1383 C C    . NAL A 1 4 ? 1.404  -1.245 -2.122  1.00 0.00 ? 4 NAL A C    10 
HETATM 1384 N N    . NAL A 1 4 ? -0.401 -2.373 -0.909  1.00 0.00 ? 4 NAL A N    10 
HETATM 1385 O O    . NAL A 1 4 ? 1.867  -0.950 -1.003  1.00 0.00 ? 4 NAL A O    10 
HETATM 1386 H H1   . NAL A 1 4 ? -0.563 0.205  -4.918  1.00 0.00 ? 4 NAL A H1   10 
HETATM 1387 H H3   . NAL A 1 4 ? -0.043 -4.070 -4.886  1.00 0.00 ? 4 NAL A H3   10 
HETATM 1388 H H4   . NAL A 1 4 ? 0.853  -3.963 -7.190  1.00 0.00 ? 4 NAL A H4   10 
HETATM 1389 H H5   . NAL A 1 4 ? 1.623  -2.621 -9.119  1.00 0.00 ? 4 NAL A H5   10 
HETATM 1390 H H6   . NAL A 1 4 ? 1.965  -0.410 -10.191 1.00 0.00 ? 4 NAL A H6   10 
HETATM 1391 H H7   . NAL A 1 4 ? 1.281  1.668  -9.013  1.00 0.00 ? 4 NAL A H7   10 
HETATM 1392 H H8   . NAL A 1 4 ? 0.251  1.543  -6.758  1.00 0.00 ? 4 NAL A H8   10 
HETATM 1393 H H91  . NAL A 1 4 ? -1.606 -2.706 -3.196  1.00 0.00 ? 4 NAL A H91  10 
HETATM 1394 H H92  . NAL A 1 4 ? -1.251 -1.000 -3.021  1.00 0.00 ? 4 NAL A H92  10 
HETATM 1395 H HA   . NAL A 1 4 ? 0.711  -3.247 -2.460  1.00 0.00 ? 4 NAL A HA   10 
HETATM 1396 H H    . NAL A 1 4 ? -0.439 -1.519 -0.370  1.00 0.00 ? 4 NAL A H    10 
ATOM   1397 N N    . ARG A 1 5 ? 1.893  -0.676 -3.246  1.00 0.00 ? 5 ARG A N    10 
ATOM   1398 C CA   . ARG A 1 5 ? 2.883  0.445  -3.282  1.00 0.00 ? 5 ARG A CA   10 
ATOM   1399 C C    . ARG A 1 5 ? 2.408  1.662  -2.476  1.00 0.00 ? 5 ARG A C    10 
ATOM   1400 O O    . ARG A 1 5 ? 3.246  2.551  -2.186  1.00 0.00 ? 5 ARG A O    10 
ATOM   1401 C CB   . ARG A 1 5 ? 3.224  0.888  -4.727  1.00 0.00 ? 5 ARG A CB   10 
ATOM   1402 C CG   . ARG A 1 5 ? 4.082  -0.065 -5.583  1.00 0.00 ? 5 ARG A CG   10 
ATOM   1403 C CD   . ARG A 1 5 ? 3.717  -1.541 -5.407  1.00 0.00 ? 5 ARG A CD   10 
ATOM   1404 N NE   . ARG A 1 5 ? 4.517  -2.442 -6.244  1.00 0.00 ? 5 ARG A NE   10 
ATOM   1405 C CZ   . ARG A 1 5 ? 4.518  -3.781 -6.123  1.00 0.00 ? 5 ARG A CZ   10 
ATOM   1406 N NH1  . ARG A 1 5 ? 3.744  -4.407 -5.220  1.00 0.00 ? 5 ARG A NH1  10 
ATOM   1407 N NH2  . ARG A 1 5 ? 5.311  -4.516 -6.911  1.00 0.00 ? 5 ARG A NH2  10 
ATOM   1408 H H    . ARG A 1 5 ? 1.564  -1.044 -4.138  1.00 0.00 ? 5 ARG A H    10 
ATOM   1409 H HA   . ARG A 1 5 ? 3.798  0.074  -2.819  1.00 0.00 ? 5 ARG A HA   10 
ATOM   1410 H HB2  . ARG A 1 5 ? 2.301  1.120  -5.265  1.00 0.00 ? 5 ARG A HB2  10 
ATOM   1411 H HB3  . ARG A 1 5 ? 3.777  1.832  -4.686  1.00 0.00 ? 5 ARG A HB3  10 
ATOM   1412 H HG2  . ARG A 1 5 ? 3.969  0.217  -6.632  1.00 0.00 ? 5 ARG A HG2  10 
ATOM   1413 H HG3  . ARG A 1 5 ? 5.128  0.074  -5.312  1.00 0.00 ? 5 ARG A HG3  10 
ATOM   1414 H HD2  . ARG A 1 5 ? 3.881  -1.816 -4.367  1.00 0.00 ? 5 ARG A HD2  10 
ATOM   1415 H HD3  . ARG A 1 5 ? 2.665  -1.668 -5.646  1.00 0.00 ? 5 ARG A HD3  10 
ATOM   1416 H HE   . ARG A 1 5 ? 5.120  -2.018 -6.935  1.00 0.00 ? 5 ARG A HE   10 
ATOM   1417 H HH11 . ARG A 1 5 ? 3.145  -3.868 -4.612  1.00 0.00 ? 5 ARG A HH11 10 
ATOM   1418 H HH12 . ARG A 1 5 ? 3.770  -5.412 -5.142  1.00 0.00 ? 5 ARG A HH12 10 
ATOM   1419 H HH21 . ARG A 1 5 ? 5.905  -4.063 -7.591  1.00 0.00 ? 5 ARG A HH21 10 
ATOM   1420 H HH22 . ARG A 1 5 ? 5.321  -5.521 -6.819  1.00 0.00 ? 5 ARG A HH22 10 
ATOM   1421 N N    . PHE A 1 6 ? 1.149  1.724  -2.094  1.00 0.00 ? 6 PHE A N    10 
ATOM   1422 C CA   . PHE A 1 6 ? 0.544  2.681  -1.168  1.00 0.00 ? 6 PHE A CA   10 
ATOM   1423 C C    . PHE A 1 6 ? 1.017  2.393  0.283   1.00 0.00 ? 6 PHE A C    10 
ATOM   1424 O O    . PHE A 1 6 ? 2.077  1.764  0.488   1.00 0.00 ? 6 PHE A O    10 
ATOM   1425 C CB   . PHE A 1 6 ? -0.999 2.566  -1.292  1.00 0.00 ? 6 PHE A CB   10 
ATOM   1426 C CG   . PHE A 1 6 ? -1.632 2.267  -2.656  1.00 0.00 ? 6 PHE A CG   10 
ATOM   1427 C CD1  . PHE A 1 6 ? -1.254 2.957  -3.832  1.00 0.00 ? 6 PHE A CD1  10 
ATOM   1428 C CD2  . PHE A 1 6 ? -2.622 1.275  -2.738  1.00 0.00 ? 6 PHE A CD2  10 
ATOM   1429 C CE1  . PHE A 1 6 ? -1.837 2.607  -5.071  1.00 0.00 ? 6 PHE A CE1  10 
ATOM   1430 C CE2  . PHE A 1 6 ? -3.195 0.921  -3.976  1.00 0.00 ? 6 PHE A CE2  10 
ATOM   1431 C CZ   . PHE A 1 6 ? -2.792 1.571  -5.153  1.00 0.00 ? 6 PHE A CZ   10 
ATOM   1432 H H    . PHE A 1 6 ? 0.541  0.962  -2.378  1.00 0.00 ? 6 PHE A H    10 
ATOM   1433 H HA   . PHE A 1 6 ? 0.843  3.684  -1.453  1.00 0.00 ? 6 PHE A HA   10 
ATOM   1434 H HB2  . PHE A 1 6 ? -1.312 1.769  -0.625  1.00 0.00 ? 6 PHE A HB2  10 
ATOM   1435 H HB3  . PHE A 1 6 ? -1.421 3.511  -0.936  1.00 0.00 ? 6 PHE A HB3  10 
ATOM   1436 H HD1  . PHE A 1 6 ? -0.509 3.731  -3.789  1.00 0.00 ? 6 PHE A HD1  10 
ATOM   1437 H HD2  . PHE A 1 6 ? -2.935 0.744  -1.848  1.00 0.00 ? 6 PHE A HD2  10 
ATOM   1438 H HE1  . PHE A 1 6 ? -1.525 3.122  -5.968  1.00 0.00 ? 6 PHE A HE1  10 
ATOM   1439 H HE2  . PHE A 1 6 ? -3.927 0.131  -4.028  1.00 0.00 ? 6 PHE A HE2  10 
ATOM   1440 H HZ   . PHE A 1 6 ? -3.198 1.244  -6.115  1.00 0.00 ? 6 PHE A HZ   10 
# 
